data_5MZT
#
_entry.id   5MZT
#
_cell.length_a   181.870
_cell.length_b   132.764
_cell.length_c   160.292
_cell.angle_alpha   90.00
_cell.angle_beta   102.43
_cell.angle_gamma   90.00
#
_symmetry.space_group_name_H-M   'C 1 2 1'
#
loop_
_entity.id
_entity.type
_entity.pdbx_description
1 polymer 'Proton-gated ion channel'
2 non-polymer 'ACETATE ION'
3 non-polymer 'DIUNDECYL PHOSPHATIDYL CHOLINE'
4 non-polymer 'CHLORIDE ION'
5 non-polymer 'SODIUM ION'
6 non-polymer DODECYL-BETA-D-MALTOSIDE
7 non-polymer TRIBROMOMETHANE
8 water water
#
_entity_poly.entity_id   1
_entity_poly.type   'polypeptide(L)'
_entity_poly.pdbx_seq_one_letter_code
;GQDMVSPPPPIADEPLTVNTGIYLIECYSLDDKAETFKVNAFLSLSWKDRRLAFDPVRSGVRVKTYEPEAIWIPEIRFVN
VENARDADVVDISVSPDGTVQYLERFSARVLSPLDFRRYPFDSQTLHIYLIVRSVDTRNIVLAVDLEKVGKNDDVFLTGW
DIESFTAVVKPANFALEDRLESKLDYQLRISRQYFSYIPNIILPMLFILFISWTAFWSTSYEANVTLVVSTLIAQIAFNI
LVETNLPKTPYMTYTGAIIFMIYLFYFVAVIEVTVQHYLKVESQPARAASITRASRIAFPVVFLLANIILAFLFFGFGYP
YDVPDYA
;
_entity_poly.pdbx_strand_id   A,B,C,D,E
#
loop_
_chem_comp.id
_chem_comp.type
_chem_comp.name
_chem_comp.formula
ACT non-polymer 'ACETATE ION' 'C2 H3 O2 -1'
CL non-polymer 'CHLORIDE ION' 'Cl -1'
LMT D-saccharide DODECYL-BETA-D-MALTOSIDE 'C24 H46 O11'
MBR non-polymer TRIBROMOMETHANE 'C H Br3'
NA non-polymer 'SODIUM ION' 'Na 1'
PLC non-polymer 'DIUNDECYL PHOSPHATIDYL CHOLINE' 'C32 H65 N O8 P 1'
#
# COMPACT_ATOMS: atom_id res chain seq x y z
N VAL A 5 22.81 36.80 4.97
CA VAL A 5 23.40 37.19 3.67
C VAL A 5 22.32 37.61 2.68
N SER A 6 22.57 38.71 1.97
CA SER A 6 21.67 39.28 0.97
C SER A 6 22.13 38.88 -0.45
N PRO A 7 21.32 39.04 -1.52
CA PRO A 7 21.77 38.64 -2.87
C PRO A 7 22.88 39.52 -3.45
N PRO A 8 23.64 39.10 -4.51
CA PRO A 8 24.70 39.97 -5.03
C PRO A 8 24.15 41.27 -5.57
N PRO A 9 24.78 42.44 -5.27
CA PRO A 9 24.22 43.70 -5.78
C PRO A 9 24.51 43.88 -7.28
N PRO A 10 23.59 44.49 -8.04
CA PRO A 10 23.83 44.67 -9.48
C PRO A 10 24.82 45.79 -9.80
N ILE A 11 25.63 45.61 -10.88
CA ILE A 11 26.59 46.60 -11.35
C ILE A 11 25.81 47.81 -11.91
N ALA A 12 24.70 47.53 -12.59
CA ALA A 12 23.70 48.42 -13.14
C ALA A 12 22.44 47.72 -12.66
N ASP A 13 21.30 47.95 -13.31
CA ASP A 13 19.97 47.40 -12.98
C ASP A 13 19.61 46.01 -13.62
N GLU A 14 20.63 45.26 -14.13
CA GLU A 14 20.45 43.97 -14.80
C GLU A 14 19.93 42.86 -13.85
N PRO A 15 19.17 41.85 -14.34
CA PRO A 15 18.77 40.77 -13.44
C PRO A 15 19.91 39.80 -13.17
N LEU A 16 19.82 39.03 -12.08
CA LEU A 16 20.84 38.04 -11.75
C LEU A 16 20.52 36.72 -12.47
N THR A 17 21.44 36.25 -13.30
CA THR A 17 21.33 35.01 -14.05
C THR A 17 21.88 33.84 -13.25
N VAL A 18 21.03 32.83 -13.01
CA VAL A 18 21.41 31.61 -12.35
C VAL A 18 21.38 30.55 -13.43
N ASN A 19 22.58 30.07 -13.82
CA ASN A 19 22.74 29.02 -14.82
C ASN A 19 22.47 27.70 -14.13
N THR A 20 21.67 26.85 -14.78
CA THR A 20 21.25 25.57 -14.21
C THR A 20 21.58 24.39 -15.11
N GLY A 21 21.56 23.21 -14.53
CA GLY A 21 21.79 21.93 -15.17
C GLY A 21 21.26 20.79 -14.32
N ILE A 22 20.67 19.78 -14.97
CA ILE A 22 20.16 18.58 -14.28
C ILE A 22 20.82 17.38 -14.98
N TYR A 23 21.50 16.53 -14.21
CA TYR A 23 22.13 15.31 -14.72
C TYR A 23 21.42 14.13 -14.06
N LEU A 24 20.60 13.39 -14.81
CA LEU A 24 19.84 12.25 -14.28
C LEU A 24 20.73 11.07 -13.97
N ILE A 25 20.67 10.60 -12.72
CA ILE A 25 21.37 9.43 -12.22
C ILE A 25 20.39 8.22 -12.27
N GLU A 26 19.13 8.42 -11.81
N GLU A 26 19.13 8.43 -11.83
CA GLU A 26 18.09 7.37 -11.80
CA GLU A 26 18.07 7.40 -11.82
C GLU A 26 16.71 7.93 -12.14
C GLU A 26 16.71 7.96 -12.19
N CYS A 27 15.89 7.11 -12.83
CA CYS A 27 14.50 7.37 -13.23
C CYS A 27 13.80 6.08 -12.93
N TYR A 28 12.85 6.13 -12.02
CA TYR A 28 12.14 4.93 -11.62
C TYR A 28 10.69 5.26 -11.27
N SER A 29 9.89 4.20 -10.99
CA SER A 29 8.50 4.26 -10.57
C SER A 29 7.61 5.19 -11.40
N LEU A 30 7.51 4.94 -12.72
CA LEU A 30 6.55 5.71 -13.50
C LEU A 30 5.18 5.06 -13.29
N ASP A 31 4.38 5.69 -12.43
CA ASP A 31 3.02 5.30 -12.08
C ASP A 31 2.07 6.00 -13.05
N ASP A 32 1.43 5.22 -13.95
CA ASP A 32 0.48 5.74 -14.94
C ASP A 32 -0.80 6.28 -14.31
N LYS A 33 -1.37 5.51 -13.36
CA LYS A 33 -2.60 5.87 -12.65
C LYS A 33 -2.42 7.15 -11.86
N ALA A 34 -1.26 7.30 -11.17
CA ALA A 34 -0.92 8.46 -10.36
C ALA A 34 -0.33 9.62 -11.18
N GLU A 35 0.13 9.33 -12.43
CA GLU A 35 0.78 10.28 -13.35
C GLU A 35 2.03 10.92 -12.68
N THR A 36 2.80 10.09 -11.94
CA THR A 36 4.02 10.49 -11.23
C THR A 36 5.19 9.57 -11.61
N PHE A 37 6.42 10.10 -11.48
CA PHE A 37 7.68 9.36 -11.67
C PHE A 37 8.66 9.85 -10.63
N LYS A 38 9.62 9.02 -10.25
CA LYS A 38 10.63 9.37 -9.26
C LYS A 38 11.96 9.59 -9.96
N VAL A 39 12.68 10.59 -9.53
CA VAL A 39 13.95 10.97 -10.13
C VAL A 39 15.04 11.16 -9.06
N ASN A 40 16.25 10.72 -9.36
CA ASN A 40 17.43 10.91 -8.53
C ASN A 40 18.47 11.54 -9.47
N ALA A 41 18.87 12.78 -9.20
CA ALA A 41 19.72 13.53 -10.10
C ALA A 41 20.64 14.50 -9.41
N PHE A 42 21.56 15.10 -10.22
CA PHE A 42 22.43 16.18 -9.79
C PHE A 42 21.77 17.47 -10.25
N LEU A 43 21.78 18.50 -9.40
CA LEU A 43 21.32 19.83 -9.78
C LEU A 43 22.52 20.71 -9.63
N SER A 44 22.95 21.31 -10.73
CA SER A 44 24.08 22.22 -10.76
C SER A 44 23.55 23.64 -10.92
N LEU A 45 24.08 24.59 -10.16
CA LEU A 45 23.72 26.02 -10.21
C LEU A 45 25.02 26.83 -10.30
N SER A 46 24.98 27.93 -11.05
CA SER A 46 26.13 28.82 -11.23
C SER A 46 25.68 30.27 -11.43
N TRP A 47 26.29 31.19 -10.69
CA TRP A 47 25.97 32.62 -10.72
C TRP A 47 27.20 33.39 -10.25
N LYS A 48 27.27 34.69 -10.58
CA LYS A 48 28.38 35.57 -10.17
C LYS A 48 28.03 36.36 -8.91
N ASP A 49 28.92 36.32 -7.91
CA ASP A 49 28.83 37.12 -6.70
C ASP A 49 30.16 37.88 -6.56
N ARG A 50 30.22 39.13 -7.04
CA ARG A 50 31.42 39.99 -7.01
C ARG A 50 32.01 40.21 -5.61
N ARG A 51 31.19 40.10 -4.56
CA ARG A 51 31.61 40.21 -3.16
C ARG A 51 32.55 39.05 -2.80
N LEU A 52 32.44 37.92 -3.53
CA LEU A 52 33.23 36.70 -3.34
C LEU A 52 34.52 36.65 -4.19
N ALA A 53 34.71 37.65 -5.09
CA ALA A 53 35.89 37.77 -5.96
C ALA A 53 37.18 37.96 -5.14
N PHE A 54 38.30 37.42 -5.64
CA PHE A 54 39.60 37.46 -4.95
C PHE A 54 40.78 37.45 -5.92
N ASP A 55 41.99 37.77 -5.41
CA ASP A 55 43.23 37.72 -6.19
C ASP A 55 43.88 36.36 -5.93
N PRO A 56 44.10 35.52 -6.97
CA PRO A 56 44.70 34.19 -6.71
C PRO A 56 46.17 34.21 -6.30
N VAL A 57 46.85 35.36 -6.54
CA VAL A 57 48.25 35.60 -6.19
C VAL A 57 48.36 35.89 -4.67
N ARG A 58 47.52 36.82 -4.17
CA ARG A 58 47.45 37.22 -2.76
C ARG A 58 46.99 36.08 -1.84
N SER A 59 45.92 35.36 -2.25
CA SER A 59 45.30 34.25 -1.50
C SER A 59 46.04 32.91 -1.64
N GLY A 60 46.84 32.78 -2.71
CA GLY A 60 47.63 31.59 -2.99
C GLY A 60 46.83 30.39 -3.47
N VAL A 61 45.50 30.58 -3.66
CA VAL A 61 44.57 29.54 -4.13
C VAL A 61 43.83 30.01 -5.39
N ARG A 62 43.50 29.06 -6.28
CA ARG A 62 42.81 29.35 -7.54
C ARG A 62 41.31 29.12 -7.45
N VAL A 63 40.86 28.46 -6.38
CA VAL A 63 39.46 28.17 -6.08
C VAL A 63 39.23 28.22 -4.58
N LYS A 64 38.04 28.64 -4.15
CA LYS A 64 37.66 28.68 -2.74
C LYS A 64 36.40 27.85 -2.52
N THR A 65 36.43 26.95 -1.53
CA THR A 65 35.30 26.09 -1.16
C THR A 65 34.56 26.74 0.01
N TYR A 66 33.23 26.75 -0.04
CA TYR A 66 32.39 27.34 1.00
C TYR A 66 31.30 26.38 1.48
N GLU A 67 30.77 26.66 2.67
CA GLU A 67 29.67 25.92 3.26
C GLU A 67 28.39 26.70 2.88
N PRO A 68 27.24 26.02 2.63
CA PRO A 68 26.04 26.76 2.19
C PRO A 68 25.65 27.98 3.04
N GLU A 69 25.80 27.85 4.35
CA GLU A 69 25.50 28.87 5.35
C GLU A 69 26.42 30.09 5.28
N ALA A 70 27.65 29.91 4.77
CA ALA A 70 28.64 30.98 4.67
C ALA A 70 28.36 32.02 3.59
N ILE A 71 27.67 31.62 2.51
CA ILE A 71 27.40 32.51 1.37
C ILE A 71 25.93 32.55 0.95
N TRP A 72 25.58 33.53 0.11
CA TRP A 72 24.23 33.65 -0.45
C TRP A 72 24.04 32.59 -1.53
N ILE A 73 22.91 31.86 -1.47
CA ILE A 73 22.55 30.82 -2.44
C ILE A 73 21.10 31.04 -2.89
N PRO A 74 20.80 31.05 -4.20
CA PRO A 74 19.41 31.28 -4.63
C PRO A 74 18.46 30.16 -4.20
N GLU A 75 17.24 30.50 -3.77
CA GLU A 75 16.24 29.53 -3.36
C GLU A 75 15.58 29.01 -4.63
N ILE A 76 16.04 27.84 -5.09
CA ILE A 76 15.52 27.18 -6.27
C ILE A 76 14.58 26.07 -5.82
N ARG A 77 13.38 26.05 -6.38
CA ARG A 77 12.39 25.02 -6.09
C ARG A 77 11.93 24.36 -7.40
N PHE A 78 11.27 23.20 -7.28
CA PHE A 78 10.64 22.50 -8.41
C PHE A 78 9.16 22.81 -8.32
N VAL A 79 8.55 23.12 -9.47
CA VAL A 79 7.11 23.43 -9.50
C VAL A 79 6.28 22.16 -9.29
N ASN A 80 6.48 21.16 -10.16
CA ASN A 80 5.64 19.97 -10.24
C ASN A 80 6.11 18.78 -9.36
N VAL A 81 6.38 19.04 -8.07
CA VAL A 81 6.77 18.00 -7.13
C VAL A 81 5.67 17.78 -6.11
N GLU A 82 5.55 16.53 -5.59
CA GLU A 82 4.61 16.15 -4.53
C GLU A 82 5.03 16.93 -3.25
N ASN A 83 6.25 16.67 -2.80
CA ASN A 83 6.83 17.32 -1.65
C ASN A 83 8.15 17.95 -2.09
N ALA A 84 8.68 18.89 -1.33
CA ALA A 84 9.98 19.51 -1.65
C ALA A 84 11.05 18.40 -1.79
N ARG A 85 11.97 18.56 -2.73
CA ARG A 85 13.05 17.59 -2.99
C ARG A 85 13.91 17.33 -1.74
N ASP A 86 14.47 16.12 -1.67
CA ASP A 86 15.37 15.69 -0.62
C ASP A 86 16.74 15.93 -1.23
N ALA A 87 17.44 16.98 -0.78
CA ALA A 87 18.73 17.36 -1.35
C ALA A 87 19.89 17.33 -0.39
N ASP A 88 21.07 17.03 -0.93
CA ASP A 88 22.35 17.00 -0.22
CA ASP A 88 22.35 16.99 -0.22
C ASP A 88 23.38 17.76 -1.04
N VAL A 89 23.94 18.86 -0.47
CA VAL A 89 24.93 19.68 -1.16
C VAL A 89 26.22 18.85 -1.29
N VAL A 90 26.71 18.72 -2.54
CA VAL A 90 27.92 17.98 -2.86
C VAL A 90 29.13 18.94 -2.79
N ASP A 91 29.05 20.11 -3.47
CA ASP A 91 30.14 21.07 -3.53
C ASP A 91 29.67 22.47 -3.84
N ILE A 92 30.41 23.48 -3.32
CA ILE A 92 30.27 24.91 -3.57
C ILE A 92 31.70 25.42 -3.80
N SER A 93 31.96 25.98 -5.01
CA SER A 93 33.28 26.47 -5.40
C SER A 93 33.22 27.88 -6.00
N VAL A 94 34.13 28.76 -5.57
CA VAL A 94 34.21 30.14 -6.05
C VAL A 94 35.54 30.36 -6.77
N SER A 95 35.47 30.88 -8.00
CA SER A 95 36.63 31.19 -8.84
C SER A 95 37.05 32.66 -8.55
N PRO A 96 38.29 33.11 -8.94
CA PRO A 96 38.71 34.49 -8.61
C PRO A 96 37.78 35.64 -9.00
N ASP A 97 37.02 35.53 -10.12
CA ASP A 97 36.07 36.58 -10.56
C ASP A 97 34.77 36.60 -9.74
N GLY A 98 34.60 35.63 -8.84
CA GLY A 98 33.42 35.53 -8.00
C GLY A 98 32.32 34.65 -8.58
N THR A 99 32.66 33.82 -9.60
CA THR A 99 31.72 32.89 -10.20
C THR A 99 31.58 31.68 -9.27
N VAL A 100 30.35 31.51 -8.73
CA VAL A 100 30.00 30.43 -7.81
C VAL A 100 29.52 29.24 -8.62
N GLN A 101 29.97 28.03 -8.23
CA GLN A 101 29.60 26.74 -8.81
C GLN A 101 29.09 25.83 -7.70
N TYR A 102 27.77 25.66 -7.67
CA TYR A 102 27.05 24.87 -6.69
C TYR A 102 26.61 23.53 -7.31
N LEU A 103 26.69 22.47 -6.51
CA LEU A 103 26.25 21.14 -6.92
C LEU A 103 25.60 20.40 -5.77
N GLU A 104 24.41 19.86 -6.02
CA GLU A 104 23.66 19.04 -5.06
C GLU A 104 23.16 17.81 -5.72
N ARG A 105 22.91 16.78 -4.93
CA ARG A 105 22.27 15.57 -5.42
C ARG A 105 20.91 15.50 -4.73
N PHE A 106 19.85 15.33 -5.52
CA PHE A 106 18.50 15.27 -4.98
C PHE A 106 17.70 14.09 -5.47
N SER A 107 16.63 13.77 -4.75
CA SER A 107 15.62 12.79 -5.11
C SER A 107 14.28 13.51 -4.96
N ALA A 108 13.34 13.27 -5.90
CA ALA A 108 12.01 13.91 -5.88
C ALA A 108 11.00 13.09 -6.60
N ARG A 109 9.72 13.17 -6.14
CA ARG A 109 8.57 12.54 -6.81
C ARG A 109 7.92 13.66 -7.62
N VAL A 110 7.96 13.51 -8.95
CA VAL A 110 7.49 14.49 -9.93
C VAL A 110 6.10 14.13 -10.45
N LEU A 111 5.22 15.13 -10.49
CA LEU A 111 3.84 15.07 -11.02
C LEU A 111 3.94 15.53 -12.46
N SER A 112 3.69 14.65 -13.41
CA SER A 112 3.71 15.04 -14.81
C SER A 112 2.56 14.37 -15.54
N PRO A 113 1.60 15.15 -16.13
CA PRO A 113 0.45 14.53 -16.81
C PRO A 113 0.79 13.71 -18.05
N LEU A 114 0.03 12.63 -18.27
CA LEU A 114 0.24 11.73 -19.39
C LEU A 114 -0.95 11.69 -20.32
N ASP A 115 -0.68 11.54 -21.63
CA ASP A 115 -1.71 11.43 -22.67
C ASP A 115 -1.91 9.96 -23.03
N PHE A 116 -3.03 9.36 -22.58
CA PHE A 116 -3.28 7.94 -22.77
C PHE A 116 -4.04 7.59 -24.06
N ARG A 117 -4.32 8.59 -24.90
CA ARG A 117 -5.04 8.46 -26.17
C ARG A 117 -4.54 7.29 -27.05
N ARG A 118 -3.21 7.11 -27.19
CA ARG A 118 -2.61 6.06 -28.02
C ARG A 118 -2.12 4.82 -27.26
N TYR A 119 -2.48 4.71 -25.96
CA TYR A 119 -2.09 3.60 -25.07
C TYR A 119 -2.50 2.22 -25.66
N PRO A 120 -1.64 1.16 -25.61
CA PRO A 120 -0.27 1.09 -25.05
C PRO A 120 0.87 1.40 -26.02
N PHE A 121 0.56 2.11 -27.14
CA PHE A 121 1.53 2.46 -28.18
C PHE A 121 1.87 3.95 -28.10
N ASP A 122 1.81 4.48 -26.89
CA ASP A 122 1.99 5.90 -26.60
C ASP A 122 3.40 6.30 -26.25
N SER A 123 3.68 7.59 -26.43
CA SER A 123 4.94 8.24 -26.09
C SER A 123 4.58 9.43 -25.21
N GLN A 124 5.49 9.81 -24.31
CA GLN A 124 5.23 10.92 -23.40
C GLN A 124 6.42 11.85 -23.32
N THR A 125 6.15 13.09 -22.93
CA THR A 125 7.15 14.10 -22.63
C THR A 125 6.94 14.42 -21.16
N LEU A 126 7.80 13.88 -20.31
CA LEU A 126 7.77 14.13 -18.88
C LEU A 126 8.46 15.48 -18.61
N HIS A 127 7.90 16.30 -17.71
CA HIS A 127 8.47 17.61 -17.40
C HIS A 127 8.99 17.72 -16.00
N ILE A 128 10.08 18.48 -15.85
CA ILE A 128 10.69 18.83 -14.57
C ILE A 128 10.83 20.35 -14.63
N TYR A 129 9.97 21.09 -13.91
CA TYR A 129 10.00 22.55 -13.93
C TYR A 129 10.77 23.16 -12.77
N LEU A 130 11.89 23.84 -13.08
CA LEU A 130 12.72 24.53 -12.07
C LEU A 130 12.18 25.95 -11.97
N ILE A 131 12.12 26.51 -10.75
CA ILE A 131 11.64 27.87 -10.59
C ILE A 131 12.45 28.70 -9.54
N VAL A 132 12.50 30.02 -9.73
CA VAL A 132 13.14 30.96 -8.83
C VAL A 132 12.25 32.20 -8.68
N ARG A 133 12.07 32.67 -7.44
CA ARG A 133 11.26 33.84 -7.14
C ARG A 133 12.20 35.00 -6.83
N SER A 134 12.00 36.13 -7.52
CA SER A 134 12.81 37.32 -7.34
C SER A 134 12.66 37.89 -5.93
N VAL A 135 13.70 38.55 -5.48
CA VAL A 135 13.73 39.16 -4.15
C VAL A 135 13.47 40.67 -4.26
N ASP A 136 13.23 41.29 -3.08
CA ASP A 136 12.96 42.72 -2.86
C ASP A 136 14.03 43.60 -3.48
N THR A 137 15.29 43.16 -3.33
CA THR A 137 16.51 43.82 -3.72
C THR A 137 16.81 43.60 -5.21
N ARG A 138 16.67 42.35 -5.76
CA ARG A 138 16.87 42.20 -7.20
C ARG A 138 16.13 41.04 -7.87
N ASN A 139 15.98 41.14 -9.20
CA ASN A 139 15.30 40.18 -10.05
C ASN A 139 16.20 39.03 -10.44
N ILE A 140 15.76 37.79 -10.15
CA ILE A 140 16.53 36.59 -10.44
C ILE A 140 15.90 35.89 -11.63
N VAL A 141 16.74 35.50 -12.59
CA VAL A 141 16.28 34.86 -13.83
C VAL A 141 17.13 33.59 -14.15
N LEU A 142 16.46 32.50 -14.53
CA LEU A 142 17.10 31.20 -14.79
C LEU A 142 17.60 31.01 -16.21
N ALA A 143 18.69 30.23 -16.39
CA ALA A 143 19.29 29.91 -17.68
C ALA A 143 19.74 28.45 -17.70
N VAL A 144 19.98 27.88 -18.88
CA VAL A 144 20.42 26.50 -19.06
C VAL A 144 21.88 26.44 -19.53
N ASP A 145 22.75 25.76 -18.75
CA ASP A 145 24.13 25.47 -19.14
C ASP A 145 24.03 24.06 -19.77
N LEU A 146 23.97 24.00 -21.11
CA LEU A 146 23.78 22.75 -21.87
C LEU A 146 24.88 21.71 -21.63
N GLU A 147 26.08 22.16 -21.27
CA GLU A 147 27.23 21.29 -20.95
C GLU A 147 27.02 20.54 -19.63
N LYS A 148 26.03 21.00 -18.82
CA LYS A 148 25.71 20.43 -17.52
C LYS A 148 24.32 19.77 -17.47
N VAL A 149 23.75 19.48 -18.65
CA VAL A 149 22.47 18.78 -18.82
C VAL A 149 22.77 17.41 -19.45
N GLY A 150 22.24 16.35 -18.86
CA GLY A 150 22.47 15.00 -19.34
C GLY A 150 21.86 13.92 -18.49
N LYS A 151 22.21 12.67 -18.79
CA LYS A 151 21.75 11.48 -18.08
C LYS A 151 22.79 10.36 -18.14
N ASN A 152 22.82 9.54 -17.09
CA ASN A 152 23.68 8.36 -17.00
C ASN A 152 23.17 7.30 -18.02
N ASP A 153 24.09 6.58 -18.69
CA ASP A 153 23.79 5.56 -19.73
C ASP A 153 22.93 4.42 -19.20
N ASP A 154 23.13 4.07 -17.91
CA ASP A 154 22.42 3.03 -17.16
C ASP A 154 20.97 3.38 -16.80
N VAL A 155 20.58 4.70 -16.86
CA VAL A 155 19.22 5.18 -16.54
C VAL A 155 18.19 4.36 -17.33
N PHE A 156 17.46 3.50 -16.59
CA PHE A 156 16.45 2.60 -17.10
C PHE A 156 15.12 2.90 -16.40
N LEU A 157 14.08 3.13 -17.18
CA LEU A 157 12.73 3.36 -16.67
C LEU A 157 11.98 2.13 -17.14
N THR A 158 11.71 1.20 -16.22
CA THR A 158 11.03 -0.09 -16.44
C THR A 158 9.76 0.11 -17.27
N GLY A 159 9.72 -0.58 -18.43
CA GLY A 159 8.61 -0.54 -19.37
C GLY A 159 8.59 0.63 -20.32
N TRP A 160 9.68 1.40 -20.33
CA TRP A 160 9.83 2.59 -21.19
C TRP A 160 11.20 2.66 -21.81
N ASP A 161 11.27 3.31 -22.98
CA ASP A 161 12.50 3.62 -23.69
C ASP A 161 12.73 5.12 -23.50
N ILE A 162 13.93 5.51 -23.07
CA ILE A 162 14.26 6.92 -22.89
C ILE A 162 14.87 7.45 -24.20
N GLU A 163 14.14 8.35 -24.87
CA GLU A 163 14.58 8.95 -26.13
C GLU A 163 15.57 10.11 -25.96
N SER A 164 15.24 11.12 -25.12
CA SER A 164 16.07 12.29 -24.88
C SER A 164 15.73 13.03 -23.59
N PHE A 165 16.73 13.74 -23.04
CA PHE A 165 16.58 14.60 -21.87
C PHE A 165 17.21 15.93 -22.24
N THR A 166 16.35 16.91 -22.58
CA THR A 166 16.78 18.24 -23.00
C THR A 166 16.07 19.29 -22.14
N ALA A 167 16.50 20.57 -22.27
CA ALA A 167 15.89 21.69 -21.58
C ALA A 167 15.50 22.77 -22.59
N VAL A 168 14.34 23.41 -22.37
CA VAL A 168 13.88 24.54 -23.16
C VAL A 168 14.69 25.71 -22.57
N VAL A 169 15.72 26.17 -23.33
CA VAL A 169 16.73 27.17 -22.93
C VAL A 169 16.14 28.55 -22.52
N LYS A 170 15.01 28.96 -23.10
CA LYS A 170 14.42 30.24 -22.72
C LYS A 170 13.42 30.02 -21.59
N PRO A 171 13.60 30.61 -20.39
CA PRO A 171 12.62 30.38 -19.31
C PRO A 171 11.27 31.04 -19.58
N ALA A 172 10.24 30.59 -18.88
CA ALA A 172 8.92 31.16 -18.93
C ALA A 172 8.88 32.13 -17.75
N ASN A 173 9.22 33.40 -18.00
CA ASN A 173 9.22 34.45 -16.97
C ASN A 173 7.82 35.01 -16.79
N PHE A 174 7.38 35.25 -15.54
CA PHE A 174 6.04 35.77 -15.25
C PHE A 174 5.93 36.34 -13.84
N ALA A 175 4.87 37.12 -13.58
CA ALA A 175 4.63 37.68 -12.26
C ALA A 175 3.66 36.82 -11.49
N LEU A 176 4.06 36.44 -10.27
CA LEU A 176 3.24 35.68 -9.34
C LEU A 176 3.25 36.46 -8.04
N GLU A 177 2.09 37.03 -7.64
CA GLU A 177 1.92 37.85 -6.42
C GLU A 177 2.87 39.04 -6.39
N ASP A 178 2.91 39.79 -7.49
CA ASP A 178 3.71 41.01 -7.71
C ASP A 178 5.24 40.79 -7.63
N ARG A 179 5.72 39.58 -7.98
CA ARG A 179 7.16 39.29 -8.05
C ARG A 179 7.49 38.44 -9.24
N LEU A 180 8.62 38.75 -9.93
CA LEU A 180 9.07 37.97 -11.08
C LEU A 180 9.41 36.55 -10.61
N GLU A 181 9.01 35.57 -11.42
CA GLU A 181 9.26 34.15 -11.20
C GLU A 181 9.84 33.64 -12.51
N SER A 182 11.03 33.06 -12.48
CA SER A 182 11.66 32.52 -13.69
C SER A 182 11.58 30.99 -13.69
N LYS A 183 10.88 30.41 -14.70
CA LYS A 183 10.61 28.96 -14.80
C LYS A 183 11.29 28.26 -15.99
N LEU A 184 12.10 27.22 -15.71
CA LEU A 184 12.75 26.40 -16.75
C LEU A 184 12.04 25.07 -16.92
N ASP A 185 11.91 24.62 -18.19
CA ASP A 185 11.28 23.37 -18.55
C ASP A 185 12.31 22.34 -19.01
N TYR A 186 12.51 21.29 -18.18
CA TYR A 186 13.37 20.15 -18.49
C TYR A 186 12.45 19.04 -18.99
N GLN A 187 12.69 18.58 -20.22
CA GLN A 187 11.84 17.58 -20.85
C GLN A 187 12.51 16.25 -21.09
N LEU A 188 11.92 15.19 -20.52
CA LEU A 188 12.36 13.82 -20.67
C LEU A 188 11.38 13.09 -21.61
N ARG A 189 11.81 12.87 -22.86
CA ARG A 189 11.00 12.20 -23.89
C ARG A 189 11.17 10.71 -23.80
N ILE A 190 10.06 10.01 -23.54
CA ILE A 190 10.01 8.56 -23.39
C ILE A 190 8.95 7.93 -24.29
N SER A 191 9.12 6.65 -24.64
CA SER A 191 8.14 5.88 -25.42
C SER A 191 7.96 4.52 -24.77
N ARG A 192 6.71 4.09 -24.67
CA ARG A 192 6.31 2.84 -24.03
C ARG A 192 6.75 1.59 -24.79
N GLN A 193 7.30 0.61 -24.06
CA GLN A 193 7.70 -0.69 -24.59
C GLN A 193 6.42 -1.52 -24.66
N TYR A 194 5.75 -1.47 -25.82
CA TYR A 194 4.46 -2.12 -26.07
C TYR A 194 4.53 -3.65 -26.24
N PHE A 195 5.76 -4.21 -26.47
CA PHE A 195 6.01 -5.65 -26.68
C PHE A 195 5.06 -6.56 -25.92
N SER A 196 5.19 -6.59 -24.57
CA SER A 196 4.45 -7.45 -23.64
C SER A 196 2.93 -7.44 -23.82
N TYR A 197 2.33 -6.30 -24.20
CA TYR A 197 0.89 -6.18 -24.42
C TYR A 197 0.36 -7.12 -25.51
N ILE A 198 1.17 -7.41 -26.52
CA ILE A 198 0.81 -8.31 -27.61
C ILE A 198 0.60 -9.77 -27.10
N PRO A 199 1.61 -10.48 -26.52
CA PRO A 199 1.33 -11.85 -26.05
C PRO A 199 0.47 -11.96 -24.80
N ASN A 200 0.48 -10.93 -23.92
CA ASN A 200 -0.22 -10.98 -22.64
C ASN A 200 -1.67 -10.50 -22.66
N ILE A 201 -2.01 -9.52 -23.52
CA ILE A 201 -3.37 -8.94 -23.57
C ILE A 201 -4.04 -9.05 -24.93
N ILE A 202 -3.40 -8.55 -26.00
CA ILE A 202 -3.97 -8.50 -27.36
C ILE A 202 -4.29 -9.89 -27.89
N LEU A 203 -3.28 -10.80 -27.98
CA LEU A 203 -3.49 -12.15 -28.51
C LEU A 203 -4.48 -12.98 -27.66
N PRO A 204 -4.40 -13.00 -26.29
CA PRO A 204 -5.43 -13.71 -25.52
C PRO A 204 -6.86 -13.25 -25.82
N MET A 205 -7.10 -11.92 -25.94
CA MET A 205 -8.42 -11.36 -26.27
C MET A 205 -8.94 -11.88 -27.62
N LEU A 206 -8.03 -12.00 -28.63
CA LEU A 206 -8.38 -12.50 -29.96
C LEU A 206 -8.71 -13.96 -29.92
N PHE A 207 -7.93 -14.79 -29.19
CA PHE A 207 -8.16 -16.23 -29.05
C PHE A 207 -9.54 -16.52 -28.50
N ILE A 208 -9.93 -15.84 -27.40
CA ILE A 208 -11.24 -16.07 -26.79
C ILE A 208 -12.37 -15.54 -27.70
N LEU A 209 -12.10 -14.48 -28.50
CA LEU A 209 -13.06 -13.94 -29.47
C LEU A 209 -13.31 -14.95 -30.60
N PHE A 210 -12.23 -15.58 -31.10
CA PHE A 210 -12.28 -16.60 -32.13
C PHE A 210 -13.00 -17.86 -31.64
N ILE A 211 -12.84 -18.20 -30.35
CA ILE A 211 -13.54 -19.31 -29.69
C ILE A 211 -15.05 -19.01 -29.68
N SER A 212 -15.45 -17.76 -29.39
CA SER A 212 -16.86 -17.36 -29.40
C SER A 212 -17.48 -17.50 -30.80
N TRP A 213 -16.66 -17.33 -31.86
CA TRP A 213 -17.04 -17.41 -33.27
C TRP A 213 -17.24 -18.85 -33.78
N THR A 214 -16.87 -19.87 -32.98
CA THR A 214 -17.11 -21.27 -33.34
C THR A 214 -18.62 -21.59 -33.25
N ALA A 215 -19.39 -20.70 -32.57
CA ALA A 215 -20.85 -20.78 -32.42
C ALA A 215 -21.54 -20.62 -33.80
N PHE A 216 -20.79 -20.10 -34.79
CA PHE A 216 -21.29 -19.93 -36.16
C PHE A 216 -21.21 -21.23 -36.96
N TRP A 217 -20.61 -22.28 -36.37
CA TRP A 217 -20.50 -23.62 -36.96
C TRP A 217 -21.30 -24.65 -36.14
N SER A 218 -22.15 -24.15 -35.23
CA SER A 218 -22.97 -24.97 -34.33
C SER A 218 -24.42 -24.53 -34.39
N THR A 219 -25.34 -25.53 -34.30
CA THR A 219 -26.79 -25.33 -34.31
C THR A 219 -27.35 -25.54 -32.88
N SER A 220 -26.48 -26.01 -31.96
CA SER A 220 -26.80 -26.30 -30.56
C SER A 220 -26.83 -25.00 -29.76
N TYR A 221 -28.04 -24.45 -29.51
CA TYR A 221 -28.26 -23.21 -28.75
C TYR A 221 -27.64 -23.22 -27.35
N GLU A 222 -27.84 -24.32 -26.61
CA GLU A 222 -27.33 -24.53 -25.26
C GLU A 222 -25.78 -24.41 -25.24
N ALA A 223 -25.10 -25.02 -26.26
CA ALA A 223 -23.65 -24.99 -26.43
C ALA A 223 -23.22 -23.59 -26.86
N ASN A 224 -23.97 -22.96 -27.79
CA ASN A 224 -23.72 -21.61 -28.31
C ASN A 224 -23.76 -20.57 -27.20
N VAL A 225 -24.79 -20.65 -26.32
CA VAL A 225 -24.99 -19.78 -25.16
C VAL A 225 -23.76 -19.92 -24.24
N THR A 226 -23.33 -21.17 -23.94
CA THR A 226 -22.14 -21.47 -23.14
C THR A 226 -20.90 -20.82 -23.75
N LEU A 227 -20.66 -21.02 -25.07
CA LEU A 227 -19.51 -20.47 -25.79
C LEU A 227 -19.42 -18.95 -25.70
N VAL A 228 -20.50 -18.24 -26.10
CA VAL A 228 -20.52 -16.77 -26.15
C VAL A 228 -20.48 -16.12 -24.75
N VAL A 229 -21.26 -16.65 -23.80
CA VAL A 229 -21.36 -16.10 -22.45
C VAL A 229 -20.09 -16.40 -21.62
N SER A 230 -19.48 -17.59 -21.78
CA SER A 230 -18.26 -17.92 -21.04
C SER A 230 -17.07 -17.13 -21.53
N THR A 231 -16.94 -16.96 -22.86
CA THR A 231 -15.86 -16.16 -23.44
C THR A 231 -16.06 -14.69 -23.10
N LEU A 232 -17.31 -14.22 -22.93
CA LEU A 232 -17.60 -12.85 -22.53
C LEU A 232 -17.05 -12.61 -21.13
N ILE A 233 -17.25 -13.57 -20.20
CA ILE A 233 -16.74 -13.49 -18.83
C ILE A 233 -15.20 -13.40 -18.83
N ALA A 234 -14.53 -14.22 -19.67
CA ALA A 234 -13.07 -14.20 -19.82
C ALA A 234 -12.62 -12.84 -20.35
N GLN A 235 -13.37 -12.24 -21.29
CA GLN A 235 -13.08 -10.91 -21.85
C GLN A 235 -13.20 -9.85 -20.77
N ILE A 236 -14.26 -9.92 -19.94
CA ILE A 236 -14.49 -8.99 -18.83
C ILE A 236 -13.28 -9.00 -17.87
N ALA A 237 -12.69 -10.19 -17.58
CA ALA A 237 -11.50 -10.32 -16.73
C ALA A 237 -10.32 -9.54 -17.33
N PHE A 238 -10.10 -9.67 -18.66
CA PHE A 238 -9.04 -8.95 -19.37
C PHE A 238 -9.28 -7.45 -19.37
N ASN A 239 -10.54 -7.00 -19.59
CA ASN A 239 -10.94 -5.59 -19.56
C ASN A 239 -10.65 -4.97 -18.21
N ILE A 240 -11.05 -5.65 -17.10
CA ILE A 240 -10.80 -5.20 -15.74
C ILE A 240 -9.29 -5.10 -15.49
N LEU A 241 -8.54 -6.15 -15.85
CA LEU A 241 -7.08 -6.21 -15.73
C LEU A 241 -6.41 -5.01 -16.43
N VAL A 242 -6.84 -4.72 -17.66
CA VAL A 242 -6.34 -3.61 -18.47
C VAL A 242 -6.66 -2.24 -17.83
N GLU A 243 -7.95 -1.95 -17.60
CA GLU A 243 -8.42 -0.65 -17.09
C GLU A 243 -7.91 -0.31 -15.68
N THR A 244 -7.52 -1.32 -14.86
CA THR A 244 -7.01 -1.08 -13.50
C THR A 244 -5.65 -0.39 -13.48
N ASN A 245 -4.86 -0.52 -14.56
CA ASN A 245 -3.55 0.10 -14.66
C ASN A 245 -3.58 1.44 -15.40
N LEU A 246 -4.78 1.93 -15.68
CA LEU A 246 -5.00 3.21 -16.36
C LEU A 246 -5.86 4.12 -15.49
N PRO A 247 -5.61 5.46 -15.49
CA PRO A 247 -6.53 6.35 -14.75
C PRO A 247 -7.80 6.61 -15.59
N LYS A 248 -8.85 7.15 -14.95
CA LYS A 248 -10.10 7.50 -15.61
C LYS A 248 -9.85 8.80 -16.40
N THR A 249 -9.92 8.70 -17.74
CA THR A 249 -9.66 9.81 -18.66
C THR A 249 -10.94 10.47 -19.20
N PRO A 250 -10.95 11.82 -19.42
CA PRO A 250 -12.17 12.46 -19.97
C PRO A 250 -12.26 12.33 -21.51
N TYR A 251 -11.45 11.42 -22.07
CA TYR A 251 -11.36 11.15 -23.50
C TYR A 251 -11.28 9.64 -23.73
N MET A 252 -11.49 9.21 -24.96
CA MET A 252 -11.39 7.80 -25.30
C MET A 252 -9.94 7.45 -25.58
N THR A 253 -9.50 6.32 -25.08
CA THR A 253 -8.13 5.81 -25.31
C THR A 253 -8.25 4.74 -26.38
N TYR A 254 -7.13 4.40 -27.02
CA TYR A 254 -7.12 3.38 -28.08
C TYR A 254 -7.61 2.01 -27.58
N THR A 255 -7.09 1.58 -26.42
CA THR A 255 -7.45 0.32 -25.75
C THR A 255 -8.92 0.33 -25.34
N GLY A 256 -9.40 1.48 -24.84
CA GLY A 256 -10.77 1.69 -24.43
C GLY A 256 -11.77 1.49 -25.56
N ALA A 257 -11.42 2.01 -26.75
CA ALA A 257 -12.18 1.94 -27.99
C ALA A 257 -12.27 0.49 -28.47
N ILE A 258 -11.14 -0.27 -28.39
CA ILE A 258 -11.05 -1.69 -28.75
C ILE A 258 -11.95 -2.50 -27.83
N ILE A 259 -11.82 -2.30 -26.51
CA ILE A 259 -12.61 -2.96 -25.47
C ILE A 259 -14.11 -2.73 -25.71
N PHE A 260 -14.50 -1.49 -26.03
CA PHE A 260 -15.90 -1.12 -26.32
C PHE A 260 -16.43 -1.84 -27.55
N MET A 261 -15.63 -1.86 -28.63
CA MET A 261 -15.93 -2.52 -29.89
C MET A 261 -16.16 -4.02 -29.66
N ILE A 262 -15.28 -4.67 -28.86
CA ILE A 262 -15.39 -6.09 -28.54
C ILE A 262 -16.74 -6.38 -27.83
N TYR A 263 -17.18 -5.48 -26.91
CA TYR A 263 -18.49 -5.63 -26.23
C TYR A 263 -19.63 -5.68 -27.26
N LEU A 264 -19.59 -4.80 -28.29
CA LEU A 264 -20.59 -4.75 -29.36
C LEU A 264 -20.61 -6.06 -30.12
N PHE A 265 -19.42 -6.55 -30.53
CA PHE A 265 -19.25 -7.83 -31.23
C PHE A 265 -19.82 -9.01 -30.44
N TYR A 266 -19.65 -9.03 -29.10
CA TYR A 266 -20.20 -10.07 -28.24
C TYR A 266 -21.71 -9.97 -28.18
N PHE A 267 -22.22 -8.73 -28.10
CA PHE A 267 -23.66 -8.45 -28.06
C PHE A 267 -24.35 -8.87 -29.36
N VAL A 268 -23.74 -8.55 -30.52
CA VAL A 268 -24.24 -8.90 -31.84
C VAL A 268 -24.19 -10.44 -32.05
N ALA A 269 -23.14 -11.13 -31.53
CA ALA A 269 -23.03 -12.60 -31.61
C ALA A 269 -24.14 -13.27 -30.80
N VAL A 270 -24.57 -12.64 -29.68
CA VAL A 270 -25.69 -13.14 -28.85
C VAL A 270 -26.97 -13.00 -29.70
N ILE A 271 -27.18 -11.82 -30.35
CA ILE A 271 -28.33 -11.57 -31.23
C ILE A 271 -28.40 -12.67 -32.31
N GLU A 272 -27.28 -12.95 -33.01
CA GLU A 272 -27.19 -14.01 -34.02
C GLU A 272 -27.62 -15.36 -33.43
N VAL A 273 -26.97 -15.80 -32.33
CA VAL A 273 -27.26 -17.07 -31.63
C VAL A 273 -28.77 -17.17 -31.28
N THR A 274 -29.36 -16.06 -30.74
CA THR A 274 -30.78 -15.95 -30.39
C THR A 274 -31.69 -16.09 -31.62
N VAL A 275 -31.38 -15.33 -32.71
CA VAL A 275 -32.14 -15.30 -33.97
C VAL A 275 -32.15 -16.68 -34.60
N GLN A 276 -30.96 -17.30 -34.76
CA GLN A 276 -30.77 -18.64 -35.31
C GLN A 276 -31.67 -19.65 -34.58
N HIS A 277 -31.67 -19.63 -33.23
CA HIS A 277 -32.47 -20.53 -32.40
C HIS A 277 -33.96 -20.31 -32.58
N TYR A 278 -34.42 -19.03 -32.57
CA TYR A 278 -35.82 -18.66 -32.74
C TYR A 278 -36.39 -19.23 -34.05
N LEU A 279 -35.60 -19.14 -35.15
CA LEU A 279 -35.96 -19.65 -36.47
C LEU A 279 -36.06 -21.17 -36.49
N LYS A 280 -35.08 -21.87 -35.88
CA LYS A 280 -35.07 -23.34 -35.81
CA LYS A 280 -35.03 -23.35 -35.78
C LYS A 280 -36.30 -23.86 -35.07
N VAL A 281 -36.70 -23.17 -33.98
CA VAL A 281 -37.89 -23.51 -33.18
C VAL A 281 -39.18 -23.24 -33.98
N GLU A 282 -39.18 -22.17 -34.81
CA GLU A 282 -40.29 -21.76 -35.69
C GLU A 282 -40.35 -22.60 -36.97
N SER A 283 -39.54 -23.68 -37.03
CA SER A 283 -39.42 -24.61 -38.16
C SER A 283 -38.99 -23.90 -39.45
N GLN A 284 -37.99 -23.01 -39.32
CA GLN A 284 -37.38 -22.26 -40.42
C GLN A 284 -35.84 -22.43 -40.41
N PRO A 285 -35.27 -23.67 -40.38
CA PRO A 285 -33.79 -23.79 -40.34
C PRO A 285 -33.05 -23.32 -41.58
N ALA A 286 -33.74 -23.25 -42.72
CA ALA A 286 -33.18 -22.79 -43.98
C ALA A 286 -32.77 -21.31 -43.88
N ARG A 287 -33.63 -20.48 -43.24
CA ARG A 287 -33.40 -19.04 -43.06
C ARG A 287 -32.28 -18.79 -42.05
N ALA A 288 -32.25 -19.58 -40.96
CA ALA A 288 -31.23 -19.54 -39.92
C ALA A 288 -29.88 -19.90 -40.52
N ALA A 289 -29.81 -20.96 -41.34
CA ALA A 289 -28.61 -21.44 -42.02
C ALA A 289 -27.96 -20.38 -42.90
N SER A 290 -28.79 -19.52 -43.53
CA SER A 290 -28.35 -18.42 -44.38
C SER A 290 -27.65 -17.34 -43.56
N ILE A 291 -28.20 -17.03 -42.38
CA ILE A 291 -27.69 -16.03 -41.45
C ILE A 291 -26.37 -16.51 -40.84
N THR A 292 -26.33 -17.75 -40.33
CA THR A 292 -25.15 -18.37 -39.72
C THR A 292 -23.98 -18.46 -40.72
N ARG A 293 -24.27 -18.80 -41.99
CA ARG A 293 -23.25 -18.91 -43.05
C ARG A 293 -22.66 -17.52 -43.38
N ALA A 294 -23.53 -16.48 -43.37
CA ALA A 294 -23.15 -15.09 -43.62
C ALA A 294 -22.27 -14.60 -42.47
N SER A 295 -22.66 -14.90 -41.20
CA SER A 295 -21.97 -14.54 -39.97
C SER A 295 -20.52 -15.01 -39.94
N ARG A 296 -20.25 -16.23 -40.47
CA ARG A 296 -18.93 -16.84 -40.58
C ARG A 296 -17.92 -15.95 -41.30
N ILE A 297 -18.39 -15.17 -42.30
CA ILE A 297 -17.56 -14.24 -43.07
C ILE A 297 -17.71 -12.81 -42.54
N ALA A 298 -18.97 -12.35 -42.32
CA ALA A 298 -19.30 -11.00 -41.86
C ALA A 298 -18.57 -10.60 -40.59
N PHE A 299 -18.62 -11.43 -39.51
CA PHE A 299 -17.96 -11.16 -38.24
C PHE A 299 -16.44 -10.93 -38.38
N PRO A 300 -15.61 -11.86 -38.94
CA PRO A 300 -14.18 -11.57 -39.09
C PRO A 300 -13.87 -10.36 -39.98
N VAL A 301 -14.64 -10.17 -41.07
CA VAL A 301 -14.46 -9.05 -42.03
C VAL A 301 -14.76 -7.70 -41.36
N VAL A 302 -15.94 -7.58 -40.71
CA VAL A 302 -16.34 -6.35 -39.99
C VAL A 302 -15.38 -6.08 -38.83
N PHE A 303 -14.86 -7.14 -38.17
CA PHE A 303 -13.90 -6.99 -37.08
C PHE A 303 -12.60 -6.38 -37.58
N LEU A 304 -12.08 -6.91 -38.72
CA LEU A 304 -10.86 -6.42 -39.33
C LEU A 304 -11.02 -4.97 -39.83
N LEU A 305 -12.14 -4.66 -40.50
CA LEU A 305 -12.43 -3.30 -41.01
C LEU A 305 -12.56 -2.27 -39.89
N ALA A 306 -13.31 -2.60 -38.82
CA ALA A 306 -13.51 -1.73 -37.66
C ALA A 306 -12.17 -1.43 -36.96
N ASN A 307 -11.26 -2.41 -36.93
CA ASN A 307 -9.93 -2.23 -36.34
C ASN A 307 -9.04 -1.34 -37.19
N ILE A 308 -9.16 -1.43 -38.53
CA ILE A 308 -8.42 -0.58 -39.47
C ILE A 308 -8.90 0.87 -39.28
N ILE A 309 -10.23 1.08 -39.19
CA ILE A 309 -10.83 2.41 -38.95
C ILE A 309 -10.32 3.00 -37.62
N LEU A 310 -10.33 2.20 -36.53
CA LEU A 310 -9.86 2.63 -35.20
C LEU A 310 -8.39 3.02 -35.19
N ALA A 311 -7.51 2.15 -35.76
CA ALA A 311 -6.07 2.39 -35.85
C ALA A 311 -5.81 3.65 -36.68
N PHE A 312 -6.61 3.88 -37.71
CA PHE A 312 -6.50 5.07 -38.55
C PHE A 312 -6.84 6.33 -37.75
N LEU A 313 -7.98 6.31 -37.02
CA LEU A 313 -8.43 7.43 -36.20
C LEU A 313 -7.48 7.78 -35.05
N PHE A 314 -6.81 6.77 -34.45
CA PHE A 314 -5.89 6.98 -33.34
C PHE A 314 -4.43 7.17 -33.73
N PHE A 315 -4.00 6.70 -34.93
CA PHE A 315 -2.60 6.79 -35.37
C PHE A 315 -2.42 7.29 -36.81
N VAL B 5 36.20 22.25 7.45
CA VAL B 5 37.35 21.36 7.25
C VAL B 5 37.54 21.00 5.76
N SER B 6 38.79 21.09 5.29
CA SER B 6 39.18 20.79 3.91
C SER B 6 39.79 19.36 3.84
N PRO B 7 39.99 18.74 2.64
CA PRO B 7 40.56 17.38 2.59
C PRO B 7 42.04 17.30 2.99
N PRO B 8 42.60 16.10 3.31
CA PRO B 8 44.02 16.04 3.68
C PRO B 8 44.93 16.48 2.54
N PRO B 9 45.99 17.26 2.82
CA PRO B 9 46.88 17.68 1.72
C PRO B 9 47.80 16.55 1.27
N PRO B 10 48.15 16.47 -0.03
CA PRO B 10 49.03 15.38 -0.50
C PRO B 10 50.50 15.59 -0.15
N ILE B 11 51.23 14.49 0.13
CA ILE B 11 52.67 14.54 0.42
C ILE B 11 53.43 14.91 -0.85
N ALA B 12 52.97 14.38 -1.99
CA ALA B 12 53.38 14.60 -3.37
C ALA B 12 52.04 14.82 -4.02
N ASP B 13 51.94 14.64 -5.33
CA ASP B 13 50.72 14.83 -6.13
C ASP B 13 49.76 13.58 -6.27
N GLU B 14 49.91 12.58 -5.39
CA GLU B 14 49.13 11.32 -5.38
C GLU B 14 47.62 11.55 -5.07
N PRO B 15 46.69 10.72 -5.59
CA PRO B 15 45.28 10.91 -5.20
C PRO B 15 45.02 10.36 -3.78
N LEU B 16 43.94 10.81 -3.13
CA LEU B 16 43.62 10.30 -1.79
C LEU B 16 42.83 8.99 -1.92
N THR B 17 43.37 7.91 -1.34
CA THR B 17 42.76 6.58 -1.34
C THR B 17 41.86 6.39 -0.14
N VAL B 18 40.59 6.11 -0.42
CA VAL B 18 39.59 5.81 0.60
C VAL B 18 39.31 4.32 0.45
N ASN B 19 39.78 3.54 1.45
CA ASN B 19 39.55 2.10 1.49
C ASN B 19 38.14 1.87 1.99
N THR B 20 37.41 0.98 1.32
CA THR B 20 36.01 0.71 1.64
C THR B 20 35.75 -0.77 1.91
N GLY B 21 34.59 -1.01 2.52
CA GLY B 21 34.09 -2.34 2.86
C GLY B 21 32.62 -2.29 3.21
N ILE B 22 31.87 -3.32 2.77
CA ILE B 22 30.44 -3.46 3.08
C ILE B 22 30.27 -4.83 3.71
N TYR B 23 29.68 -4.88 4.90
CA TYR B 23 29.39 -6.13 5.60
C TYR B 23 27.88 -6.21 5.74
N LEU B 24 27.22 -7.12 4.97
CA LEU B 24 25.77 -7.27 5.00
C LEU B 24 25.27 -7.90 6.27
N ILE B 25 24.35 -7.19 6.95
CA ILE B 25 23.70 -7.66 8.17
C ILE B 25 22.32 -8.25 7.79
N GLU B 26 21.56 -7.56 6.91
CA GLU B 26 20.24 -7.99 6.45
CA GLU B 26 20.24 -7.99 6.42
C GLU B 26 20.05 -7.69 4.95
N CYS B 27 19.25 -8.53 4.27
CA CYS B 27 18.85 -8.45 2.87
C CYS B 27 17.42 -8.87 2.88
N TYR B 28 16.52 -7.98 2.52
CA TYR B 28 15.10 -8.27 2.55
C TYR B 28 14.38 -7.53 1.43
N SER B 29 13.07 -7.81 1.29
CA SER B 29 12.16 -7.20 0.33
C SER B 29 12.69 -7.13 -1.11
N LEU B 30 13.05 -8.28 -1.71
CA LEU B 30 13.42 -8.24 -3.11
C LEU B 30 12.10 -8.23 -3.92
N ASP B 31 11.73 -7.04 -4.39
CA ASP B 31 10.55 -6.73 -5.19
C ASP B 31 10.94 -6.92 -6.66
N ASP B 32 10.41 -7.97 -7.30
CA ASP B 32 10.66 -8.27 -8.71
C ASP B 32 10.09 -7.24 -9.67
N LYS B 33 8.82 -6.84 -9.41
CA LYS B 33 8.10 -5.85 -10.21
C LYS B 33 8.80 -4.50 -10.18
N ALA B 34 9.26 -4.09 -8.99
CA ALA B 34 9.95 -2.81 -8.77
C ALA B 34 11.45 -2.87 -9.05
N GLU B 35 12.02 -4.10 -9.17
CA GLU B 35 13.45 -4.35 -9.40
C GLU B 35 14.34 -3.68 -8.33
N THR B 36 13.89 -3.77 -7.06
CA THR B 36 14.54 -3.21 -5.89
C THR B 36 14.69 -4.28 -4.81
N PHE B 37 15.58 -3.99 -3.85
CA PHE B 37 15.82 -4.76 -2.65
C PHE B 37 16.25 -3.85 -1.53
N LYS B 38 16.03 -4.28 -0.29
CA LYS B 38 16.43 -3.48 0.86
C LYS B 38 17.61 -4.15 1.52
N VAL B 39 18.56 -3.33 1.95
CA VAL B 39 19.79 -3.78 2.56
C VAL B 39 20.06 -3.03 3.86
N ASN B 40 20.56 -3.75 4.87
CA ASN B 40 20.98 -3.20 6.15
C ASN B 40 22.42 -3.73 6.32
N ALA B 41 23.39 -2.82 6.29
CA ALA B 41 24.80 -3.22 6.31
C ALA B 41 25.70 -2.28 7.07
N PHE B 42 26.96 -2.70 7.27
CA PHE B 42 28.02 -1.86 7.83
C PHE B 42 28.77 -1.29 6.63
N LEU B 43 29.13 -0.01 6.68
CA LEU B 43 29.98 0.61 5.68
C LEU B 43 31.19 1.06 6.43
N SER B 44 32.35 0.51 6.08
CA SER B 44 33.61 0.85 6.69
C SER B 44 34.41 1.68 5.68
N LEU B 45 35.03 2.77 6.16
CA LEU B 45 35.87 3.67 5.36
C LEU B 45 37.17 3.88 6.11
N SER B 46 38.28 3.99 5.38
CA SER B 46 39.60 4.23 5.95
C SER B 46 40.48 5.04 5.00
N TRP B 47 41.11 6.09 5.53
CA TRP B 47 41.98 7.00 4.80
C TRP B 47 42.97 7.63 5.79
N LYS B 48 44.08 8.17 5.29
CA LYS B 48 45.09 8.84 6.13
C LYS B 48 44.90 10.36 6.10
N ASP B 49 44.86 10.99 7.30
CA ASP B 49 44.81 12.44 7.48
C ASP B 49 45.93 12.87 8.44
N ARG B 50 47.13 13.18 7.89
CA ARG B 50 48.35 13.56 8.61
C ARG B 50 48.14 14.71 9.61
N ARG B 51 47.20 15.61 9.33
CA ARG B 51 46.80 16.74 10.18
C ARG B 51 46.24 16.28 11.52
N LEU B 52 45.78 15.02 11.60
CA LEU B 52 45.16 14.41 12.78
C LEU B 52 46.14 13.62 13.64
N ALA B 53 47.42 13.59 13.24
CA ALA B 53 48.50 12.91 13.96
C ALA B 53 48.60 13.42 15.38
N PHE B 54 48.91 12.52 16.30
CA PHE B 54 49.05 12.85 17.72
C PHE B 54 50.11 11.99 18.38
N ASP B 55 50.63 12.47 19.52
CA ASP B 55 51.58 11.75 20.34
C ASP B 55 50.75 11.08 21.45
N PRO B 56 50.71 9.72 21.53
CA PRO B 56 49.92 9.07 22.59
C PRO B 56 50.46 9.32 24.01
N VAL B 57 51.68 9.84 24.11
CA VAL B 57 52.32 10.19 25.39
C VAL B 57 51.73 11.50 25.89
N ARG B 58 51.56 12.48 24.99
CA ARG B 58 50.97 13.78 25.30
C ARG B 58 49.44 13.70 25.44
N SER B 59 48.75 13.00 24.51
CA SER B 59 47.30 12.87 24.54
C SER B 59 46.77 11.91 25.63
N GLY B 60 47.65 11.04 26.14
CA GLY B 60 47.32 10.07 27.18
C GLY B 60 46.56 8.86 26.71
N VAL B 61 46.14 8.87 25.41
CA VAL B 61 45.39 7.81 24.76
C VAL B 61 46.14 7.34 23.49
N ARG B 62 46.03 6.04 23.16
CA ARG B 62 46.71 5.42 22.01
C ARG B 62 45.92 5.51 20.70
N VAL B 63 44.61 5.81 20.79
CA VAL B 63 43.68 5.93 19.67
C VAL B 63 42.70 7.07 20.04
N LYS B 64 42.47 8.01 19.12
CA LYS B 64 41.53 9.09 19.37
C LYS B 64 40.18 8.78 18.76
N THR B 65 39.11 9.16 19.47
CA THR B 65 37.74 9.03 18.99
C THR B 65 37.28 10.45 18.63
N TYR B 66 36.61 10.60 17.48
CA TYR B 66 36.10 11.89 17.00
C TYR B 66 34.64 11.81 16.63
N GLU B 67 33.98 12.99 16.59
CA GLU B 67 32.59 13.14 16.15
C GLU B 67 32.68 13.51 14.65
N PRO B 68 31.75 13.05 13.79
CA PRO B 68 31.86 13.34 12.34
C PRO B 68 32.11 14.81 11.97
N GLU B 69 31.45 15.71 12.69
CA GLU B 69 31.53 17.16 12.51
C GLU B 69 32.89 17.74 12.86
N ALA B 70 33.65 17.09 13.76
CA ALA B 70 34.97 17.53 14.21
C ALA B 70 36.08 17.37 13.18
N ILE B 71 35.96 16.40 12.25
CA ILE B 71 37.02 16.13 11.25
C ILE B 71 36.50 16.05 9.82
N TRP B 72 37.41 16.02 8.84
CA TRP B 72 37.09 15.87 7.42
C TRP B 72 36.74 14.41 7.18
N ILE B 73 35.61 14.16 6.49
CA ILE B 73 35.12 12.84 6.14
C ILE B 73 34.74 12.86 4.65
N PRO B 74 35.20 11.90 3.83
CA PRO B 74 34.83 11.91 2.41
C PRO B 74 33.33 11.74 2.19
N GLU B 75 32.77 12.48 1.21
CA GLU B 75 31.34 12.36 0.89
C GLU B 75 31.19 11.14 -0.02
N ILE B 76 30.80 10.02 0.58
CA ILE B 76 30.58 8.75 -0.12
C ILE B 76 29.08 8.58 -0.27
N ARG B 77 28.64 8.36 -1.51
CA ARG B 77 27.24 8.13 -1.80
C ARG B 77 27.08 6.78 -2.53
N PHE B 78 25.84 6.29 -2.59
CA PHE B 78 25.52 5.10 -3.37
C PHE B 78 24.89 5.61 -4.66
N VAL B 79 25.29 5.02 -5.80
CA VAL B 79 24.75 5.42 -7.11
C VAL B 79 23.29 4.98 -7.26
N ASN B 80 23.06 3.66 -7.15
CA ASN B 80 21.78 3.03 -7.42
C ASN B 80 20.83 2.91 -6.22
N VAL B 81 20.59 4.00 -5.52
CA VAL B 81 19.63 4.05 -4.40
C VAL B 81 18.44 4.91 -4.76
N GLU B 82 17.28 4.58 -4.19
CA GLU B 82 16.05 5.35 -4.36
C GLU B 82 16.31 6.74 -3.74
N ASN B 83 16.52 6.77 -2.42
CA ASN B 83 16.84 7.97 -1.66
C ASN B 83 18.17 7.73 -0.98
N ALA B 84 18.82 8.81 -0.51
CA ALA B 84 20.11 8.70 0.22
C ALA B 84 19.93 7.74 1.41
N ARG B 85 20.95 6.92 1.68
CA ARG B 85 20.93 5.93 2.76
C ARG B 85 20.67 6.57 4.13
N ASP B 86 20.09 5.78 5.02
CA ASP B 86 19.82 6.16 6.40
C ASP B 86 20.99 5.61 7.15
N ALA B 87 21.88 6.48 7.62
CA ALA B 87 23.09 6.02 8.28
C ALA B 87 23.26 6.53 9.71
N ASP B 88 23.90 5.68 10.53
CA ASP B 88 24.24 5.98 11.92
CA ASP B 88 24.24 5.97 11.92
C ASP B 88 25.72 5.64 12.12
N VAL B 89 26.54 6.65 12.46
CA VAL B 89 27.96 6.47 12.67
C VAL B 89 28.15 5.66 13.96
N VAL B 90 28.85 4.53 13.84
CA VAL B 90 29.14 3.62 14.94
C VAL B 90 30.45 4.06 15.60
N ASP B 91 31.52 4.31 14.82
CA ASP B 91 32.81 4.72 15.35
C ASP B 91 33.66 5.46 14.33
N ILE B 92 34.50 6.39 14.83
CA ILE B 92 35.53 7.13 14.11
C ILE B 92 36.74 7.07 15.04
N SER B 93 37.78 6.34 14.59
CA SER B 93 39.01 6.08 15.32
C SER B 93 40.23 6.54 14.56
N VAL B 94 40.98 7.49 15.15
CA VAL B 94 42.19 8.05 14.56
C VAL B 94 43.42 7.52 15.32
N SER B 95 44.36 6.90 14.60
CA SER B 95 45.58 6.37 15.21
C SER B 95 46.73 7.44 15.14
N PRO B 96 47.83 7.33 15.95
CA PRO B 96 48.86 8.40 15.96
C PRO B 96 49.38 8.95 14.62
N ASP B 97 49.44 8.12 13.57
CA ASP B 97 49.92 8.56 12.25
C ASP B 97 48.89 9.39 11.46
N GLY B 98 47.64 9.39 11.92
CA GLY B 98 46.55 10.10 11.27
C GLY B 98 45.66 9.18 10.46
N THR B 99 45.81 7.84 10.60
CA THR B 99 44.95 6.87 9.90
C THR B 99 43.58 6.83 10.53
N VAL B 100 42.58 7.29 9.77
CA VAL B 100 41.19 7.32 10.23
C VAL B 100 40.51 6.00 9.86
N GLN B 101 39.70 5.48 10.79
CA GLN B 101 38.89 4.27 10.63
C GLN B 101 37.47 4.66 11.00
N TYR B 102 36.64 4.78 9.99
CA TYR B 102 35.25 5.16 10.07
C TYR B 102 34.36 3.91 9.89
N LEU B 103 33.28 3.84 10.69
CA LEU B 103 32.31 2.78 10.58
C LEU B 103 30.91 3.31 10.84
N GLU B 104 30.00 2.97 9.94
CA GLU B 104 28.59 3.33 10.06
C GLU B 104 27.74 2.14 9.74
N ARG B 105 26.51 2.15 10.27
CA ARG B 105 25.55 1.13 9.91
C ARG B 105 24.46 1.88 9.15
N PHE B 106 24.10 1.37 7.97
CA PHE B 106 23.10 2.00 7.13
C PHE B 106 22.04 1.04 6.66
N SER B 107 20.92 1.60 6.23
CA SER B 107 19.81 0.88 5.57
C SER B 107 19.52 1.69 4.27
N ALA B 108 19.25 0.99 3.16
CA ALA B 108 18.98 1.63 1.86
C ALA B 108 18.14 0.73 0.97
N ARG B 109 17.31 1.33 0.06
CA ARG B 109 16.55 0.60 -0.97
C ARG B 109 17.33 0.79 -2.27
N VAL B 110 17.90 -0.32 -2.75
CA VAL B 110 18.78 -0.37 -3.91
C VAL B 110 17.96 -0.72 -5.16
N LEU B 111 18.18 0.02 -6.26
CA LEU B 111 17.62 -0.17 -7.59
C LEU B 111 18.62 -1.05 -8.34
N SER B 112 18.24 -2.28 -8.67
CA SER B 112 19.13 -3.16 -9.42
C SER B 112 18.31 -3.95 -10.44
N PRO B 113 18.59 -3.79 -11.77
CA PRO B 113 17.78 -4.50 -12.79
C PRO B 113 17.91 -6.03 -12.76
N LEU B 114 16.80 -6.69 -13.10
CA LEU B 114 16.73 -8.14 -13.10
C LEU B 114 16.42 -8.69 -14.48
N ASP B 115 17.01 -9.87 -14.81
CA ASP B 115 16.78 -10.56 -16.07
C ASP B 115 15.76 -11.69 -15.86
N PHE B 116 14.53 -11.48 -16.34
CA PHE B 116 13.43 -12.44 -16.12
C PHE B 116 13.29 -13.51 -17.22
N ARG B 117 14.21 -13.53 -18.19
CA ARG B 117 14.24 -14.48 -19.30
C ARG B 117 14.05 -15.96 -18.87
N ARG B 118 14.73 -16.39 -17.79
CA ARG B 118 14.65 -17.79 -17.30
C ARG B 118 13.73 -18.00 -16.10
N TYR B 119 12.92 -16.98 -15.75
CA TYR B 119 11.97 -17.03 -14.63
C TYR B 119 11.00 -18.23 -14.73
N PRO B 120 10.72 -18.98 -13.63
CA PRO B 120 11.18 -18.82 -12.24
C PRO B 120 12.47 -19.61 -11.89
N PHE B 121 13.27 -20.02 -12.91
CA PHE B 121 14.51 -20.79 -12.70
C PHE B 121 15.73 -19.88 -12.96
N ASP B 122 15.56 -18.59 -12.63
CA ASP B 122 16.56 -17.54 -12.87
C ASP B 122 17.48 -17.26 -11.70
N SER B 123 18.64 -16.68 -12.02
CA SER B 123 19.65 -16.26 -11.08
C SER B 123 19.94 -14.80 -11.39
N GLN B 124 20.37 -14.02 -10.38
CA GLN B 124 20.65 -12.61 -10.57
C GLN B 124 21.94 -12.21 -9.91
N THR B 125 22.53 -11.11 -10.41
CA THR B 125 23.70 -10.45 -9.80
C THR B 125 23.19 -9.07 -9.43
N LEU B 126 22.90 -8.87 -8.15
CA LEU B 126 22.46 -7.59 -7.61
C LEU B 126 23.68 -6.71 -7.39
N HIS B 127 23.59 -5.41 -7.75
CA HIS B 127 24.71 -4.48 -7.59
C HIS B 127 24.46 -3.41 -6.57
N ILE B 128 25.54 -3.02 -5.86
CA ILE B 128 25.57 -1.92 -4.90
C ILE B 128 26.77 -1.09 -5.33
N TYR B 129 26.53 0.07 -5.95
CA TYR B 129 27.61 0.94 -6.45
C TYR B 129 27.96 2.06 -5.50
N LEU B 130 29.20 2.03 -4.99
CA LEU B 130 29.77 3.05 -4.11
C LEU B 130 30.46 4.08 -4.96
N ILE B 131 30.25 5.37 -4.65
CA ILE B 131 30.89 6.46 -5.42
C ILE B 131 31.42 7.62 -4.54
N VAL B 132 32.51 8.25 -5.00
CA VAL B 132 33.13 9.45 -4.43
C VAL B 132 33.43 10.45 -5.55
N ARG B 133 33.14 11.73 -5.30
CA ARG B 133 33.45 12.79 -6.27
C ARG B 133 34.68 13.57 -5.77
N SER B 134 35.64 13.78 -6.69
CA SER B 134 36.88 14.51 -6.39
C SER B 134 36.62 15.98 -6.12
N VAL B 135 37.46 16.57 -5.30
CA VAL B 135 37.35 17.98 -4.96
C VAL B 135 38.36 18.81 -5.75
N ASP B 136 38.21 20.12 -5.64
CA ASP B 136 39.00 21.22 -6.21
C ASP B 136 40.46 21.23 -5.87
N THR B 137 40.72 20.75 -4.66
CA THR B 137 42.01 20.66 -4.03
C THR B 137 42.68 19.32 -4.39
N ARG B 138 41.96 18.16 -4.34
CA ARG B 138 42.59 16.89 -4.75
C ARG B 138 41.63 15.81 -5.21
N ASN B 139 42.18 14.84 -5.96
CA ASN B 139 41.47 13.70 -6.52
C ASN B 139 41.30 12.59 -5.48
N ILE B 140 40.04 12.16 -5.28
CA ILE B 140 39.71 11.09 -4.35
C ILE B 140 39.42 9.82 -5.14
N VAL B 141 40.05 8.72 -4.72
CA VAL B 141 39.95 7.41 -5.39
C VAL B 141 39.53 6.33 -4.38
N LEU B 142 38.60 5.44 -4.77
CA LEU B 142 38.10 4.36 -3.89
C LEU B 142 38.89 3.07 -4.07
N ALA B 143 38.99 2.28 -2.99
CA ALA B 143 39.66 0.98 -2.96
C ALA B 143 38.84 0.01 -2.11
N VAL B 144 39.06 -1.30 -2.31
CA VAL B 144 38.36 -2.34 -1.55
C VAL B 144 39.32 -3.00 -0.54
N ASP B 145 38.97 -2.97 0.76
CA ASP B 145 39.67 -3.70 1.82
C ASP B 145 38.89 -5.01 1.93
N LEU B 146 39.40 -6.10 1.30
CA LEU B 146 38.73 -7.40 1.23
C LEU B 146 38.47 -8.05 2.60
N GLU B 147 39.29 -7.69 3.61
CA GLU B 147 39.14 -8.18 4.99
C GLU B 147 37.91 -7.57 5.65
N LYS B 148 37.35 -6.50 5.05
CA LYS B 148 36.20 -5.77 5.57
C LYS B 148 34.95 -5.89 4.66
N VAL B 149 34.96 -6.89 3.76
CA VAL B 149 33.85 -7.23 2.86
C VAL B 149 33.32 -8.62 3.27
N GLY B 150 32.00 -8.72 3.44
CA GLY B 150 31.37 -9.97 3.85
C GLY B 150 29.89 -9.85 4.12
N LYS B 151 29.32 -10.91 4.70
CA LYS B 151 27.92 -11.01 5.07
C LYS B 151 27.69 -11.92 6.28
N ASN B 152 26.65 -11.61 7.06
CA ASN B 152 26.21 -12.40 8.20
C ASN B 152 25.67 -13.76 7.67
N ASP B 153 25.92 -14.86 8.41
CA ASP B 153 25.50 -16.23 8.08
C ASP B 153 23.97 -16.37 8.06
N ASP B 154 23.29 -15.59 8.93
CA ASP B 154 21.83 -15.52 9.07
C ASP B 154 21.12 -14.78 7.93
N VAL B 155 21.86 -13.95 7.11
CA VAL B 155 21.32 -13.18 5.97
C VAL B 155 20.49 -14.12 5.08
N PHE B 156 19.16 -13.91 5.13
CA PHE B 156 18.17 -14.67 4.39
C PHE B 156 17.34 -13.70 3.54
N LEU B 157 17.26 -13.98 2.25
CA LEU B 157 16.45 -13.20 1.31
C LEU B 157 15.34 -14.17 0.92
N THR B 158 14.14 -13.96 1.48
CA THR B 158 12.93 -14.78 1.28
C THR B 158 12.72 -15.10 -0.21
N GLY B 159 12.71 -16.40 -0.52
CA GLY B 159 12.53 -16.91 -1.88
C GLY B 159 13.77 -16.95 -2.74
N TRP B 160 14.93 -16.68 -2.13
CA TRP B 160 16.22 -16.67 -2.83
C TRP B 160 17.30 -17.36 -2.02
N ASP B 161 18.31 -17.88 -2.73
CA ASP B 161 19.50 -18.47 -2.15
C ASP B 161 20.62 -17.47 -2.41
N ILE B 162 21.38 -17.10 -1.38
CA ILE B 162 22.50 -16.16 -1.53
C ILE B 162 23.77 -16.96 -1.81
N GLU B 163 24.32 -16.82 -3.03
CA GLU B 163 25.52 -17.53 -3.46
C GLU B 163 26.82 -16.87 -2.97
N SER B 164 26.99 -15.56 -3.22
CA SER B 164 28.21 -14.81 -2.84
C SER B 164 28.00 -13.32 -2.80
N PHE B 165 28.82 -12.63 -1.99
CA PHE B 165 28.89 -11.18 -1.89
C PHE B 165 30.36 -10.80 -2.02
N THR B 166 30.73 -10.32 -3.20
CA THR B 166 32.10 -9.92 -3.52
C THR B 166 32.12 -8.49 -4.08
N ALA B 167 33.30 -7.90 -4.18
CA ALA B 167 33.50 -6.55 -4.74
C ALA B 167 34.51 -6.62 -5.88
N VAL B 168 34.24 -5.87 -6.96
CA VAL B 168 35.15 -5.73 -8.09
C VAL B 168 36.15 -4.70 -7.57
N VAL B 169 37.38 -5.17 -7.22
CA VAL B 169 38.44 -4.39 -6.58
C VAL B 169 38.91 -3.16 -7.37
N LYS B 170 38.84 -3.19 -8.72
CA LYS B 170 39.26 -2.07 -9.56
C LYS B 170 38.08 -1.09 -9.70
N PRO B 171 38.24 0.18 -9.24
CA PRO B 171 37.14 1.14 -9.38
C PRO B 171 37.04 1.66 -10.81
N ALA B 172 35.90 2.24 -11.15
CA ALA B 172 35.66 2.87 -12.43
C ALA B 172 35.86 4.37 -12.21
N ASN B 173 37.08 4.87 -12.54
CA ASN B 173 37.45 6.27 -12.40
C ASN B 173 37.13 6.95 -13.72
N PHE B 174 36.17 7.87 -13.73
CA PHE B 174 35.68 8.54 -14.93
C PHE B 174 35.34 10.00 -14.65
N ALA B 175 35.32 10.83 -15.70
CA ALA B 175 34.95 12.24 -15.61
C ALA B 175 33.44 12.39 -15.67
N LEU B 176 32.89 13.24 -14.80
CA LEU B 176 31.48 13.57 -14.76
C LEU B 176 31.36 15.03 -14.35
N GLU B 177 30.81 15.89 -15.24
CA GLU B 177 30.62 17.34 -15.04
C GLU B 177 31.90 18.04 -14.60
N ASP B 178 32.98 17.82 -15.39
CA ASP B 178 34.31 18.41 -15.24
C ASP B 178 35.05 18.05 -13.94
N ARG B 179 34.73 16.89 -13.33
CA ARG B 179 35.41 16.36 -12.13
C ARG B 179 35.51 14.85 -12.17
N LEU B 180 36.56 14.30 -11.52
CA LEU B 180 36.73 12.86 -11.42
C LEU B 180 35.70 12.29 -10.45
N GLU B 181 35.20 11.09 -10.80
CA GLU B 181 34.28 10.28 -10.03
C GLU B 181 34.91 8.87 -9.93
N SER B 182 34.96 8.26 -8.73
CA SER B 182 35.55 6.92 -8.48
C SER B 182 34.44 6.01 -7.94
N LYS B 183 34.06 4.97 -8.73
CA LYS B 183 32.94 4.05 -8.51
C LYS B 183 33.36 2.59 -8.26
N LEU B 184 32.87 1.97 -7.17
CA LEU B 184 33.15 0.56 -6.85
C LEU B 184 31.88 -0.26 -6.98
N ASP B 185 31.99 -1.45 -7.61
CA ASP B 185 30.89 -2.39 -7.81
C ASP B 185 30.91 -3.56 -6.79
N TYR B 186 29.92 -3.57 -5.87
CA TYR B 186 29.73 -4.64 -4.90
C TYR B 186 28.61 -5.54 -5.45
N GLN B 187 28.95 -6.81 -5.73
CA GLN B 187 28.02 -7.76 -6.37
C GLN B 187 27.51 -8.88 -5.45
N LEU B 188 26.18 -8.96 -5.31
CA LEU B 188 25.49 -9.98 -4.53
C LEU B 188 24.83 -10.97 -5.51
N ARG B 189 25.45 -12.17 -5.65
CA ARG B 189 24.96 -13.21 -6.54
C ARG B 189 23.91 -14.07 -5.82
N ILE B 190 22.70 -14.09 -6.37
CA ILE B 190 21.56 -14.83 -5.82
C ILE B 190 20.90 -15.73 -6.88
N SER B 191 20.21 -16.79 -6.42
CA SER B 191 19.46 -17.69 -7.30
C SER B 191 18.11 -17.99 -6.67
N ARG B 192 17.06 -17.95 -7.50
CA ARG B 192 15.68 -18.14 -7.07
C ARG B 192 15.36 -19.55 -6.63
N GLN B 193 14.65 -19.67 -5.50
CA GLN B 193 14.16 -20.94 -4.95
C GLN B 193 12.89 -21.25 -5.73
N TYR B 194 13.06 -22.02 -6.82
CA TYR B 194 11.95 -22.38 -7.74
C TYR B 194 10.97 -23.43 -7.20
N PHE B 195 11.34 -24.17 -6.10
CA PHE B 195 10.54 -25.22 -5.46
C PHE B 195 9.04 -25.00 -5.55
N SER B 196 8.52 -23.98 -4.83
CA SER B 196 7.11 -23.63 -4.70
C SER B 196 6.34 -23.52 -5.99
N TYR B 197 6.97 -23.03 -7.07
CA TYR B 197 6.35 -22.88 -8.40
C TYR B 197 5.83 -24.20 -8.96
N ILE B 198 6.50 -25.32 -8.65
CA ILE B 198 6.12 -26.65 -9.13
C ILE B 198 4.74 -27.08 -8.52
N PRO B 199 4.54 -27.24 -7.19
CA PRO B 199 3.22 -27.63 -6.69
C PRO B 199 2.14 -26.56 -6.76
N ASN B 200 2.51 -25.27 -6.73
CA ASN B 200 1.53 -24.16 -6.70
C ASN B 200 1.08 -23.63 -8.05
N ILE B 201 1.94 -23.67 -9.09
CA ILE B 201 1.62 -23.12 -10.42
C ILE B 201 1.73 -24.14 -11.53
N ILE B 202 2.91 -24.79 -11.70
CA ILE B 202 3.19 -25.73 -12.79
C ILE B 202 2.23 -26.91 -12.79
N LEU B 203 2.19 -27.70 -11.70
CA LEU B 203 1.34 -28.89 -11.61
C LEU B 203 -0.16 -28.53 -11.70
N PRO B 204 -0.71 -27.49 -11.00
CA PRO B 204 -2.13 -27.13 -11.22
C PRO B 204 -2.48 -26.84 -12.69
N MET B 205 -1.61 -26.11 -13.42
CA MET B 205 -1.81 -25.80 -14.84
C MET B 205 -1.90 -27.07 -15.69
N LEU B 206 -1.06 -28.08 -15.38
CA LEU B 206 -1.05 -29.38 -16.08
C LEU B 206 -2.31 -30.16 -15.80
N PHE B 207 -2.76 -30.21 -14.53
CA PHE B 207 -3.98 -30.92 -14.12
C PHE B 207 -5.19 -30.42 -14.87
N ILE B 208 -5.38 -29.09 -14.94
CA ILE B 208 -6.54 -28.52 -15.64
C ILE B 208 -6.42 -28.73 -17.17
N LEU B 209 -5.18 -28.77 -17.70
CA LEU B 209 -4.92 -29.03 -19.13
C LEU B 209 -5.32 -30.48 -19.46
N PHE B 210 -4.95 -31.43 -18.59
CA PHE B 210 -5.28 -32.84 -18.74
C PHE B 210 -6.79 -33.08 -18.65
N ILE B 211 -7.49 -32.30 -17.80
CA ILE B 211 -8.95 -32.32 -17.66
C ILE B 211 -9.59 -31.87 -18.99
N SER B 212 -9.03 -30.83 -19.63
CA SER B 212 -9.53 -30.34 -20.92
C SER B 212 -9.40 -31.42 -22.02
N TRP B 213 -8.37 -32.29 -21.91
CA TRP B 213 -8.04 -33.36 -22.84
C TRP B 213 -8.97 -34.58 -22.73
N THR B 214 -9.84 -34.63 -21.69
CA THR B 214 -10.83 -35.71 -21.54
C THR B 214 -11.93 -35.55 -22.63
N ALA B 215 -12.01 -34.35 -23.26
CA ALA B 215 -12.92 -34.02 -24.35
C ALA B 215 -12.63 -34.89 -25.60
N PHE B 216 -11.42 -35.49 -25.65
CA PHE B 216 -11.00 -36.37 -26.73
C PHE B 216 -11.56 -37.78 -26.58
N TRP B 217 -12.23 -38.06 -25.44
CA TRP B 217 -12.87 -39.33 -25.14
C TRP B 217 -14.40 -39.16 -25.03
N SER B 218 -14.91 -38.01 -25.49
CA SER B 218 -16.32 -37.66 -25.46
C SER B 218 -16.80 -37.19 -26.83
N THR B 219 -18.05 -37.54 -27.17
CA THR B 219 -18.73 -37.16 -28.41
C THR B 219 -19.78 -36.07 -28.12
N SER B 220 -20.01 -35.77 -26.82
CA SER B 220 -20.97 -34.78 -26.32
C SER B 220 -20.42 -33.36 -26.45
N TYR B 221 -20.79 -32.65 -27.53
CA TYR B 221 -20.34 -31.29 -27.82
C TYR B 221 -20.57 -30.32 -26.68
N GLU B 222 -21.77 -30.32 -26.09
CA GLU B 222 -22.17 -29.45 -24.98
C GLU B 222 -21.29 -29.68 -23.73
N ALA B 223 -20.93 -30.95 -23.46
CA ALA B 223 -20.02 -31.34 -22.38
C ALA B 223 -18.59 -30.92 -22.72
N ASN B 224 -18.16 -31.15 -23.98
CA ASN B 224 -16.84 -30.78 -24.50
C ASN B 224 -16.58 -29.29 -24.41
N VAL B 225 -17.58 -28.48 -24.80
CA VAL B 225 -17.57 -27.01 -24.75
C VAL B 225 -17.36 -26.58 -23.28
N THR B 226 -18.13 -27.17 -22.35
CA THR B 226 -18.04 -26.92 -20.90
C THR B 226 -16.63 -27.25 -20.40
N LEU B 227 -16.09 -28.43 -20.75
CA LEU B 227 -14.75 -28.88 -20.35
C LEU B 227 -13.64 -27.93 -20.77
N VAL B 228 -13.56 -27.62 -22.08
CA VAL B 228 -12.49 -26.79 -22.63
C VAL B 228 -12.60 -25.32 -22.20
N VAL B 229 -13.81 -24.75 -22.21
CA VAL B 229 -14.04 -23.35 -21.87
C VAL B 229 -13.89 -23.10 -20.35
N SER B 230 -14.34 -24.03 -19.50
CA SER B 230 -14.22 -23.87 -18.04
C SER B 230 -12.76 -23.99 -17.60
N THR B 231 -12.01 -24.98 -18.15
CA THR B 231 -10.60 -25.14 -17.84
C THR B 231 -9.79 -23.96 -18.37
N LEU B 232 -10.23 -23.34 -19.49
CA LEU B 232 -9.56 -22.15 -20.03
C LEU B 232 -9.68 -21.00 -19.03
N ILE B 233 -10.87 -20.82 -18.44
CA ILE B 233 -11.09 -19.77 -17.43
C ILE B 233 -10.17 -19.98 -16.20
N ALA B 234 -10.04 -21.25 -15.73
CA ALA B 234 -9.15 -21.62 -14.63
C ALA B 234 -7.70 -21.29 -15.00
N GLN B 235 -7.29 -21.55 -16.26
CA GLN B 235 -5.94 -21.25 -16.77
C GLN B 235 -5.70 -19.76 -16.77
N ILE B 236 -6.69 -18.96 -17.23
CA ILE B 236 -6.62 -17.49 -17.23
C ILE B 236 -6.35 -16.95 -15.81
N ALA B 237 -6.98 -17.54 -14.77
CA ALA B 237 -6.77 -17.15 -13.36
C ALA B 237 -5.30 -17.39 -12.96
N PHE B 238 -4.72 -18.53 -13.34
CA PHE B 238 -3.32 -18.84 -13.08
C PHE B 238 -2.38 -17.90 -13.82
N ASN B 239 -2.67 -17.59 -15.10
CA ASN B 239 -1.88 -16.66 -15.93
C ASN B 239 -1.85 -15.27 -15.29
N ILE B 240 -3.02 -14.75 -14.87
CA ILE B 240 -3.14 -13.45 -14.18
C ILE B 240 -2.32 -13.47 -12.89
N LEU B 241 -2.49 -14.54 -12.06
CA LEU B 241 -1.76 -14.74 -10.80
C LEU B 241 -0.25 -14.67 -11.02
N VAL B 242 0.24 -15.38 -12.03
CA VAL B 242 1.65 -15.43 -12.42
C VAL B 242 2.19 -14.06 -12.88
N GLU B 243 1.56 -13.47 -13.91
CA GLU B 243 2.00 -12.22 -14.55
C GLU B 243 1.94 -11.00 -13.61
N THR B 244 1.11 -11.03 -12.55
CA THR B 244 1.00 -9.91 -11.60
C THR B 244 2.25 -9.72 -10.75
N ASN B 245 3.05 -10.79 -10.56
CA ASN B 245 4.27 -10.70 -9.77
C ASN B 245 5.53 -10.49 -10.63
N LEU B 246 5.33 -10.21 -11.93
CA LEU B 246 6.39 -9.94 -12.88
C LEU B 246 6.22 -8.57 -13.51
N PRO B 247 7.31 -7.82 -13.80
CA PRO B 247 7.14 -6.56 -14.54
C PRO B 247 6.95 -6.83 -16.05
N LYS B 248 6.48 -5.83 -16.79
CA LYS B 248 6.30 -5.91 -18.23
C LYS B 248 7.70 -5.80 -18.87
N THR B 249 8.16 -6.89 -19.48
CA THR B 249 9.49 -7.00 -20.10
C THR B 249 9.47 -6.78 -21.63
N PRO B 250 10.50 -6.15 -22.22
CA PRO B 250 10.52 -5.97 -23.67
C PRO B 250 11.03 -7.22 -24.41
N TYR B 251 11.09 -8.35 -23.70
CA TYR B 251 11.54 -9.65 -24.19
C TYR B 251 10.60 -10.74 -23.68
N MET B 252 10.69 -11.95 -24.26
CA MET B 252 9.87 -13.05 -23.81
C MET B 252 10.54 -13.74 -22.63
N THR B 253 9.76 -14.09 -21.61
CA THR B 253 10.25 -14.81 -20.44
C THR B 253 9.86 -16.27 -20.63
N TYR B 254 10.52 -17.20 -19.91
CA TYR B 254 10.25 -18.62 -20.01
C TYR B 254 8.78 -18.96 -19.67
N THR B 255 8.28 -18.39 -18.55
CA THR B 255 6.90 -18.56 -18.08
C THR B 255 5.89 -17.95 -19.08
N GLY B 256 6.25 -16.81 -19.67
CA GLY B 256 5.45 -16.10 -20.66
C GLY B 256 5.22 -16.93 -21.91
N ALA B 257 6.30 -17.62 -22.37
CA ALA B 257 6.33 -18.50 -23.53
C ALA B 257 5.43 -19.72 -23.30
N ILE B 258 5.50 -20.31 -22.07
CA ILE B 258 4.69 -21.46 -21.65
C ILE B 258 3.23 -21.07 -21.66
N ILE B 259 2.89 -19.94 -21.01
CA ILE B 259 1.54 -19.37 -20.94
C ILE B 259 0.96 -19.17 -22.35
N PHE B 260 1.77 -18.60 -23.27
CA PHE B 260 1.37 -18.36 -24.66
C PHE B 260 1.08 -19.67 -25.40
N MET B 261 1.96 -20.66 -25.23
CA MET B 261 1.85 -22.00 -25.81
C MET B 261 0.56 -22.69 -25.33
N ILE B 262 0.24 -22.59 -24.03
CA ILE B 262 -0.98 -23.17 -23.45
C ILE B 262 -2.22 -22.55 -24.11
N TYR B 263 -2.21 -21.22 -24.38
CA TYR B 263 -3.33 -20.55 -25.07
C TYR B 263 -3.59 -21.18 -26.44
N LEU B 264 -2.50 -21.47 -27.20
CA LEU B 264 -2.57 -22.11 -28.53
C LEU B 264 -3.19 -23.48 -28.41
N PHE B 265 -2.72 -24.30 -27.46
CA PHE B 265 -3.24 -25.63 -27.18
C PHE B 265 -4.73 -25.63 -26.84
N TYR B 266 -5.21 -24.62 -26.08
CA TYR B 266 -6.64 -24.47 -25.74
C TYR B 266 -7.43 -24.10 -26.98
N PHE B 267 -6.86 -23.20 -27.82
CA PHE B 267 -7.48 -22.74 -29.06
C PHE B 267 -7.62 -23.89 -30.06
N VAL B 268 -6.55 -24.71 -30.22
CA VAL B 268 -6.53 -25.89 -31.10
C VAL B 268 -7.53 -26.97 -30.60
N ALA B 269 -7.66 -27.17 -29.27
CA ALA B 269 -8.61 -28.12 -28.70
C ALA B 269 -10.06 -27.68 -28.97
N VAL B 270 -10.32 -26.35 -29.05
CA VAL B 270 -11.63 -25.81 -29.39
C VAL B 270 -11.89 -26.15 -30.87
N ILE B 271 -10.89 -25.93 -31.75
CA ILE B 271 -10.98 -26.26 -33.18
C ILE B 271 -11.36 -27.74 -33.34
N GLU B 272 -10.65 -28.66 -32.65
CA GLU B 272 -10.93 -30.10 -32.67
C GLU B 272 -12.38 -30.38 -32.26
N VAL B 273 -12.80 -29.90 -31.07
CA VAL B 273 -14.17 -30.05 -30.54
C VAL B 273 -15.23 -29.57 -31.57
N THR B 274 -14.99 -28.39 -32.20
CA THR B 274 -15.84 -27.77 -33.23
C THR B 274 -15.93 -28.65 -34.50
N VAL B 275 -14.76 -29.10 -35.02
CA VAL B 275 -14.61 -29.93 -36.21
C VAL B 275 -15.35 -31.26 -36.02
N GLN B 276 -15.06 -31.96 -34.91
CA GLN B 276 -15.68 -33.23 -34.53
C GLN B 276 -17.22 -33.10 -34.55
N HIS B 277 -17.77 -32.05 -33.94
CA HIS B 277 -19.21 -31.79 -33.90
C HIS B 277 -19.81 -31.53 -35.28
N TYR B 278 -19.15 -30.67 -36.09
CA TYR B 278 -19.59 -30.34 -37.45
C TYR B 278 -19.75 -31.61 -38.31
N LEU B 279 -18.77 -32.54 -38.21
CA LEU B 279 -18.77 -33.81 -38.93
C LEU B 279 -19.92 -34.74 -38.47
N LYS B 280 -20.14 -34.85 -37.14
CA LYS B 280 -21.22 -35.68 -36.57
CA LYS B 280 -21.22 -35.65 -36.53
C LYS B 280 -22.58 -35.18 -37.07
N VAL B 281 -22.78 -33.86 -37.12
CA VAL B 281 -24.02 -33.23 -37.60
C VAL B 281 -24.20 -33.45 -39.13
N GLU B 282 -23.08 -33.47 -39.88
CA GLU B 282 -23.01 -33.70 -41.32
C GLU B 282 -23.10 -35.18 -41.67
N SER B 283 -23.41 -36.03 -40.66
CA SER B 283 -23.54 -37.49 -40.76
C SER B 283 -22.25 -38.15 -41.26
N GLN B 284 -21.11 -37.69 -40.68
CA GLN B 284 -19.77 -38.21 -40.96
C GLN B 284 -19.04 -38.57 -39.64
N PRO B 285 -19.64 -39.40 -38.71
CA PRO B 285 -18.94 -39.70 -37.45
C PRO B 285 -17.66 -40.52 -37.59
N ALA B 286 -17.50 -41.24 -38.71
CA ALA B 286 -16.33 -42.05 -38.98
C ALA B 286 -15.09 -41.17 -39.14
N ARG B 287 -15.24 -40.01 -39.83
CA ARG B 287 -14.16 -39.04 -40.08
C ARG B 287 -13.78 -38.32 -38.79
N ALA B 288 -14.80 -37.94 -37.99
CA ALA B 288 -14.64 -37.29 -36.69
C ALA B 288 -13.90 -38.21 -35.74
N ALA B 289 -14.28 -39.49 -35.69
CA ALA B 289 -13.66 -40.53 -34.85
C ALA B 289 -12.17 -40.68 -35.11
N SER B 290 -11.75 -40.52 -36.38
CA SER B 290 -10.36 -40.61 -36.82
C SER B 290 -9.54 -39.44 -36.26
N ILE B 291 -10.12 -38.23 -36.27
CA ILE B 291 -9.52 -36.99 -35.78
C ILE B 291 -9.39 -37.05 -34.24
N THR B 292 -10.47 -37.41 -33.54
CA THR B 292 -10.52 -37.51 -32.07
C THR B 292 -9.51 -38.56 -31.56
N ARG B 293 -9.39 -39.70 -32.25
CA ARG B 293 -8.44 -40.76 -31.88
C ARG B 293 -6.99 -40.29 -32.05
N ALA B 294 -6.73 -39.51 -33.12
CA ALA B 294 -5.41 -38.95 -33.41
C ALA B 294 -5.05 -37.90 -32.35
N SER B 295 -6.03 -37.02 -31.98
CA SER B 295 -5.90 -35.98 -30.98
C SER B 295 -5.46 -36.50 -29.61
N ARG B 296 -5.95 -37.70 -29.21
CA ARG B 296 -5.60 -38.39 -27.95
C ARG B 296 -4.10 -38.60 -27.80
N ILE B 297 -3.39 -38.81 -28.92
CA ILE B 297 -1.93 -39.02 -28.94
C ILE B 297 -1.22 -37.71 -29.33
N ALA B 298 -1.68 -37.04 -30.41
CA ALA B 298 -1.09 -35.82 -30.95
C ALA B 298 -0.94 -34.71 -29.92
N PHE B 299 -2.02 -34.37 -29.18
CA PHE B 299 -1.97 -33.32 -28.14
C PHE B 299 -0.91 -33.57 -27.05
N PRO B 300 -0.88 -34.71 -26.31
CA PRO B 300 0.19 -34.90 -25.31
C PRO B 300 1.61 -34.94 -25.92
N VAL B 301 1.77 -35.54 -27.11
CA VAL B 301 3.07 -35.65 -27.81
C VAL B 301 3.59 -34.27 -28.25
N VAL B 302 2.74 -33.48 -28.94
CA VAL B 302 3.09 -32.12 -29.39
C VAL B 302 3.33 -31.21 -28.17
N PHE B 303 2.59 -31.42 -27.06
CA PHE B 303 2.79 -30.65 -25.83
C PHE B 303 4.15 -30.92 -25.23
N LEU B 304 4.54 -32.20 -25.15
CA LEU B 304 5.84 -32.61 -24.62
C LEU B 304 6.98 -32.11 -25.50
N LEU B 305 6.86 -32.24 -26.84
CA LEU B 305 7.88 -31.79 -27.79
C LEU B 305 8.08 -30.27 -27.76
N ALA B 306 6.97 -29.50 -27.76
CA ALA B 306 6.99 -28.03 -27.70
C ALA B 306 7.67 -27.55 -26.41
N ASN B 307 7.48 -28.26 -25.28
CA ASN B 307 8.10 -27.93 -24.01
C ASN B 307 9.59 -28.22 -24.02
N ILE B 308 10.02 -29.30 -24.70
CA ILE B 308 11.43 -29.66 -24.86
C ILE B 308 12.12 -28.56 -25.67
N ILE B 309 11.49 -28.13 -26.80
CA ILE B 309 11.99 -27.05 -27.67
C ILE B 309 12.14 -25.74 -26.86
N LEU B 310 11.10 -25.36 -26.07
CA LEU B 310 11.13 -24.14 -25.23
C LEU B 310 12.24 -24.16 -24.19
N ALA B 311 12.35 -25.27 -23.41
CA ALA B 311 13.38 -25.44 -22.40
C ALA B 311 14.77 -25.37 -23.03
N PHE B 312 14.92 -25.92 -24.25
CA PHE B 312 16.17 -25.88 -24.99
C PHE B 312 16.53 -24.45 -25.37
N LEU B 313 15.57 -23.69 -25.93
CA LEU B 313 15.77 -22.29 -26.34
C LEU B 313 16.08 -21.35 -25.18
N PHE B 314 15.50 -21.59 -24.00
CA PHE B 314 15.72 -20.76 -22.82
C PHE B 314 16.87 -21.19 -21.89
N PHE B 315 17.27 -22.49 -21.87
CA PHE B 315 18.31 -22.97 -20.95
C PHE B 315 19.49 -23.71 -21.61
N VAL C 5 33.02 12.27 25.40
CA VAL C 5 33.14 11.33 26.53
C VAL C 5 33.62 9.95 26.05
N SER C 6 34.58 9.38 26.78
CA SER C 6 35.17 8.07 26.51
C SER C 6 34.52 7.00 27.45
N PRO C 7 34.69 5.67 27.20
CA PRO C 7 34.04 4.68 28.09
C PRO C 7 34.65 4.61 29.50
N PRO C 8 33.97 4.00 30.52
CA PRO C 8 34.57 3.94 31.86
C PRO C 8 35.88 3.14 31.86
N PRO C 9 36.93 3.61 32.56
CA PRO C 9 38.19 2.84 32.57
C PRO C 9 38.10 1.61 33.48
N PRO C 10 38.77 0.49 33.11
CA PRO C 10 38.68 -0.73 33.96
C PRO C 10 39.56 -0.65 35.22
N ILE C 11 39.09 -1.28 36.31
CA ILE C 11 39.84 -1.34 37.59
C ILE C 11 41.08 -2.23 37.39
N ALA C 12 40.90 -3.32 36.64
CA ALA C 12 41.86 -4.32 36.17
C ALA C 12 41.46 -4.39 34.72
N ASP C 13 41.83 -5.48 34.03
CA ASP C 13 41.56 -5.70 32.60
C ASP C 13 40.17 -6.39 32.24
N GLU C 14 39.20 -6.34 33.17
CA GLU C 14 37.86 -6.94 33.00
C GLU C 14 37.02 -6.25 31.90
N PRO C 15 36.11 -6.95 31.20
CA PRO C 15 35.28 -6.25 30.22
C PRO C 15 34.17 -5.44 30.91
N LEU C 16 33.59 -4.47 30.21
CA LEU C 16 32.49 -3.68 30.76
C LEU C 16 31.16 -4.40 30.51
N THR C 17 30.45 -4.75 31.60
CA THR C 17 29.17 -5.43 31.53
C THR C 17 28.02 -4.44 31.45
N VAL C 18 27.22 -4.55 30.39
CA VAL C 18 26.04 -3.74 30.21
C VAL C 18 24.87 -4.68 30.43
N ASN C 19 24.15 -4.49 31.55
CA ASN C 19 22.98 -5.28 31.90
C ASN C 19 21.81 -4.72 31.10
N THR C 20 21.05 -5.61 30.48
CA THR C 20 19.94 -5.22 29.60
C THR C 20 18.61 -5.84 30.01
N GLY C 21 17.55 -5.28 29.46
CA GLY C 21 16.17 -5.73 29.66
C GLY C 21 15.26 -5.13 28.64
N ILE C 22 14.27 -5.88 28.19
CA ILE C 22 13.25 -5.41 27.23
C ILE C 22 11.90 -5.70 27.86
N TYR C 23 11.05 -4.68 27.98
CA TYR C 23 9.69 -4.82 28.52
C TYR C 23 8.74 -4.44 27.39
N LEU C 24 8.04 -5.44 26.80
CA LEU C 24 7.11 -5.22 25.70
C LEU C 24 5.85 -4.49 26.13
N ILE C 25 5.59 -3.35 25.51
CA ILE C 25 4.38 -2.56 25.74
C ILE C 25 3.36 -2.95 24.66
N GLU C 26 3.81 -3.05 23.37
N GLU C 26 3.85 -3.14 23.41
CA GLU C 26 2.94 -3.43 22.25
CA GLU C 26 3.04 -3.52 22.26
C GLU C 26 3.67 -4.37 21.26
C GLU C 26 3.72 -4.48 21.31
N CYS C 27 2.89 -5.29 20.64
CA CYS C 27 3.29 -6.27 19.62
C CYS C 27 2.17 -6.22 18.63
N TYR C 28 2.47 -5.81 17.42
CA TYR C 28 1.46 -5.69 16.40
C TYR C 28 2.05 -5.98 15.03
N SER C 29 1.18 -6.02 14.02
CA SER C 29 1.50 -6.23 12.60
C SER C 29 2.45 -7.40 12.34
N LEU C 30 2.07 -8.62 12.74
CA LEU C 30 2.86 -9.78 12.37
C LEU C 30 2.44 -10.12 10.92
N ASP C 31 3.29 -9.73 9.96
CA ASP C 31 3.15 -9.95 8.54
C ASP C 31 3.85 -11.27 8.21
N ASP C 32 3.07 -12.30 7.86
CA ASP C 32 3.58 -13.64 7.53
C ASP C 32 4.39 -13.65 6.25
N LYS C 33 3.86 -12.98 5.20
CA LYS C 33 4.49 -12.89 3.88
C LYS C 33 5.83 -12.17 3.97
N ALA C 34 5.88 -11.07 4.74
CA ALA C 34 7.09 -10.26 4.94
C ALA C 34 8.01 -10.79 6.02
N GLU C 35 7.51 -11.72 6.89
CA GLU C 35 8.22 -12.32 8.01
C GLU C 35 8.76 -11.22 8.98
N THR C 36 7.92 -10.19 9.22
CA THR C 36 8.20 -9.06 10.10
C THR C 36 7.07 -8.84 11.10
N PHE C 37 7.40 -8.15 12.21
CA PHE C 37 6.48 -7.74 13.25
C PHE C 37 6.95 -6.41 13.84
N LYS C 38 6.01 -5.63 14.37
CA LYS C 38 6.33 -4.33 14.95
C LYS C 38 6.25 -4.44 16.46
N VAL C 39 7.17 -3.79 17.12
CA VAL C 39 7.29 -3.83 18.57
C VAL C 39 7.44 -2.41 19.13
N ASN C 40 6.79 -2.15 20.25
CA ASN C 40 6.90 -0.92 21.02
C ASN C 40 7.24 -1.37 22.44
N ALA C 41 8.43 -1.02 22.91
CA ALA C 41 8.92 -1.53 24.19
C ALA C 41 9.82 -0.57 24.93
N PHE C 42 10.15 -0.95 26.19
CA PHE C 42 11.12 -0.25 27.02
C PHE C 42 12.43 -1.00 26.87
N LEU C 43 13.54 -0.28 26.74
CA LEU C 43 14.87 -0.88 26.74
C LEU C 43 15.56 -0.28 27.92
N SER C 44 15.92 -1.14 28.87
CA SER C 44 16.64 -0.73 30.06
C SER C 44 18.10 -1.18 29.93
N LEU C 45 19.03 -0.29 30.29
CA LEU C 45 20.48 -0.55 30.29
C LEU C 45 21.05 -0.12 31.62
N SER C 46 22.03 -0.88 32.13
CA SER C 46 22.70 -0.58 33.40
C SER C 46 24.16 -1.01 33.36
N TRP C 47 25.05 -0.12 33.78
CA TRP C 47 26.49 -0.34 33.81
C TRP C 47 27.09 0.57 34.87
N LYS C 48 28.32 0.26 35.33
CA LYS C 48 29.05 1.05 36.33
C LYS C 48 30.04 2.01 35.67
N ASP C 49 29.97 3.30 36.04
CA ASP C 49 30.91 4.33 35.62
C ASP C 49 31.44 5.00 36.90
N ARG C 50 32.62 4.53 37.39
CA ARG C 50 33.25 5.04 38.62
C ARG C 50 33.53 6.55 38.62
N ARG C 51 33.70 7.15 37.43
CA ARG C 51 33.89 8.59 37.25
C ARG C 51 32.66 9.37 37.72
N LEU C 52 31.49 8.71 37.70
CA LEU C 52 30.18 9.28 38.07
C LEU C 52 29.83 9.09 39.53
N ALA C 53 30.65 8.29 40.27
CA ALA C 53 30.48 8.01 41.71
C ALA C 53 30.52 9.28 42.55
N PHE C 54 29.77 9.27 43.66
CA PHE C 54 29.64 10.39 44.59
C PHE C 54 29.31 9.93 46.02
N ASP C 55 29.43 10.84 47.01
CA ASP C 55 29.11 10.57 48.41
C ASP C 55 27.66 11.06 48.63
N PRO C 56 26.73 10.17 49.06
CA PRO C 56 25.33 10.61 49.25
C PRO C 56 25.11 11.59 50.40
N VAL C 57 25.97 11.55 51.45
CA VAL C 57 25.90 12.46 52.61
C VAL C 57 26.41 13.87 52.23
N ARG C 58 27.51 13.95 51.45
CA ARG C 58 28.11 15.20 50.99
C ARG C 58 27.26 15.91 49.93
N SER C 59 26.75 15.15 48.93
CA SER C 59 25.92 15.71 47.86
C SER C 59 24.48 15.96 48.29
N GLY C 60 24.06 15.35 49.40
CA GLY C 60 22.72 15.48 49.96
C GLY C 60 21.67 14.65 49.22
N VAL C 61 21.93 14.38 47.93
CA VAL C 61 21.11 13.60 47.00
C VAL C 61 21.57 12.14 46.96
N ARG C 62 20.62 11.21 46.85
CA ARG C 62 20.88 9.76 46.84
C ARG C 62 20.98 9.22 45.42
N VAL C 63 20.44 9.97 44.45
CA VAL C 63 20.39 9.64 43.02
C VAL C 63 20.59 10.92 42.22
N LYS C 64 21.44 10.88 41.17
CA LYS C 64 21.69 12.00 40.26
C LYS C 64 21.10 11.68 38.88
N THR C 65 20.33 12.62 38.31
CA THR C 65 19.72 12.51 36.99
C THR C 65 20.63 13.22 35.98
N TYR C 66 20.84 12.62 34.81
CA TYR C 66 21.69 13.17 33.76
C TYR C 66 20.98 13.21 32.40
N GLU C 67 21.49 14.04 31.49
CA GLU C 67 21.02 14.14 30.12
C GLU C 67 21.95 13.23 29.29
N PRO C 68 21.45 12.53 28.23
CA PRO C 68 22.32 11.61 27.47
C PRO C 68 23.67 12.16 27.03
N GLU C 69 23.67 13.43 26.61
CA GLU C 69 24.84 14.17 26.14
C GLU C 69 25.88 14.43 27.22
N ALA C 70 25.45 14.51 28.49
CA ALA C 70 26.32 14.78 29.62
C ALA C 70 27.25 13.62 30.00
N ILE C 71 26.84 12.37 29.75
CA ILE C 71 27.62 11.19 30.14
C ILE C 71 27.84 10.18 29.00
N TRP C 72 28.76 9.22 29.22
CA TRP C 72 29.03 8.14 28.27
C TRP C 72 27.90 7.13 28.33
N ILE C 73 27.39 6.74 27.15
CA ILE C 73 26.32 5.76 27.01
C ILE C 73 26.72 4.72 25.93
N PRO C 74 26.62 3.40 26.22
CA PRO C 74 27.02 2.40 25.21
C PRO C 74 26.12 2.43 23.97
N GLU C 75 26.72 2.27 22.78
CA GLU C 75 25.97 2.24 21.53
C GLU C 75 25.40 0.84 21.37
N ILE C 76 24.12 0.69 21.75
CA ILE C 76 23.40 -0.56 21.64
C ILE C 76 22.51 -0.50 20.40
N ARG C 77 22.58 -1.54 19.56
CA ARG C 77 21.76 -1.65 18.37
C ARG C 77 21.04 -3.00 18.33
N PHE C 78 20.03 -3.08 17.48
CA PHE C 78 19.31 -4.31 17.23
C PHE C 78 19.87 -4.88 15.93
N VAL C 79 20.16 -6.17 15.90
CA VAL C 79 20.67 -6.83 14.70
C VAL C 79 19.58 -6.95 13.62
N ASN C 80 18.45 -7.60 13.96
CA ASN C 80 17.39 -7.93 13.02
C ASN C 80 16.27 -6.89 12.86
N VAL C 81 16.65 -5.62 12.63
CA VAL C 81 15.68 -4.55 12.38
C VAL C 81 15.77 -4.07 10.92
N GLU C 82 14.63 -3.59 10.38
CA GLU C 82 14.55 -3.02 9.03
C GLU C 82 15.43 -1.75 9.01
N ASN C 83 15.05 -0.80 9.86
CA ASN C 83 15.72 0.46 10.04
C ASN C 83 16.09 0.60 11.52
N ALA C 84 17.02 1.49 11.87
CA ALA C 84 17.38 1.73 13.27
C ALA C 84 16.10 2.10 14.06
N ARG C 85 16.00 1.64 15.30
CA ARG C 85 14.85 1.90 16.17
C ARG C 85 14.61 3.41 16.39
N ASP C 86 13.35 3.76 16.63
CA ASP C 86 12.93 5.12 16.93
C ASP C 86 12.87 5.14 18.44
N ALA C 87 13.84 5.79 19.09
CA ALA C 87 13.93 5.81 20.56
C ALA C 87 13.79 7.18 21.20
N ASP C 88 13.25 7.20 22.43
CA ASP C 88 13.09 8.37 23.29
C ASP C 88 13.59 8.02 24.68
N VAL C 89 14.63 8.72 25.16
CA VAL C 89 15.20 8.46 26.49
C VAL C 89 14.19 8.93 27.53
N VAL C 90 13.80 8.01 28.43
CA VAL C 90 12.83 8.25 29.49
C VAL C 90 13.56 8.76 30.73
N ASP C 91 14.62 8.05 31.16
CA ASP C 91 15.38 8.41 32.36
C ASP C 91 16.79 7.86 32.35
N ILE C 92 17.71 8.61 33.00
CA ILE C 92 19.11 8.26 33.26
C ILE C 92 19.34 8.62 34.72
N SER C 93 19.66 7.63 35.56
CA SER C 93 19.88 7.79 37.00
C SER C 93 21.19 7.15 37.45
N VAL C 94 21.98 7.89 38.25
CA VAL C 94 23.26 7.41 38.76
C VAL C 94 23.17 7.29 40.28
N SER C 95 23.60 6.15 40.83
CA SER C 95 23.59 5.91 42.27
C SER C 95 24.99 6.28 42.85
N PRO C 96 25.18 6.41 44.20
CA PRO C 96 26.48 6.83 44.74
C PRO C 96 27.71 6.07 44.23
N ASP C 97 27.63 4.74 44.05
CA ASP C 97 28.75 3.93 43.57
C ASP C 97 29.09 4.13 42.08
N GLY C 98 28.26 4.89 41.35
CA GLY C 98 28.47 5.14 39.92
C GLY C 98 27.70 4.20 39.01
N THR C 99 26.71 3.47 39.58
CA THR C 99 25.88 2.57 38.78
C THR C 99 24.85 3.40 38.04
N VAL C 100 24.92 3.38 36.69
CA VAL C 100 24.03 4.10 35.78
C VAL C 100 22.84 3.21 35.45
N GLN C 101 21.64 3.79 35.48
CA GLN C 101 20.38 3.15 35.13
C GLN C 101 19.70 3.98 34.05
N TYR C 102 19.78 3.47 32.82
CA TYR C 102 19.25 4.09 31.61
C TYR C 102 17.94 3.40 31.20
N LEU C 103 16.98 4.21 30.74
CA LEU C 103 15.70 3.70 30.26
C LEU C 103 15.23 4.52 29.07
N GLU C 104 14.87 3.82 28.00
CA GLU C 104 14.31 4.43 26.79
C GLU C 104 13.10 3.66 26.35
N ARG C 105 12.23 4.33 25.61
CA ARG C 105 11.09 3.67 25.00
C ARG C 105 11.32 3.74 23.49
N PHE C 106 11.23 2.61 22.82
CA PHE C 106 11.46 2.53 21.39
C PHE C 106 10.35 1.81 20.64
N SER C 107 10.30 2.03 19.32
CA SER C 107 9.46 1.31 18.37
C SER C 107 10.41 0.84 17.25
N ALA C 108 10.22 -0.39 16.76
CA ALA C 108 11.04 -0.98 15.69
C ALA C 108 10.29 -2.05 14.91
N ARG C 109 10.61 -2.22 13.60
CA ARG C 109 10.07 -3.28 12.74
C ARG C 109 11.16 -4.33 12.69
N VAL C 110 10.85 -5.51 13.27
CA VAL C 110 11.76 -6.63 13.43
C VAL C 110 11.58 -7.68 12.33
N LEU C 111 12.70 -8.13 11.74
CA LEU C 111 12.80 -9.17 10.73
C LEU C 111 13.05 -10.46 11.47
N SER C 112 12.11 -11.38 11.45
CA SER C 112 12.28 -12.67 12.13
C SER C 112 11.68 -13.78 11.28
N PRO C 113 12.51 -14.76 10.82
CA PRO C 113 11.98 -15.83 9.96
C PRO C 113 10.96 -16.76 10.62
N LEU C 114 10.00 -17.23 9.84
CA LEU C 114 8.92 -18.09 10.31
C LEU C 114 8.94 -19.44 9.62
N ASP C 115 8.56 -20.50 10.37
CA ASP C 115 8.48 -21.87 9.85
C ASP C 115 7.02 -22.20 9.55
N PHE C 116 6.67 -22.22 8.24
CA PHE C 116 5.29 -22.44 7.82
C PHE C 116 4.90 -23.91 7.59
N ARG C 117 5.82 -24.85 7.89
CA ARG C 117 5.63 -26.30 7.72
C ARG C 117 4.30 -26.81 8.29
N ARG C 118 3.88 -26.35 9.48
CA ARG C 118 2.66 -26.79 10.15
C ARG C 118 1.47 -25.84 10.02
N TYR C 119 1.60 -24.79 9.19
CA TYR C 119 0.56 -23.78 8.97
C TYR C 119 -0.81 -24.42 8.59
N PRO C 120 -1.98 -23.96 9.14
CA PRO C 120 -2.19 -22.86 10.10
C PRO C 120 -2.16 -23.29 11.59
N PHE C 121 -1.55 -24.46 11.89
CA PHE C 121 -1.46 -25.04 13.25
C PHE C 121 -0.04 -24.91 13.78
N ASP C 122 0.64 -23.85 13.35
CA ASP C 122 2.02 -23.57 13.67
C ASP C 122 2.24 -22.66 14.87
N SER C 123 3.43 -22.79 15.46
CA SER C 123 3.92 -21.98 16.56
C SER C 123 5.25 -21.40 16.10
N GLN C 124 5.60 -20.24 16.63
CA GLN C 124 6.85 -19.58 16.24
C GLN C 124 7.59 -19.06 17.44
N THR C 125 8.90 -18.88 17.26
CA THR C 125 9.78 -18.24 18.23
C THR C 125 10.32 -17.02 17.48
N LEU C 126 9.76 -15.85 17.79
CA LEU C 126 10.20 -14.58 17.22
C LEU C 126 11.45 -14.13 18.01
N HIS C 127 12.47 -13.60 17.30
CA HIS C 127 13.71 -13.15 17.94
C HIS C 127 13.92 -11.66 17.86
N ILE C 128 14.51 -11.10 18.92
CA ILE C 128 14.93 -9.70 19.01
C ILE C 128 16.39 -9.79 19.46
N TYR C 129 17.34 -9.53 18.56
CA TYR C 129 18.76 -9.61 18.87
C TYR C 129 19.39 -8.26 19.23
N LEU C 130 19.88 -8.13 20.47
CA LEU C 130 20.56 -6.96 21.01
C LEU C 130 22.05 -7.11 20.80
N ILE C 131 22.72 -6.08 20.27
CA ILE C 131 24.17 -6.14 20.03
C ILE C 131 24.92 -4.84 20.43
N VAL C 132 26.17 -5.02 20.92
CA VAL C 132 27.12 -3.97 21.26
C VAL C 132 28.47 -4.31 20.62
N ARG C 133 29.15 -3.29 20.09
CA ARG C 133 30.48 -3.43 19.51
C ARG C 133 31.49 -2.81 20.49
N SER C 134 32.57 -3.56 20.77
CA SER C 134 33.65 -3.13 21.68
C SER C 134 34.42 -1.96 21.10
N VAL C 135 34.99 -1.16 21.98
CA VAL C 135 35.80 0.01 21.61
C VAL C 135 37.30 -0.33 21.75
N ASP C 136 38.18 0.53 21.18
CA ASP C 136 39.63 0.27 21.25
C ASP C 136 40.15 0.30 22.67
N THR C 137 39.57 1.17 23.50
CA THR C 137 39.94 1.32 24.90
C THR C 137 39.50 0.08 25.72
N ARG C 138 38.25 -0.44 25.54
CA ARG C 138 37.87 -1.66 26.26
C ARG C 138 36.75 -2.48 25.62
N ASN C 139 36.66 -3.76 26.02
CA ASN C 139 35.69 -4.73 25.57
C ASN C 139 34.38 -4.59 26.31
N ILE C 140 33.28 -4.43 25.54
CA ILE C 140 31.93 -4.30 26.10
C ILE C 140 31.19 -5.60 25.90
N VAL C 141 30.60 -6.12 26.98
CA VAL C 141 29.89 -7.40 27.02
C VAL C 141 28.44 -7.21 27.54
N LEU C 142 27.47 -7.92 26.96
CA LEU C 142 26.06 -7.81 27.35
C LEU C 142 25.59 -8.87 28.34
N ALA C 143 24.63 -8.50 29.20
CA ALA C 143 24.05 -9.39 30.20
C ALA C 143 22.56 -9.15 30.30
N VAL C 144 21.81 -10.10 30.86
CA VAL C 144 20.36 -9.99 31.02
C VAL C 144 20.00 -9.80 32.49
N ASP C 145 19.28 -8.70 32.81
CA ASP C 145 18.71 -8.46 34.15
C ASP C 145 17.28 -8.99 34.02
N LEU C 146 17.04 -10.23 34.50
CA LEU C 146 15.76 -10.93 34.38
C LEU C 146 14.59 -10.20 35.04
N GLU C 147 14.88 -9.38 36.07
CA GLU C 147 13.89 -8.57 36.79
C GLU C 147 13.35 -7.43 35.89
N LYS C 148 14.07 -7.14 34.78
CA LYS C 148 13.74 -6.07 33.86
C LYS C 148 13.35 -6.59 32.46
N VAL C 149 13.00 -7.89 32.37
CA VAL C 149 12.51 -8.55 31.16
C VAL C 149 11.03 -8.92 31.42
N GLY C 150 10.16 -8.57 30.48
CA GLY C 150 8.75 -8.85 30.63
C GLY C 150 7.89 -8.27 29.51
N LYS C 151 6.58 -8.33 29.70
CA LYS C 151 5.57 -7.83 28.77
C LYS C 151 4.28 -7.39 29.49
N ASN C 152 3.59 -6.41 28.89
CA ASN C 152 2.32 -5.89 29.38
C ASN C 152 1.23 -6.97 29.19
N ASP C 153 0.31 -7.11 30.18
CA ASP C 153 -0.80 -8.08 30.18
C ASP C 153 -1.73 -7.91 28.97
N ASP C 154 -1.93 -6.65 28.56
CA ASP C 154 -2.75 -6.22 27.43
C ASP C 154 -2.11 -6.52 26.05
N VAL C 155 -0.76 -6.80 25.97
CA VAL C 155 -0.03 -7.13 24.73
C VAL C 155 -0.80 -8.23 23.98
N PHE C 156 -1.43 -7.81 22.87
CA PHE C 156 -2.22 -8.65 22.00
C PHE C 156 -1.65 -8.58 20.58
N LEU C 157 -1.35 -9.74 20.03
CA LEU C 157 -0.86 -9.87 18.67
C LEU C 157 -2.02 -10.58 17.97
N THR C 158 -2.80 -9.81 17.17
CA THR C 158 -3.99 -10.26 16.44
C THR C 158 -3.70 -11.55 15.69
N GLY C 159 -4.50 -12.58 15.97
CA GLY C 159 -4.41 -13.92 15.38
C GLY C 159 -3.37 -14.82 15.99
N TRP C 160 -2.79 -14.41 17.11
CA TRP C 160 -1.75 -15.17 17.81
C TRP C 160 -1.97 -15.16 19.32
N ASP C 161 -1.48 -16.22 19.98
CA ASP C 161 -1.47 -16.36 21.44
C ASP C 161 -0.01 -16.17 21.84
N ILE C 162 0.25 -15.29 22.81
CA ILE C 162 1.62 -15.05 23.28
C ILE C 162 1.89 -15.99 24.46
N GLU C 163 2.79 -16.96 24.28
CA GLU C 163 3.15 -17.95 25.30
C GLU C 163 4.15 -17.42 26.33
N SER C 164 5.30 -16.86 25.88
CA SER C 164 6.35 -16.34 26.75
C SER C 164 7.28 -15.38 26.04
N PHE C 165 7.92 -14.50 26.83
CA PHE C 165 8.94 -13.56 26.39
C PHE C 165 10.09 -13.73 27.36
N THR C 166 11.14 -14.44 26.93
CA THR C 166 12.33 -14.71 27.73
C THR C 166 13.59 -14.31 26.95
N ALA C 167 14.74 -14.32 27.63
CA ALA C 167 16.04 -14.01 27.05
C ALA C 167 17.02 -15.12 27.34
N VAL C 168 17.86 -15.46 26.34
CA VAL C 168 18.94 -16.44 26.48
C VAL C 168 20.03 -15.61 27.17
N VAL C 169 20.23 -15.87 28.50
CA VAL C 169 21.10 -15.12 29.41
C VAL C 169 22.59 -15.10 28.99
N LYS C 170 23.07 -16.16 28.29
CA LYS C 170 24.47 -16.23 27.84
C LYS C 170 24.60 -15.50 26.50
N PRO C 171 25.40 -14.41 26.44
CA PRO C 171 25.56 -13.69 25.18
C PRO C 171 26.48 -14.43 24.19
N ALA C 172 26.28 -14.16 22.90
CA ALA C 172 27.09 -14.69 21.82
C ALA C 172 28.20 -13.67 21.55
N ASN C 173 29.40 -13.93 22.09
CA ASN C 173 30.57 -13.07 21.95
C ASN C 173 31.43 -13.58 20.81
N PHE C 174 31.57 -12.75 19.77
CA PHE C 174 32.27 -13.13 18.54
C PHE C 174 32.98 -11.94 17.91
N ALA C 175 34.06 -12.20 17.16
CA ALA C 175 34.79 -11.15 16.46
C ALA C 175 34.09 -10.80 15.17
N LEU C 176 34.06 -9.52 14.86
CA LEU C 176 33.49 -8.99 13.64
C LEU C 176 34.30 -7.76 13.27
N GLU C 177 34.98 -7.83 12.09
CA GLU C 177 35.83 -6.77 11.53
CA GLU C 177 35.85 -6.80 11.53
C GLU C 177 36.88 -6.28 12.55
N ASP C 178 37.63 -7.24 13.13
CA ASP C 178 38.72 -7.08 14.10
C ASP C 178 38.32 -6.40 15.43
N ARG C 179 37.04 -6.52 15.84
CA ARG C 179 36.54 -6.02 17.13
C ARG C 179 35.49 -6.97 17.70
N LEU C 180 35.43 -7.09 19.04
CA LEU C 180 34.47 -7.95 19.72
C LEU C 180 33.05 -7.39 19.56
N GLU C 181 32.07 -8.29 19.50
CA GLU C 181 30.65 -8.01 19.44
C GLU C 181 29.99 -8.91 20.47
N SER C 182 28.99 -8.40 21.19
CA SER C 182 28.29 -9.16 22.23
C SER C 182 26.80 -9.13 21.92
N LYS C 183 26.25 -10.28 21.51
CA LYS C 183 24.88 -10.44 21.08
C LYS C 183 24.00 -11.18 22.09
N LEU C 184 22.77 -10.67 22.35
CA LEU C 184 21.78 -11.31 23.22
C LEU C 184 20.55 -11.64 22.43
N ASP C 185 19.97 -12.82 22.69
CA ASP C 185 18.79 -13.32 22.03
C ASP C 185 17.56 -13.25 22.94
N TYR C 186 16.60 -12.35 22.59
CA TYR C 186 15.33 -12.23 23.30
C TYR C 186 14.35 -13.00 22.43
N GLN C 187 13.65 -13.96 23.03
CA GLN C 187 12.73 -14.84 22.33
C GLN C 187 11.27 -14.71 22.77
N LEU C 188 10.39 -14.40 21.80
CA LEU C 188 8.96 -14.25 21.99
C LEU C 188 8.28 -15.47 21.38
N ARG C 189 7.84 -16.40 22.22
CA ARG C 189 7.16 -17.63 21.80
C ARG C 189 5.68 -17.40 21.63
N ILE C 190 5.21 -17.61 20.41
CA ILE C 190 3.80 -17.41 20.03
C ILE C 190 3.22 -18.64 19.32
N SER C 191 1.90 -18.81 19.38
CA SER C 191 1.20 -19.88 18.68
C SER C 191 -0.02 -19.30 17.98
N ARG C 192 -0.23 -19.73 16.74
CA ARG C 192 -1.32 -19.25 15.90
C ARG C 192 -2.70 -19.69 16.37
N GLN C 193 -3.66 -18.74 16.37
CA GLN C 193 -5.06 -18.99 16.69
C GLN C 193 -5.69 -19.55 15.41
N TYR C 194 -5.69 -20.89 15.30
CA TYR C 194 -6.18 -21.61 14.11
C TYR C 194 -7.71 -21.66 13.95
N PHE C 195 -8.49 -21.30 15.03
CA PHE C 195 -9.95 -21.31 15.05
C PHE C 195 -10.60 -20.96 13.72
N SER C 196 -10.46 -19.68 13.29
CA SER C 196 -11.05 -19.10 12.09
C SER C 196 -10.85 -19.91 10.81
N TYR C 197 -9.70 -20.57 10.65
CA TYR C 197 -9.39 -21.39 9.47
C TYR C 197 -10.38 -22.52 9.24
N ILE C 198 -10.94 -23.08 10.33
CA ILE C 198 -11.91 -24.17 10.28
C ILE C 198 -13.23 -23.70 9.59
N PRO C 199 -14.02 -22.72 10.12
CA PRO C 199 -15.25 -22.33 9.42
C PRO C 199 -15.06 -21.54 8.13
N ASN C 200 -13.93 -20.80 7.98
CA ASN C 200 -13.69 -19.94 6.82
C ASN C 200 -13.00 -20.59 5.63
N ILE C 201 -12.11 -21.58 5.86
CA ILE C 201 -11.34 -22.22 4.78
C ILE C 201 -11.53 -23.73 4.72
N ILE C 202 -11.26 -24.46 5.82
CA ILE C 202 -11.32 -25.92 5.87
C ILE C 202 -12.72 -26.46 5.52
N LEU C 203 -13.77 -26.07 6.29
CA LEU C 203 -15.13 -26.56 6.05
C LEU C 203 -15.67 -26.15 4.66
N PRO C 204 -15.51 -24.88 4.17
CA PRO C 204 -15.96 -24.58 2.80
C PRO C 204 -15.33 -25.49 1.73
N MET C 205 -14.00 -25.77 1.83
CA MET C 205 -13.29 -26.66 0.91
C MET C 205 -13.90 -28.07 0.90
N LEU C 206 -14.29 -28.60 2.09
CA LEU C 206 -14.91 -29.92 2.22
C LEU C 206 -16.29 -29.94 1.62
N PHE C 207 -17.11 -28.89 1.88
CA PHE C 207 -18.47 -28.78 1.33
C PHE C 207 -18.47 -28.86 -0.18
N ILE C 208 -17.60 -28.07 -0.85
CA ILE C 208 -17.54 -28.07 -2.32
C ILE C 208 -16.98 -29.41 -2.85
N LEU C 209 -16.09 -30.08 -2.08
CA LEU C 209 -15.54 -31.39 -2.44
C LEU C 209 -16.66 -32.45 -2.39
N PHE C 210 -17.51 -32.40 -1.35
CA PHE C 210 -18.64 -33.31 -1.17
C PHE C 210 -19.69 -33.11 -2.26
N ILE C 211 -19.88 -31.84 -2.72
CA ILE C 211 -20.77 -31.48 -3.83
C ILE C 211 -20.25 -32.14 -5.12
N SER C 212 -18.91 -32.12 -5.34
CA SER C 212 -18.31 -32.75 -6.52
C SER C 212 -18.55 -34.27 -6.52
N TRP C 213 -18.64 -34.89 -5.32
CA TRP C 213 -18.85 -36.32 -5.09
C TRP C 213 -20.29 -36.80 -5.35
N THR C 214 -21.24 -35.86 -5.56
CA THR C 214 -22.63 -36.20 -5.89
C THR C 214 -22.68 -36.75 -7.33
N ALA C 215 -21.60 -36.52 -8.12
CA ALA C 215 -21.42 -37.01 -9.49
C ALA C 215 -21.35 -38.55 -9.51
N PHE C 216 -21.10 -39.17 -8.35
CA PHE C 216 -21.04 -40.62 -8.19
C PHE C 216 -22.44 -41.23 -8.06
N TRP C 217 -23.48 -40.39 -7.97
CA TRP C 217 -24.89 -40.80 -7.89
C TRP C 217 -25.65 -40.33 -9.14
N SER C 218 -24.92 -39.90 -10.17
CA SER C 218 -25.47 -39.41 -11.42
C SER C 218 -24.83 -40.11 -12.62
N THR C 219 -25.65 -40.38 -13.66
CA THR C 219 -25.23 -41.01 -14.91
C THR C 219 -25.17 -39.95 -16.03
N SER C 220 -25.66 -38.72 -15.74
CA SER C 220 -25.68 -37.58 -16.64
C SER C 220 -24.30 -36.94 -16.74
N TYR C 221 -23.54 -37.25 -17.82
CA TYR C 221 -22.19 -36.75 -18.08
C TYR C 221 -22.11 -35.23 -18.10
N GLU C 222 -23.05 -34.58 -18.80
CA GLU C 222 -23.14 -33.12 -18.94
C GLU C 222 -23.26 -32.45 -17.54
N ALA C 223 -24.11 -33.03 -16.66
CA ALA C 223 -24.30 -32.56 -15.29
C ALA C 223 -23.06 -32.84 -14.43
N ASN C 224 -22.47 -34.05 -14.60
CA ASN C 224 -21.25 -34.48 -13.91
C ASN C 224 -20.07 -33.57 -14.20
N VAL C 225 -19.89 -33.21 -15.48
CA VAL C 225 -18.85 -32.31 -15.98
C VAL C 225 -19.02 -30.94 -15.29
N THR C 226 -20.27 -30.41 -15.27
CA THR C 226 -20.64 -29.15 -14.62
C THR C 226 -20.28 -29.21 -13.12
N LEU C 227 -20.69 -30.28 -12.41
CA LEU C 227 -20.43 -30.48 -10.98
C LEU C 227 -18.95 -30.45 -10.62
N VAL C 228 -18.14 -31.31 -11.27
CA VAL C 228 -16.71 -31.45 -10.98
C VAL C 228 -15.89 -30.20 -11.39
N VAL C 229 -16.16 -29.64 -12.58
CA VAL C 229 -15.42 -28.50 -13.12
C VAL C 229 -15.81 -27.20 -12.40
N SER C 230 -17.08 -27.01 -12.02
CA SER C 230 -17.50 -25.80 -11.30
C SER C 230 -16.96 -25.78 -9.87
N THR C 231 -17.02 -26.94 -9.18
CA THR C 231 -16.47 -27.04 -7.83
C THR C 231 -14.94 -26.89 -7.85
N LEU C 232 -14.28 -27.31 -8.96
CA LEU C 232 -12.84 -27.13 -9.10
C LEU C 232 -12.50 -25.65 -9.13
N ILE C 233 -13.29 -24.84 -9.88
CA ILE C 233 -13.10 -23.40 -9.97
C ILE C 233 -13.25 -22.75 -8.57
N ALA C 234 -14.26 -23.17 -7.79
CA ALA C 234 -14.48 -22.70 -6.43
C ALA C 234 -13.29 -23.05 -5.54
N GLN C 235 -12.72 -24.25 -5.69
CA GLN C 235 -11.53 -24.71 -4.96
C GLN C 235 -10.33 -23.85 -5.30
N ILE C 236 -10.12 -23.55 -6.60
CA ILE C 236 -9.03 -22.68 -7.09
C ILE C 236 -9.10 -21.30 -6.40
N ALA C 237 -10.33 -20.74 -6.24
CA ALA C 237 -10.57 -19.47 -5.55
C ALA C 237 -10.02 -19.52 -4.11
N PHE C 238 -10.35 -20.60 -3.36
CA PHE C 238 -9.90 -20.84 -1.99
C PHE C 238 -8.39 -21.03 -1.91
N ASN C 239 -7.80 -21.80 -2.86
CA ASN C 239 -6.34 -22.04 -2.94
C ASN C 239 -5.59 -20.73 -3.12
N ILE C 240 -6.05 -19.87 -4.06
CA ILE C 240 -5.45 -18.55 -4.32
C ILE C 240 -5.55 -17.70 -3.05
N LEU C 241 -6.76 -17.64 -2.44
CA LEU C 241 -7.03 -16.90 -1.19
C LEU C 241 -6.05 -17.31 -0.08
N VAL C 242 -5.87 -18.62 0.11
CA VAL C 242 -4.96 -19.21 1.10
C VAL C 242 -3.49 -18.84 0.82
N GLU C 243 -2.97 -19.20 -0.36
CA GLU C 243 -1.56 -19.02 -0.74
C GLU C 243 -1.12 -17.55 -0.81
N THR C 244 -2.05 -16.58 -0.98
CA THR C 244 -1.71 -15.15 -1.05
C THR C 244 -1.24 -14.59 0.29
N ASN C 245 -1.64 -15.22 1.40
CA ASN C 245 -1.24 -14.78 2.74
C ASN C 245 -0.02 -15.55 3.28
N LEU C 246 0.61 -16.35 2.41
CA LEU C 246 1.79 -17.12 2.75
C LEU C 246 2.93 -16.77 1.82
N PRO C 247 4.19 -16.74 2.29
CA PRO C 247 5.31 -16.54 1.36
C PRO C 247 5.65 -17.84 0.63
N LYS C 248 6.41 -17.75 -0.46
CA LYS C 248 6.88 -18.88 -1.26
C LYS C 248 8.02 -19.52 -0.46
N THR C 249 7.78 -20.77 0.00
CA THR C 249 8.71 -21.54 0.84
C THR C 249 9.52 -22.59 0.04
N PRO C 250 10.81 -22.84 0.40
CA PRO C 250 11.56 -23.89 -0.32
C PRO C 250 11.24 -25.32 0.19
N TYR C 251 10.15 -25.46 0.94
CA TYR C 251 9.67 -26.69 1.55
C TYR C 251 8.16 -26.78 1.41
N MET C 252 7.60 -27.98 1.64
CA MET C 252 6.15 -28.17 1.59
C MET C 252 5.54 -27.78 2.93
N THR C 253 4.41 -27.04 2.89
CA THR C 253 3.67 -26.67 4.09
C THR C 253 2.49 -27.63 4.22
N TYR C 254 1.89 -27.73 5.41
CA TYR C 254 0.76 -28.62 5.65
C TYR C 254 -0.44 -28.28 4.75
N THR C 255 -0.78 -26.99 4.65
CA THR C 255 -1.88 -26.47 3.82
C THR C 255 -1.58 -26.72 2.32
N GLY C 256 -0.32 -26.54 1.93
CA GLY C 256 0.15 -26.76 0.57
C GLY C 256 -0.04 -28.19 0.11
N ALA C 257 0.26 -29.15 1.01
CA ALA C 257 0.13 -30.60 0.81
C ALA C 257 -1.35 -30.97 0.65
N ILE C 258 -2.24 -30.38 1.48
CA ILE C 258 -3.69 -30.58 1.44
C ILE C 258 -4.23 -30.10 0.11
N ILE C 259 -3.88 -28.85 -0.28
CA ILE C 259 -4.27 -28.22 -1.54
C ILE C 259 -3.85 -29.08 -2.73
N PHE C 260 -2.61 -29.62 -2.72
CA PHE C 260 -2.09 -30.48 -3.77
C PHE C 260 -2.88 -31.78 -3.88
N MET C 261 -3.18 -32.40 -2.73
CA MET C 261 -3.95 -33.64 -2.61
C MET C 261 -5.35 -33.44 -3.18
N ILE C 262 -6.02 -32.30 -2.84
CA ILE C 262 -7.35 -31.98 -3.36
C ILE C 262 -7.33 -31.89 -4.90
N TYR C 263 -6.27 -31.30 -5.51
CA TYR C 263 -6.12 -31.25 -6.97
C TYR C 263 -6.14 -32.66 -7.58
N LEU C 264 -5.40 -33.61 -6.95
CA LEU C 264 -5.35 -35.02 -7.38
C LEU C 264 -6.74 -35.64 -7.34
N PHE C 265 -7.46 -35.46 -6.21
CA PHE C 265 -8.82 -35.95 -6.01
C PHE C 265 -9.79 -35.42 -7.08
N TYR C 266 -9.66 -34.14 -7.48
CA TYR C 266 -10.49 -33.55 -8.53
C TYR C 266 -10.14 -34.15 -9.88
N PHE C 267 -8.84 -34.38 -10.13
CA PHE C 267 -8.34 -34.97 -11.36
C PHE C 267 -8.81 -36.40 -11.53
N VAL C 268 -8.75 -37.20 -10.44
CA VAL C 268 -9.20 -38.60 -10.41
C VAL C 268 -10.74 -38.68 -10.59
N ALA C 269 -11.51 -37.73 -9.99
CA ALA C 269 -12.98 -37.67 -10.15
C ALA C 269 -13.35 -37.37 -11.60
N VAL C 270 -12.52 -36.58 -12.33
CA VAL C 270 -12.73 -36.29 -13.76
C VAL C 270 -12.51 -37.60 -14.53
N ILE C 271 -11.41 -38.35 -14.21
CA ILE C 271 -11.10 -39.63 -14.83
C ILE C 271 -12.31 -40.58 -14.66
N GLU C 272 -12.86 -40.71 -13.43
CA GLU C 272 -14.04 -41.52 -13.14
C GLU C 272 -15.23 -41.11 -14.03
N VAL C 273 -15.61 -39.83 -14.00
CA VAL C 273 -16.70 -39.26 -14.79
C VAL C 273 -16.52 -39.58 -16.30
N THR C 274 -15.29 -39.40 -16.82
CA THR C 274 -14.90 -39.68 -18.22
C THR C 274 -15.04 -41.19 -18.55
N VAL C 275 -14.49 -42.08 -17.68
CA VAL C 275 -14.50 -43.54 -17.82
C VAL C 275 -15.94 -44.04 -17.85
N GLN C 276 -16.76 -43.65 -16.84
CA GLN C 276 -18.17 -44.00 -16.72
C GLN C 276 -18.92 -43.67 -18.01
N HIS C 277 -18.74 -42.46 -18.56
CA HIS C 277 -19.38 -42.00 -19.79
C HIS C 277 -18.95 -42.82 -21.00
N TYR C 278 -17.62 -43.05 -21.16
CA TYR C 278 -17.06 -43.83 -22.27
C TYR C 278 -17.69 -45.23 -22.35
N LEU C 279 -17.88 -45.89 -21.18
CA LEU C 279 -18.49 -47.22 -21.05
C LEU C 279 -19.96 -47.20 -21.44
N LYS C 280 -20.74 -46.20 -20.95
CA LYS C 280 -22.16 -46.05 -21.27
CA LYS C 280 -22.16 -46.00 -21.26
C LYS C 280 -22.36 -45.88 -22.78
N VAL C 281 -21.50 -45.09 -23.45
CA VAL C 281 -21.53 -44.85 -24.90
C VAL C 281 -21.15 -46.14 -25.67
N GLU C 282 -20.23 -46.95 -25.11
CA GLU C 282 -19.75 -48.23 -25.64
C GLU C 282 -20.73 -49.37 -25.36
N SER C 283 -21.93 -49.03 -24.82
CA SER C 283 -23.00 -49.96 -24.45
C SER C 283 -22.54 -50.98 -23.40
N GLN C 284 -21.83 -50.46 -22.38
CA GLN C 284 -21.33 -51.24 -21.24
C GLN C 284 -21.74 -50.58 -19.91
N PRO C 285 -23.05 -50.24 -19.66
CA PRO C 285 -23.41 -49.56 -18.40
C PRO C 285 -23.22 -50.40 -17.13
N ALA C 286 -23.19 -51.73 -17.27
CA ALA C 286 -22.99 -52.64 -16.14
C ALA C 286 -21.60 -52.45 -15.53
N ARG C 287 -20.56 -52.26 -16.39
CA ARG C 287 -19.16 -52.08 -15.98
C ARG C 287 -18.97 -50.70 -15.34
N ALA C 288 -19.61 -49.67 -15.93
CA ALA C 288 -19.60 -48.30 -15.44
C ALA C 288 -20.24 -48.24 -14.05
N ALA C 289 -21.40 -48.89 -13.87
CA ALA C 289 -22.14 -48.96 -12.60
C ALA C 289 -21.31 -49.54 -11.46
N SER C 290 -20.43 -50.51 -11.77
CA SER C 290 -19.54 -51.16 -10.81
C SER C 290 -18.48 -50.16 -10.31
N ILE C 291 -17.93 -49.35 -11.24
CA ILE C 291 -16.91 -48.33 -10.97
C ILE C 291 -17.51 -47.20 -10.12
N THR C 292 -18.68 -46.66 -10.54
CA THR C 292 -19.37 -45.57 -9.86
C THR C 292 -19.78 -45.97 -8.43
N ARG C 293 -20.24 -47.21 -8.24
CA ARG C 293 -20.62 -47.73 -6.91
C ARG C 293 -19.41 -47.85 -5.99
N ALA C 294 -18.26 -48.28 -6.55
CA ALA C 294 -16.99 -48.41 -5.83
C ALA C 294 -16.49 -47.01 -5.42
N SER C 295 -16.56 -46.03 -6.35
CA SER C 295 -16.16 -44.64 -6.16
C SER C 295 -16.85 -43.96 -4.98
N ARG C 296 -18.14 -44.27 -4.76
CA ARG C 296 -18.96 -43.76 -3.65
C ARG C 296 -18.35 -44.05 -2.28
N ILE C 297 -17.64 -45.19 -2.15
CA ILE C 297 -16.96 -45.57 -0.91
C ILE C 297 -15.46 -45.23 -0.98
N ALA C 298 -14.80 -45.60 -2.10
CA ALA C 298 -13.36 -45.40 -2.32
C ALA C 298 -12.91 -43.95 -2.11
N PHE C 299 -13.58 -42.97 -2.76
CA PHE C 299 -13.23 -41.55 -2.64
C PHE C 299 -13.27 -41.03 -1.19
N PRO C 300 -14.38 -41.13 -0.40
CA PRO C 300 -14.32 -40.65 0.99
C PRO C 300 -13.30 -41.40 1.87
N VAL C 301 -13.15 -42.73 1.67
CA VAL C 301 -12.22 -43.58 2.44
C VAL C 301 -10.76 -43.18 2.16
N VAL C 302 -10.37 -43.10 0.86
CA VAL C 302 -9.01 -42.70 0.46
C VAL C 302 -8.74 -41.25 0.87
N PHE C 303 -9.77 -40.37 0.86
CA PHE C 303 -9.60 -38.99 1.31
C PHE C 303 -9.29 -38.92 2.79
N LEU C 304 -10.03 -39.70 3.61
CA LEU C 304 -9.81 -39.77 5.05
C LEU C 304 -8.45 -40.37 5.39
N LEU C 305 -8.05 -41.47 4.72
CA LEU C 305 -6.75 -42.13 4.93
C LEU C 305 -5.57 -41.23 4.54
N ALA C 306 -5.64 -40.57 3.38
CA ALA C 306 -4.62 -39.64 2.89
C ALA C 306 -4.42 -38.47 3.86
N ASN C 307 -5.51 -38.00 4.49
CA ASN C 307 -5.46 -36.92 5.46
C ASN C 307 -4.80 -37.36 6.76
N ILE C 308 -5.06 -38.61 7.19
CA ILE C 308 -4.45 -39.20 8.39
C ILE C 308 -2.94 -39.31 8.15
N ILE C 309 -2.52 -39.80 6.96
CA ILE C 309 -1.11 -39.92 6.57
C ILE C 309 -0.42 -38.55 6.61
N LEU C 310 -1.06 -37.51 6.00
CA LEU C 310 -0.54 -36.15 5.96
C LEU C 310 -0.36 -35.54 7.34
N ALA C 311 -1.41 -35.62 8.19
CA ALA C 311 -1.39 -35.11 9.57
C ALA C 311 -0.30 -35.82 10.38
N PHE C 312 -0.09 -37.12 10.12
CA PHE C 312 0.94 -37.90 10.78
C PHE C 312 2.34 -37.40 10.38
N LEU C 313 2.58 -37.22 9.07
CA LEU C 313 3.86 -36.74 8.54
C LEU C 313 4.21 -35.32 9.00
N PHE C 314 3.20 -34.44 9.15
CA PHE C 314 3.42 -33.05 9.55
C PHE C 314 3.37 -32.81 11.07
N PHE C 315 2.76 -33.72 11.88
CA PHE C 315 2.61 -33.54 13.33
C PHE C 315 2.96 -34.79 14.17
N VAL D 5 16.93 21.18 33.88
CA VAL D 5 15.84 21.49 34.82
C VAL D 5 15.30 20.21 35.47
N SER D 6 15.12 20.25 36.80
CA SER D 6 14.60 19.17 37.62
C SER D 6 13.09 19.39 37.91
N PRO D 7 12.30 18.40 38.43
CA PRO D 7 10.87 18.67 38.68
C PRO D 7 10.61 19.65 39.83
N PRO D 8 9.39 20.24 39.97
CA PRO D 8 9.16 21.17 41.09
C PRO D 8 9.31 20.48 42.44
N PRO D 9 9.97 21.12 43.43
CA PRO D 9 10.11 20.47 44.74
C PRO D 9 8.80 20.51 45.54
N PRO D 10 8.49 19.47 46.34
CA PRO D 10 7.23 19.49 47.10
C PRO D 10 7.29 20.39 48.33
N ILE D 11 6.15 21.02 48.69
CA ILE D 11 6.02 21.87 49.88
C ILE D 11 6.15 21.00 51.12
N ALA D 12 5.55 19.80 51.06
CA ALA D 12 5.55 18.73 52.02
C ALA D 12 5.88 17.57 51.12
N ASP D 13 5.42 16.35 51.46
CA ASP D 13 5.66 15.11 50.69
C ASP D 13 4.52 14.68 49.69
N GLU D 14 3.67 15.64 49.27
CA GLU D 14 2.54 15.40 48.35
C GLU D 14 3.02 15.05 46.91
N PRO D 15 2.25 14.26 46.11
CA PRO D 15 2.71 13.98 44.74
C PRO D 15 2.44 15.18 43.84
N LEU D 16 3.13 15.26 42.69
CA LEU D 16 2.89 16.34 41.73
C LEU D 16 1.73 15.96 40.81
N THR D 17 0.65 16.75 40.83
CA THR D 17 -0.53 16.53 40.01
C THR D 17 -0.41 17.26 38.71
N VAL D 18 -0.51 16.50 37.61
CA VAL D 18 -0.51 17.03 36.27
C VAL D 18 -1.94 16.85 35.76
N ASN D 19 -2.66 17.96 35.64
CA ASN D 19 -4.04 17.98 35.12
C ASN D 19 -3.96 17.88 33.62
N THR D 20 -4.78 16.99 33.04
CA THR D 20 -4.77 16.74 31.60
C THR D 20 -6.14 16.94 30.96
N GLY D 21 -6.12 17.08 29.65
CA GLY D 21 -7.29 17.23 28.80
C GLY D 21 -6.95 16.91 27.37
N ILE D 22 -7.87 16.24 26.65
CA ILE D 22 -7.71 15.94 25.22
C ILE D 22 -8.95 16.50 24.53
N TYR D 23 -8.74 17.37 23.52
CA TYR D 23 -9.82 17.94 22.72
C TYR D 23 -9.62 17.43 21.29
N LEU D 24 -10.49 16.51 20.84
CA LEU D 24 -10.39 15.91 19.50
C LEU D 24 -10.76 16.89 18.41
N ILE D 25 -9.83 17.09 17.47
CA ILE D 25 -10.02 17.94 16.30
C ILE D 25 -10.43 17.05 15.11
N GLU D 26 -9.74 15.90 14.92
CA GLU D 26 -10.03 14.95 13.84
CA GLU D 26 -10.02 14.93 13.86
C GLU D 26 -9.89 13.49 14.34
N CYS D 27 -10.69 12.59 13.75
CA CYS D 27 -10.74 11.14 13.98
C CYS D 27 -10.91 10.57 12.62
N TYR D 28 -9.95 9.82 12.15
CA TYR D 28 -10.00 9.26 10.81
C TYR D 28 -9.31 7.90 10.76
N SER D 29 -9.41 7.23 9.61
CA SER D 29 -8.79 5.94 9.29
C SER D 29 -8.99 4.87 10.36
N LEU D 30 -10.24 4.52 10.69
CA LEU D 30 -10.46 3.40 11.59
C LEU D 30 -10.35 2.14 10.73
N ASP D 31 -9.19 1.48 10.81
CA ASP D 31 -8.83 0.25 10.12
C ASP D 31 -9.28 -0.92 11.01
N ASP D 32 -10.30 -1.67 10.60
CA ASP D 32 -10.84 -2.83 11.35
C ASP D 32 -9.85 -3.98 11.41
N LYS D 33 -9.23 -4.31 10.26
CA LYS D 33 -8.26 -5.40 10.13
C LYS D 33 -7.05 -5.14 10.98
N ALA D 34 -6.56 -3.89 11.02
CA ALA D 34 -5.39 -3.46 11.79
C ALA D 34 -5.71 -3.08 13.23
N GLU D 35 -7.01 -2.87 13.54
CA GLU D 35 -7.52 -2.46 14.86
C GLU D 35 -6.84 -1.14 15.35
N THR D 36 -6.66 -0.20 14.40
CA THR D 36 -6.05 1.11 14.63
C THR D 36 -6.98 2.22 14.12
N PHE D 37 -6.71 3.45 14.59
CA PHE D 37 -7.37 4.70 14.18
C PHE D 37 -6.40 5.84 14.32
N LYS D 38 -6.58 6.89 13.53
CA LYS D 38 -5.71 8.06 13.58
C LYS D 38 -6.46 9.20 14.26
N VAL D 39 -5.76 9.94 15.09
CA VAL D 39 -6.33 11.03 15.85
C VAL D 39 -5.46 12.29 15.71
N ASN D 40 -6.12 13.44 15.61
CA ASN D 40 -5.49 14.75 15.59
C ASN D 40 -6.22 15.53 16.68
N ALA D 41 -5.49 15.94 17.74
CA ALA D 41 -6.11 16.57 18.89
C ALA D 41 -5.23 17.57 19.59
N PHE D 42 -5.84 18.28 20.57
CA PHE D 42 -5.12 19.17 21.48
C PHE D 42 -4.87 18.38 22.75
N LEU D 43 -3.67 18.52 23.32
CA LEU D 43 -3.35 17.93 24.61
C LEU D 43 -3.01 19.10 25.49
N SER D 44 -3.81 19.28 26.54
CA SER D 44 -3.60 20.34 27.50
C SER D 44 -3.06 19.73 28.79
N LEU D 45 -2.04 20.38 29.39
CA LEU D 45 -1.41 19.95 30.64
C LEU D 45 -1.32 21.16 31.56
N SER D 46 -1.49 20.93 32.87
CA SER D 46 -1.42 21.99 33.88
C SER D 46 -0.90 21.45 35.20
N TRP D 47 0.08 22.14 35.77
CA TRP D 47 0.74 21.78 37.04
C TRP D 47 1.31 23.05 37.68
N LYS D 48 1.59 23.01 38.98
CA LYS D 48 2.19 24.14 39.71
C LYS D 48 3.71 23.96 39.86
N ASP D 49 4.45 25.02 39.50
CA ASP D 49 5.90 25.10 39.68
C ASP D 49 6.18 26.40 40.42
N ARG D 50 6.31 26.33 41.76
CA ARG D 50 6.56 27.49 42.65
C ARG D 50 7.80 28.30 42.30
N ARG D 51 8.81 27.65 41.68
CA ARG D 51 10.06 28.28 41.23
C ARG D 51 9.77 29.33 40.16
N LEU D 52 8.64 29.17 39.44
CA LEU D 52 8.18 30.04 38.36
C LEU D 52 7.27 31.18 38.83
N ALA D 53 6.91 31.21 40.13
CA ALA D 53 6.05 32.23 40.75
C ALA D 53 6.66 33.63 40.67
N PHE D 54 5.79 34.65 40.57
CA PHE D 54 6.17 36.05 40.44
C PHE D 54 5.11 37.00 41.01
N ASP D 55 5.51 38.24 41.30
CA ASP D 55 4.61 39.28 41.79
C ASP D 55 4.17 40.06 40.54
N PRO D 56 2.85 40.11 40.22
CA PRO D 56 2.41 40.82 39.01
C PRO D 56 2.65 42.33 39.04
N VAL D 57 2.73 42.91 40.26
CA VAL D 57 2.96 44.32 40.54
C VAL D 57 4.36 44.76 40.04
N ARG D 58 5.43 44.11 40.55
CA ARG D 58 6.82 44.43 40.17
C ARG D 58 7.18 43.96 38.77
N SER D 59 6.48 42.94 38.24
CA SER D 59 6.72 42.38 36.91
C SER D 59 6.04 43.20 35.80
N GLY D 60 4.86 43.76 36.10
CA GLY D 60 4.07 44.54 35.16
C GLY D 60 3.21 43.68 34.24
N VAL D 61 3.39 42.34 34.34
CA VAL D 61 2.66 41.33 33.57
C VAL D 61 1.85 40.42 34.48
N ARG D 62 0.64 40.08 34.04
CA ARG D 62 -0.30 39.21 34.75
C ARG D 62 -0.06 37.72 34.40
N VAL D 63 0.77 37.47 33.37
CA VAL D 63 1.09 36.17 32.81
C VAL D 63 2.49 36.19 32.14
N LYS D 64 3.20 35.04 32.18
CA LYS D 64 4.51 34.88 31.58
C LYS D 64 4.53 33.71 30.59
N THR D 65 4.96 33.96 29.35
CA THR D 65 5.07 32.94 28.29
C THR D 65 6.49 32.40 28.28
N TYR D 66 6.64 31.07 28.13
CA TYR D 66 7.94 30.40 28.12
C TYR D 66 8.10 29.46 26.93
N GLU D 67 9.36 29.13 26.61
CA GLU D 67 9.73 28.18 25.58
C GLU D 67 9.90 26.83 26.30
N PRO D 68 9.52 25.68 25.68
CA PRO D 68 9.62 24.39 26.38
C PRO D 68 10.96 24.09 27.07
N GLU D 69 12.06 24.47 26.40
CA GLU D 69 13.43 24.29 26.86
C GLU D 69 13.78 25.13 28.09
N ALA D 70 13.08 26.27 28.29
CA ALA D 70 13.33 27.17 29.41
C ALA D 70 12.86 26.66 30.77
N ILE D 71 11.80 25.82 30.79
CA ILE D 71 11.23 25.32 32.05
C ILE D 71 11.07 23.79 32.09
N TRP D 72 10.78 23.25 33.27
CA TRP D 72 10.54 21.80 33.45
C TRP D 72 9.14 21.49 32.92
N ILE D 73 9.04 20.43 32.10
CA ILE D 73 7.79 19.95 31.53
C ILE D 73 7.69 18.43 31.74
N PRO D 74 6.54 17.91 32.26
CA PRO D 74 6.46 16.45 32.48
C PRO D 74 6.51 15.66 31.19
N GLU D 75 7.22 14.52 31.18
CA GLU D 75 7.30 13.64 30.02
C GLU D 75 6.02 12.80 30.01
N ILE D 76 5.05 13.22 29.20
CA ILE D 76 3.78 12.53 29.08
C ILE D 76 3.83 11.74 27.78
N ARG D 77 3.55 10.44 27.86
CA ARG D 77 3.50 9.60 26.66
C ARG D 77 2.14 8.91 26.55
N PHE D 78 1.82 8.38 25.36
CA PHE D 78 0.62 7.58 25.12
C PHE D 78 1.07 6.13 25.15
N VAL D 79 0.28 5.28 25.83
CA VAL D 79 0.60 3.86 25.94
C VAL D 79 0.35 3.14 24.61
N ASN D 80 -0.88 3.22 24.12
CA ASN D 80 -1.34 2.48 22.96
C ASN D 80 -1.16 3.18 21.60
N VAL D 81 0.05 3.66 21.32
CA VAL D 81 0.40 4.27 20.03
C VAL D 81 1.40 3.39 19.28
N GLU D 82 1.36 3.44 17.94
CA GLU D 82 2.27 2.73 17.04
C GLU D 82 3.68 3.30 17.28
N ASN D 83 3.81 4.60 17.02
CA ASN D 83 5.04 5.35 17.22
C ASN D 83 4.70 6.54 18.11
N ALA D 84 5.72 7.18 18.70
CA ALA D 84 5.51 8.36 19.54
C ALA D 84 4.73 9.44 18.75
N ARG D 85 3.82 10.17 19.41
CA ARG D 85 3.00 11.20 18.78
C ARG D 85 3.85 12.29 18.15
N ASP D 86 3.31 12.92 17.11
CA ASP D 86 3.93 14.04 16.43
C ASP D 86 3.27 15.19 17.11
N ALA D 87 4.03 15.98 17.85
CA ALA D 87 3.46 17.11 18.57
C ALA D 87 4.12 18.45 18.26
N ASP D 88 3.32 19.52 18.35
CA ASP D 88 3.74 20.90 18.17
CA ASP D 88 3.73 20.90 18.16
C ASP D 88 3.19 21.73 19.33
N VAL D 89 4.09 22.33 20.14
CA VAL D 89 3.69 23.14 21.29
C VAL D 89 3.02 24.42 20.77
N VAL D 90 1.78 24.66 21.22
CA VAL D 90 0.99 25.82 20.84
C VAL D 90 1.29 26.96 21.83
N ASP D 91 1.19 26.71 23.15
CA ASP D 91 1.41 27.71 24.17
C ASP D 91 1.82 27.13 25.52
N ILE D 92 2.64 27.90 26.26
CA ILE D 92 3.08 27.65 27.64
C ILE D 92 2.91 28.98 28.37
N SER D 93 2.03 29.00 29.39
CA SER D 93 1.71 30.21 30.16
C SER D 93 1.82 29.97 31.65
N VAL D 94 2.50 30.89 32.36
CA VAL D 94 2.70 30.83 33.80
C VAL D 94 1.95 32.00 34.46
N SER D 95 1.11 31.70 35.45
CA SER D 95 0.35 32.70 36.21
C SER D 95 1.18 33.11 37.46
N PRO D 96 0.86 34.25 38.17
CA PRO D 96 1.70 34.67 39.31
C PRO D 96 2.05 33.60 40.34
N ASP D 97 1.10 32.72 40.70
CA ASP D 97 1.31 31.66 41.70
C ASP D 97 2.23 30.52 41.20
N GLY D 98 2.58 30.53 39.92
CA GLY D 98 3.45 29.53 39.32
C GLY D 98 2.69 28.39 38.68
N THR D 99 1.38 28.57 38.40
CA THR D 99 0.57 27.56 37.72
C THR D 99 0.88 27.62 36.23
N VAL D 100 1.42 26.52 35.70
CA VAL D 100 1.79 26.38 34.30
C VAL D 100 0.61 25.81 33.53
N GLN D 101 0.34 26.38 32.35
CA GLN D 101 -0.68 25.97 31.42
C GLN D 101 -0.02 25.71 30.08
N TYR D 102 0.13 24.42 29.75
CA TYR D 102 0.74 23.92 28.54
C TYR D 102 -0.34 23.43 27.56
N LEU D 103 -0.12 23.71 26.26
CA LEU D 103 -1.00 23.26 25.20
C LEU D 103 -0.19 22.88 23.97
N GLU D 104 -0.48 21.68 23.43
CA GLU D 104 0.15 21.18 22.22
C GLU D 104 -0.91 20.60 21.32
N ARG D 105 -0.62 20.54 20.03
CA ARG D 105 -1.48 19.88 19.08
C ARG D 105 -0.69 18.68 18.56
N PHE D 106 -1.29 17.49 18.61
CA PHE D 106 -0.62 16.28 18.19
C PHE D 106 -1.45 15.46 17.21
N SER D 107 -0.77 14.56 16.49
CA SER D 107 -1.36 13.55 15.63
C SER D 107 -0.69 12.22 16.05
N ALA D 108 -1.48 11.13 16.11
CA ALA D 108 -0.98 9.80 16.50
C ALA D 108 -1.84 8.69 15.92
N ARG D 109 -1.21 7.51 15.65
CA ARG D 109 -1.92 6.30 15.21
C ARG D 109 -2.06 5.44 16.45
N VAL D 110 -3.33 5.26 16.88
CA VAL D 110 -3.71 4.56 18.11
C VAL D 110 -4.10 3.11 17.85
N LEU D 111 -3.55 2.19 18.65
CA LEU D 111 -3.83 0.75 18.65
C LEU D 111 -4.95 0.52 19.68
N SER D 112 -6.13 0.13 19.25
CA SER D 112 -7.21 -0.14 20.18
C SER D 112 -7.99 -1.38 19.70
N PRO D 113 -8.06 -2.45 20.52
CA PRO D 113 -8.76 -3.69 20.08
C PRO D 113 -10.26 -3.53 19.88
N LEU D 114 -10.79 -4.28 18.90
CA LEU D 114 -12.21 -4.24 18.56
C LEU D 114 -12.88 -5.58 18.73
N ASP D 115 -14.16 -5.56 19.17
CA ASP D 115 -14.97 -6.76 19.36
C ASP D 115 -15.90 -6.95 18.15
N PHE D 116 -15.57 -7.91 17.27
CA PHE D 116 -16.32 -8.14 16.03
C PHE D 116 -17.49 -9.13 16.16
N ARG D 117 -17.78 -9.62 17.37
CA ARG D 117 -18.86 -10.56 17.67
C ARG D 117 -20.22 -10.18 17.04
N ARG D 118 -20.62 -8.89 17.12
CA ARG D 118 -21.91 -8.41 16.57
C ARG D 118 -21.80 -7.70 15.22
N TYR D 119 -20.63 -7.79 14.56
CA TYR D 119 -20.38 -7.17 13.24
C TYR D 119 -21.43 -7.61 12.19
N PRO D 120 -21.98 -6.69 11.33
CA PRO D 120 -21.70 -5.24 11.22
C PRO D 120 -22.63 -4.34 12.06
N PHE D 121 -23.27 -4.91 13.10
CA PHE D 121 -24.20 -4.18 13.99
C PHE D 121 -23.53 -4.00 15.36
N ASP D 122 -22.22 -3.74 15.33
CA ASP D 122 -21.37 -3.61 16.52
C ASP D 122 -21.09 -2.16 16.91
N SER D 123 -20.75 -1.98 18.18
CA SER D 123 -20.35 -0.73 18.80
C SER D 123 -19.00 -0.98 19.45
N GLN D 124 -18.18 0.06 19.57
CA GLN D 124 -16.85 -0.07 20.16
C GLN D 124 -16.57 1.06 21.12
N THR D 125 -15.63 0.80 22.06
CA THR D 125 -15.09 1.80 22.97
C THR D 125 -13.62 1.85 22.62
N LEU D 126 -13.22 2.90 21.90
CA LEU D 126 -11.82 3.14 21.54
C LEU D 126 -11.13 3.79 22.72
N HIS D 127 -9.90 3.37 23.03
CA HIS D 127 -9.14 3.92 24.16
C HIS D 127 -7.93 4.71 23.75
N ILE D 128 -7.64 5.77 24.50
CA ILE D 128 -6.44 6.59 24.37
C ILE D 128 -5.87 6.64 25.79
N TYR D 129 -4.78 5.91 26.05
CA TYR D 129 -4.15 5.85 27.38
C TYR D 129 -3.00 6.79 27.53
N LEU D 130 -3.16 7.76 28.45
CA LEU D 130 -2.16 8.77 28.78
C LEU D 130 -1.34 8.24 29.97
N ILE D 131 -0.01 8.31 29.93
CA ILE D 131 0.82 7.84 31.04
C ILE D 131 1.98 8.83 31.42
N VAL D 132 2.32 8.89 32.72
CA VAL D 132 3.45 9.65 33.27
C VAL D 132 4.21 8.74 34.24
N ARG D 133 5.53 8.75 34.15
CA ARG D 133 6.41 7.97 35.01
C ARG D 133 6.98 8.85 36.12
N SER D 134 6.98 8.34 37.36
CA SER D 134 7.52 9.08 38.51
C SER D 134 9.03 9.11 38.46
N VAL D 135 9.60 10.15 39.04
CA VAL D 135 11.05 10.35 39.11
C VAL D 135 11.55 10.03 40.52
N ASP D 136 12.89 9.88 40.70
CA ASP D 136 13.44 9.55 42.02
C ASP D 136 13.15 10.65 43.03
N THR D 137 13.19 11.92 42.58
CA THR D 137 12.95 13.11 43.38
C THR D 137 11.48 13.15 43.83
N ARG D 138 10.48 12.91 42.93
CA ARG D 138 9.09 12.89 43.39
C ARG D 138 8.11 12.07 42.51
N ASN D 139 6.95 11.73 43.11
CA ASN D 139 5.92 10.97 42.44
CA ASN D 139 5.83 10.98 42.52
C ASN D 139 4.98 11.89 41.66
N ILE D 140 4.85 11.59 40.36
CA ILE D 140 4.02 12.36 39.42
C ILE D 140 2.74 11.58 39.15
N VAL D 141 1.63 12.28 39.25
CA VAL D 141 0.29 11.73 39.16
C VAL D 141 -0.55 12.50 38.15
N LEU D 142 -1.36 11.79 37.37
CA LEU D 142 -2.21 12.40 36.35
C LEU D 142 -3.63 12.60 36.86
N ALA D 143 -4.29 13.67 36.40
CA ALA D 143 -5.67 14.01 36.74
C ALA D 143 -6.38 14.48 35.48
N VAL D 144 -7.72 14.46 35.48
CA VAL D 144 -8.54 14.91 34.35
C VAL D 144 -9.21 16.25 34.69
N ASP D 145 -8.97 17.28 33.86
CA ASP D 145 -9.65 18.58 33.93
C ASP D 145 -10.81 18.41 32.91
N LEU D 146 -12.01 18.10 33.40
CA LEU D 146 -13.19 17.83 32.58
C LEU D 146 -13.61 18.99 31.69
N GLU D 147 -13.28 20.23 32.10
CA GLU D 147 -13.55 21.45 31.34
C GLU D 147 -12.66 21.51 30.08
N LYS D 148 -11.59 20.69 30.03
CA LYS D 148 -10.64 20.66 28.93
C LYS D 148 -10.66 19.34 28.15
N VAL D 149 -11.76 18.56 28.30
CA VAL D 149 -12.01 17.31 27.58
C VAL D 149 -13.22 17.55 26.65
N GLY D 150 -13.07 17.19 25.39
CA GLY D 150 -14.12 17.37 24.40
C GLY D 150 -13.71 16.99 23.00
N LYS D 151 -14.59 17.34 22.05
CA LYS D 151 -14.40 17.08 20.62
C LYS D 151 -15.08 18.14 19.76
N ASN D 152 -14.53 18.41 18.58
CA ASN D 152 -15.10 19.32 17.59
C ASN D 152 -16.38 18.66 17.03
N ASP D 153 -17.43 19.48 16.76
CA ASP D 153 -18.74 19.03 16.22
C ASP D 153 -18.60 18.41 14.82
N ASP D 154 -17.59 18.89 14.05
CA ASP D 154 -17.26 18.43 12.70
C ASP D 154 -16.53 17.06 12.67
N VAL D 155 -16.03 16.54 13.85
CA VAL D 155 -15.34 15.24 13.98
C VAL D 155 -16.23 14.13 13.42
N PHE D 156 -15.81 13.61 12.26
CA PHE D 156 -16.50 12.57 11.52
C PHE D 156 -15.54 11.39 11.31
N LEU D 157 -15.98 10.19 11.72
CA LEU D 157 -15.23 8.97 11.54
C LEU D 157 -16.07 8.21 10.52
N THR D 158 -15.60 8.18 9.25
CA THR D 158 -16.25 7.54 8.10
C THR D 158 -16.71 6.12 8.46
N GLY D 159 -18.02 5.89 8.30
CA GLY D 159 -18.67 4.61 8.58
C GLY D 159 -19.01 4.35 10.03
N TRP D 160 -18.86 5.38 10.88
CA TRP D 160 -19.13 5.30 12.31
C TRP D 160 -19.87 6.52 12.82
N ASP D 161 -20.63 6.34 13.90
CA ASP D 161 -21.32 7.39 14.62
C ASP D 161 -20.55 7.57 15.93
N ILE D 162 -20.15 8.80 16.26
CA ILE D 162 -19.45 9.08 17.50
C ILE D 162 -20.48 9.40 18.61
N GLU D 163 -20.59 8.51 19.61
CA GLU D 163 -21.52 8.67 20.73
C GLU D 163 -21.04 9.61 21.82
N SER D 164 -19.81 9.38 22.35
CA SER D 164 -19.22 10.20 23.42
C SER D 164 -17.71 10.07 23.50
N PHE D 165 -17.06 11.11 24.05
CA PHE D 165 -15.64 11.15 24.34
C PHE D 165 -15.52 11.63 25.77
N THR D 166 -15.25 10.68 26.68
CA THR D 166 -15.11 10.94 28.11
C THR D 166 -13.78 10.36 28.62
N ALA D 167 -13.41 10.69 29.87
CA ALA D 167 -12.21 10.17 30.52
C ALA D 167 -12.59 9.55 31.87
N VAL D 168 -11.95 8.41 32.20
CA VAL D 168 -12.08 7.75 33.52
C VAL D 168 -11.16 8.61 34.41
N VAL D 169 -11.75 9.44 35.29
CA VAL D 169 -11.08 10.45 36.13
C VAL D 169 -10.00 9.90 37.10
N LYS D 170 -10.12 8.65 37.54
CA LYS D 170 -9.15 8.07 38.47
C LYS D 170 -8.01 7.37 37.71
N PRO D 171 -6.74 7.76 37.92
CA PRO D 171 -5.66 7.09 37.20
C PRO D 171 -5.29 5.72 37.78
N ALA D 172 -4.69 4.85 36.96
CA ALA D 172 -4.21 3.55 37.38
C ALA D 172 -2.79 3.76 37.91
N ASN D 173 -2.58 3.58 39.22
CA ASN D 173 -1.29 3.76 39.86
C ASN D 173 -0.61 2.39 40.08
N PHE D 174 0.53 2.13 39.41
CA PHE D 174 1.25 0.86 39.48
C PHE D 174 2.74 1.02 39.20
N ALA D 175 3.55 0.02 39.61
CA ALA D 175 4.99 0.03 39.42
C ALA D 175 5.39 -0.64 38.12
N LEU D 176 6.27 0.01 37.37
CA LEU D 176 6.80 -0.51 36.13
C LEU D 176 8.27 -0.16 36.09
N GLU D 177 9.15 -1.17 36.13
CA GLU D 177 10.62 -1.01 36.12
C GLU D 177 11.11 -0.14 37.30
N ASP D 178 10.68 -0.54 38.50
CA ASP D 178 10.95 0.05 39.81
C ASP D 178 10.63 1.55 39.93
N ARG D 179 9.59 1.98 39.22
CA ARG D 179 9.04 3.33 39.32
C ARG D 179 7.55 3.30 39.09
N LEU D 180 6.85 4.15 39.82
N LEU D 180 6.84 4.19 39.81
CA LEU D 180 5.42 4.35 39.78
CA LEU D 180 5.41 4.36 39.69
C LEU D 180 5.05 5.01 38.44
C LEU D 180 5.06 4.99 38.37
N GLU D 181 3.92 4.54 37.84
CA GLU D 181 3.37 5.02 36.56
C GLU D 181 1.92 5.38 36.81
N SER D 182 1.50 6.56 36.35
CA SER D 182 0.12 7.04 36.49
C SER D 182 -0.53 7.01 35.09
N LYS D 183 -1.63 6.25 34.92
CA LYS D 183 -2.27 6.05 33.62
C LYS D 183 -3.76 6.47 33.59
N LEU D 184 -4.10 7.35 32.64
CA LEU D 184 -5.47 7.82 32.40
C LEU D 184 -6.06 7.20 31.16
N ASP D 185 -7.33 6.78 31.26
CA ASP D 185 -8.09 6.16 30.19
C ASP D 185 -9.12 7.14 29.59
N TYR D 186 -8.85 7.58 28.34
CA TYR D 186 -9.76 8.42 27.55
C TYR D 186 -10.52 7.48 26.63
N GLN D 187 -11.86 7.46 26.76
CA GLN D 187 -12.73 6.56 26.01
C GLN D 187 -13.62 7.23 24.96
N LEU D 188 -13.47 6.82 23.70
CA LEU D 188 -14.26 7.30 22.58
C LEU D 188 -15.26 6.20 22.17
N ARG D 189 -16.53 6.39 22.55
CA ARG D 189 -17.60 5.43 22.27
C ARG D 189 -18.18 5.68 20.89
N ILE D 190 -18.08 4.67 20.03
CA ILE D 190 -18.56 4.73 18.64
C ILE D 190 -19.47 3.55 18.30
N SER D 191 -20.35 3.74 17.30
CA SER D 191 -21.23 2.66 16.80
C SER D 191 -21.20 2.67 15.29
N ARG D 192 -21.12 1.49 14.70
CA ARG D 192 -21.03 1.29 13.26
C ARG D 192 -22.30 1.65 12.51
N GLN D 193 -22.16 2.38 11.40
CA GLN D 193 -23.25 2.74 10.49
C GLN D 193 -23.45 1.51 9.60
N TYR D 194 -24.37 0.64 10.03
CA TYR D 194 -24.68 -0.63 9.38
C TYR D 194 -25.49 -0.50 8.07
N PHE D 195 -26.11 0.69 7.80
CA PHE D 195 -26.95 0.99 6.62
C PHE D 195 -26.51 0.24 5.36
N SER D 196 -25.34 0.61 4.81
CA SER D 196 -24.74 0.10 3.56
C SER D 196 -24.70 -1.42 3.45
N TYR D 197 -24.46 -2.13 4.54
CA TYR D 197 -24.41 -3.60 4.57
C TYR D 197 -25.69 -4.27 4.09
N ILE D 198 -26.85 -3.64 4.35
CA ILE D 198 -28.15 -4.15 3.95
C ILE D 198 -28.28 -4.19 2.39
N PRO D 199 -28.22 -3.05 1.63
CA PRO D 199 -28.33 -3.15 0.17
C PRO D 199 -27.13 -3.74 -0.56
N ASN D 200 -25.92 -3.63 0.00
CA ASN D 200 -24.69 -4.08 -0.66
C ASN D 200 -24.31 -5.54 -0.40
N ILE D 201 -24.62 -6.09 0.79
CA ILE D 201 -24.20 -7.46 1.16
C ILE D 201 -25.37 -8.37 1.52
N ILE D 202 -26.19 -7.98 2.51
CA ILE D 202 -27.31 -8.78 3.02
C ILE D 202 -28.32 -9.12 1.93
N LEU D 203 -28.95 -8.10 1.30
CA LEU D 203 -29.96 -8.31 0.25
C LEU D 203 -29.39 -9.07 -0.97
N PRO D 204 -28.20 -8.74 -1.54
CA PRO D 204 -27.66 -9.56 -2.64
C PRO D 204 -27.51 -11.04 -2.30
N MET D 205 -27.03 -11.38 -1.08
CA MET D 205 -26.89 -12.76 -0.62
C MET D 205 -28.23 -13.50 -0.61
N LEU D 206 -29.32 -12.80 -0.18
CA LEU D 206 -30.67 -13.37 -0.13
C LEU D 206 -31.20 -13.61 -1.52
N PHE D 207 -31.02 -12.64 -2.44
CA PHE D 207 -31.48 -12.75 -3.83
C PHE D 207 -30.91 -13.96 -4.52
N ILE D 208 -29.59 -14.19 -4.41
CA ILE D 208 -28.94 -15.34 -5.05
C ILE D 208 -29.36 -16.65 -4.37
N LEU D 209 -29.66 -16.62 -3.04
CA LEU D 209 -30.15 -17.79 -2.29
C LEU D 209 -31.55 -18.17 -2.78
N PHE D 210 -32.43 -17.16 -2.99
CA PHE D 210 -33.78 -17.36 -3.49
C PHE D 210 -33.78 -17.90 -4.92
N ILE D 211 -32.79 -17.48 -5.75
CA ILE D 211 -32.58 -17.96 -7.12
C ILE D 211 -32.22 -19.47 -7.05
N SER D 212 -31.36 -19.87 -6.08
CA SER D 212 -30.99 -21.28 -5.92
C SER D 212 -32.21 -22.15 -5.55
N TRP D 213 -33.19 -21.56 -4.85
CA TRP D 213 -34.43 -22.20 -4.41
C TRP D 213 -35.46 -22.43 -5.52
N THR D 214 -35.24 -21.85 -6.72
CA THR D 214 -36.13 -22.07 -7.87
C THR D 214 -35.95 -23.51 -8.38
N ALA D 215 -34.85 -24.19 -7.97
CA ALA D 215 -34.53 -25.58 -8.29
C ALA D 215 -35.59 -26.54 -7.68
N PHE D 216 -36.36 -26.04 -6.70
CA PHE D 216 -37.44 -26.79 -6.05
C PHE D 216 -38.72 -26.80 -6.89
N TRP D 217 -38.74 -26.03 -8.01
CA TRP D 217 -39.85 -25.97 -8.95
C TRP D 217 -39.43 -26.53 -10.32
N SER D 218 -38.29 -27.21 -10.36
CA SER D 218 -37.72 -27.81 -11.58
C SER D 218 -37.37 -29.27 -11.36
N THR D 219 -37.58 -30.09 -12.40
CA THR D 219 -37.27 -31.52 -12.40
C THR D 219 -36.01 -31.78 -13.25
N SER D 220 -35.53 -30.73 -13.97
CA SER D 220 -34.36 -30.74 -14.83
C SER D 220 -33.09 -30.69 -13.99
N TYR D 221 -32.44 -31.86 -13.76
CA TYR D 221 -31.21 -32.00 -12.98
C TYR D 221 -30.07 -31.12 -13.48
N GLU D 222 -29.83 -31.11 -14.80
CA GLU D 222 -28.79 -30.34 -15.47
C GLU D 222 -28.95 -28.82 -15.17
N ALA D 223 -30.21 -28.31 -15.23
CA ALA D 223 -30.56 -26.93 -14.91
C ALA D 223 -30.42 -26.67 -13.42
N ASN D 224 -30.88 -27.62 -12.57
CA ASN D 224 -30.78 -27.56 -11.10
C ASN D 224 -29.35 -27.46 -10.62
N VAL D 225 -28.45 -28.28 -11.20
CA VAL D 225 -27.02 -28.32 -10.91
C VAL D 225 -26.42 -26.93 -11.24
N THR D 226 -26.76 -26.38 -12.43
CA THR D 226 -26.35 -25.05 -12.88
C THR D 226 -26.81 -23.98 -11.88
N LEU D 227 -28.10 -24.00 -11.49
CA LEU D 227 -28.69 -23.04 -10.54
C LEU D 227 -27.99 -23.01 -9.19
N VAL D 228 -27.86 -24.17 -8.53
CA VAL D 228 -27.28 -24.27 -7.19
C VAL D 228 -25.76 -24.02 -7.17
N VAL D 229 -25.02 -24.57 -8.14
CA VAL D 229 -23.57 -24.44 -8.21
C VAL D 229 -23.14 -23.03 -8.66
N SER D 230 -23.88 -22.39 -9.58
CA SER D 230 -23.55 -21.04 -10.03
C SER D 230 -23.83 -20.00 -8.94
N THR D 231 -24.98 -20.15 -8.23
CA THR D 231 -25.31 -19.24 -7.13
C THR D 231 -24.35 -19.44 -5.97
N LEU D 232 -23.81 -20.67 -5.79
CA LEU D 232 -22.82 -20.94 -4.75
C LEU D 232 -21.55 -20.15 -5.03
N ILE D 233 -21.10 -20.12 -6.30
CA ILE D 233 -19.92 -19.36 -6.73
C ILE D 233 -20.11 -17.85 -6.44
N ALA D 234 -21.31 -17.31 -6.75
CA ALA D 234 -21.66 -15.91 -6.47
C ALA D 234 -21.60 -15.64 -4.96
N GLN D 235 -22.08 -16.59 -4.13
CA GLN D 235 -22.06 -16.51 -2.67
C GLN D 235 -20.62 -16.48 -2.16
N ILE D 236 -19.75 -17.35 -2.71
CA ILE D 236 -18.32 -17.42 -2.37
C ILE D 236 -17.66 -16.06 -2.60
N ALA D 237 -18.00 -15.35 -3.70
CA ALA D 237 -17.46 -14.01 -4.01
C ALA D 237 -17.84 -13.01 -2.91
N PHE D 238 -19.10 -13.04 -2.46
CA PHE D 238 -19.59 -12.18 -1.37
C PHE D 238 -18.90 -12.50 -0.04
N ASN D 239 -18.73 -13.81 0.27
CA ASN D 239 -18.05 -14.28 1.50
C ASN D 239 -16.63 -13.78 1.54
N ILE D 240 -15.87 -13.92 0.42
CA ILE D 240 -14.49 -13.45 0.30
C ILE D 240 -14.46 -11.93 0.50
N LEU D 241 -15.34 -11.19 -0.20
CA LEU D 241 -15.48 -9.74 -0.12
C LEU D 241 -15.69 -9.27 1.33
N VAL D 242 -16.58 -9.93 2.05
CA VAL D 242 -16.91 -9.67 3.44
C VAL D 242 -15.72 -9.93 4.38
N GLU D 243 -15.17 -11.18 4.38
CA GLU D 243 -14.09 -11.63 5.26
CA GLU D 243 -14.09 -11.58 5.29
C GLU D 243 -12.78 -10.86 5.07
N THR D 244 -12.55 -10.27 3.87
CA THR D 244 -11.30 -9.52 3.61
C THR D 244 -11.21 -8.22 4.41
N ASN D 245 -12.35 -7.65 4.84
CA ASN D 245 -12.38 -6.41 5.61
C ASN D 245 -12.46 -6.65 7.13
N LEU D 246 -12.32 -7.92 7.53
CA LEU D 246 -12.35 -8.33 8.93
C LEU D 246 -11.05 -9.05 9.30
N PRO D 247 -10.53 -8.88 10.54
CA PRO D 247 -9.36 -9.70 10.93
C PRO D 247 -9.83 -11.12 11.33
N LYS D 248 -8.89 -12.07 11.39
CA LYS D 248 -9.14 -13.44 11.81
C LYS D 248 -9.31 -13.41 13.34
N THR D 249 -10.53 -13.73 13.80
CA THR D 249 -10.91 -13.72 15.22
C THR D 249 -10.91 -15.12 15.86
N PRO D 250 -10.52 -15.25 17.15
CA PRO D 250 -10.56 -16.57 17.80
C PRO D 250 -11.96 -16.95 18.32
N TYR D 251 -12.98 -16.22 17.85
CA TYR D 251 -14.39 -16.39 18.20
C TYR D 251 -15.24 -16.26 16.94
N MET D 252 -16.49 -16.69 17.03
CA MET D 252 -17.41 -16.58 15.89
C MET D 252 -18.02 -15.18 15.90
N THR D 253 -18.12 -14.58 14.71
CA THR D 253 -18.75 -13.28 14.53
C THR D 253 -20.15 -13.53 13.98
N TYR D 254 -21.03 -12.55 14.08
CA TYR D 254 -22.41 -12.69 13.59
C TYR D 254 -22.46 -12.97 12.09
N THR D 255 -21.69 -12.22 11.29
CA THR D 255 -21.57 -12.37 9.84
C THR D 255 -20.96 -13.75 9.47
N GLY D 256 -19.98 -14.18 10.25
CA GLY D 256 -19.30 -15.46 10.08
C GLY D 256 -20.24 -16.65 10.23
N ALA D 257 -21.13 -16.56 11.25
CA ALA D 257 -22.16 -17.55 11.58
C ALA D 257 -23.18 -17.64 10.45
N ILE D 258 -23.60 -16.48 9.88
CA ILE D 258 -24.54 -16.39 8.76
C ILE D 258 -23.93 -17.04 7.54
N ILE D 259 -22.69 -16.67 7.19
CA ILE D 259 -21.91 -17.21 6.07
C ILE D 259 -21.82 -18.73 6.16
N PHE D 260 -21.53 -19.26 7.37
CA PHE D 260 -21.41 -20.69 7.63
C PHE D 260 -22.74 -21.41 7.41
N MET D 261 -23.83 -20.82 7.94
CA MET D 261 -25.19 -21.31 7.82
C MET D 261 -25.61 -21.41 6.34
N ILE D 262 -25.30 -20.37 5.54
CA ILE D 262 -25.59 -20.33 4.11
C ILE D 262 -24.88 -21.49 3.39
N TYR D 263 -23.62 -21.81 3.76
CA TYR D 263 -22.88 -22.95 3.18
C TYR D 263 -23.64 -24.24 3.40
N LEU D 264 -24.19 -24.45 4.62
CA LEU D 264 -25.00 -25.64 4.99
C LEU D 264 -26.23 -25.74 4.10
N PHE D 265 -26.97 -24.63 3.96
CA PHE D 265 -28.15 -24.53 3.13
C PHE D 265 -27.86 -24.87 1.66
N TYR D 266 -26.70 -24.43 1.12
CA TYR D 266 -26.31 -24.75 -0.26
C TYR D 266 -25.99 -26.23 -0.38
N PHE D 267 -25.30 -26.78 0.64
CA PHE D 267 -24.93 -28.19 0.68
C PHE D 267 -26.17 -29.09 0.73
N VAL D 268 -27.16 -28.73 1.57
CA VAL D 268 -28.42 -29.46 1.73
C VAL D 268 -29.25 -29.37 0.43
N ALA D 269 -29.26 -28.20 -0.26
CA ALA D 269 -29.96 -28.03 -1.53
C ALA D 269 -29.35 -28.92 -2.63
N VAL D 270 -28.02 -29.17 -2.58
CA VAL D 270 -27.33 -30.07 -3.52
C VAL D 270 -27.83 -31.50 -3.21
N ILE D 271 -27.87 -31.89 -1.91
CA ILE D 271 -28.37 -33.20 -1.48
C ILE D 271 -29.78 -33.42 -2.04
N GLU D 272 -30.70 -32.43 -1.86
CA GLU D 272 -32.07 -32.49 -2.37
C GLU D 272 -32.08 -32.72 -3.89
N VAL D 273 -31.37 -31.86 -4.65
CA VAL D 273 -31.26 -31.93 -6.11
C VAL D 273 -30.77 -33.33 -6.56
N THR D 274 -29.73 -33.87 -5.86
CA THR D 274 -29.14 -35.20 -6.10
C THR D 274 -30.15 -36.33 -5.83
N VAL D 275 -30.84 -36.29 -4.65
CA VAL D 275 -31.84 -37.27 -4.20
C VAL D 275 -33.00 -37.32 -5.19
N GLN D 276 -33.59 -36.14 -5.52
CA GLN D 276 -34.69 -36.00 -6.47
C GLN D 276 -34.34 -36.67 -7.82
N HIS D 277 -33.13 -36.41 -8.36
CA HIS D 277 -32.67 -36.99 -9.61
C HIS D 277 -32.51 -38.51 -9.54
N TYR D 278 -31.86 -39.02 -8.46
CA TYR D 278 -31.63 -40.45 -8.25
C TYR D 278 -32.98 -41.23 -8.29
N LEU D 279 -34.03 -40.67 -7.64
CA LEU D 279 -35.37 -41.25 -7.60
C LEU D 279 -36.04 -41.27 -8.97
N LYS D 280 -35.96 -40.15 -9.73
CA LYS D 280 -36.52 -40.04 -11.08
CA LYS D 280 -36.49 -40.00 -11.09
C LYS D 280 -35.89 -41.08 -12.01
N VAL D 281 -34.57 -41.30 -11.91
CA VAL D 281 -33.82 -42.28 -12.71
C VAL D 281 -34.23 -43.74 -12.29
N GLU D 282 -34.51 -43.94 -10.99
CA GLU D 282 -34.94 -45.22 -10.39
C GLU D 282 -36.43 -45.49 -10.63
N SER D 283 -37.08 -44.65 -11.46
CA SER D 283 -38.49 -44.71 -11.83
C SER D 283 -39.40 -44.57 -10.59
N GLN D 284 -39.05 -43.61 -9.72
CA GLN D 284 -39.80 -43.27 -8.51
C GLN D 284 -40.09 -41.74 -8.47
N PRO D 285 -40.69 -41.10 -9.53
CA PRO D 285 -40.93 -39.65 -9.48
C PRO D 285 -41.95 -39.19 -8.43
N ALA D 286 -42.82 -40.11 -7.98
CA ALA D 286 -43.83 -39.81 -6.97
C ALA D 286 -43.17 -39.47 -5.63
N ARG D 287 -42.11 -40.23 -5.26
CA ARG D 287 -41.36 -40.05 -4.00
C ARG D 287 -40.53 -38.76 -4.06
N ALA D 288 -39.91 -38.49 -5.21
CA ALA D 288 -39.12 -37.30 -5.48
C ALA D 288 -40.01 -36.06 -5.37
N ALA D 289 -41.21 -36.10 -5.98
CA ALA D 289 -42.20 -35.01 -5.97
C ALA D 289 -42.62 -34.61 -4.56
N SER D 290 -42.68 -35.59 -3.63
CA SER D 290 -43.05 -35.39 -2.23
C SER D 290 -41.95 -34.61 -1.50
N ILE D 291 -40.67 -34.95 -1.78
CA ILE D 291 -39.48 -34.32 -1.20
C ILE D 291 -39.35 -32.87 -1.71
N THR D 292 -39.44 -32.67 -3.04
CA THR D 292 -39.35 -31.35 -3.69
C THR D 292 -40.45 -30.40 -3.21
N ARG D 293 -41.69 -30.90 -3.04
CA ARG D 293 -42.82 -30.11 -2.55
C ARG D 293 -42.61 -29.69 -1.09
N ALA D 294 -42.03 -30.59 -0.26
CA ALA D 294 -41.71 -30.34 1.13
C ALA D 294 -40.60 -29.28 1.24
N SER D 295 -39.55 -29.40 0.37
CA SER D 295 -38.40 -28.50 0.29
C SER D 295 -38.80 -27.04 0.04
N ARG D 296 -39.84 -26.82 -0.79
CA ARG D 296 -40.40 -25.50 -1.13
C ARG D 296 -40.83 -24.72 0.11
N ILE D 297 -41.29 -25.42 1.16
CA ILE D 297 -41.70 -24.81 2.43
C ILE D 297 -40.59 -24.93 3.47
N ALA D 298 -40.01 -26.15 3.62
CA ALA D 298 -38.97 -26.46 4.61
C ALA D 298 -37.77 -25.52 4.55
N PHE D 299 -37.17 -25.32 3.34
CA PHE D 299 -36.02 -24.43 3.16
C PHE D 299 -36.28 -22.97 3.63
N PRO D 300 -37.31 -22.22 3.12
CA PRO D 300 -37.53 -20.87 3.66
C PRO D 300 -37.85 -20.81 5.16
N VAL D 301 -38.62 -21.79 5.68
CA VAL D 301 -39.02 -21.86 7.10
C VAL D 301 -37.80 -22.12 8.00
N VAL D 302 -36.98 -23.14 7.68
CA VAL D 302 -35.76 -23.47 8.44
C VAL D 302 -34.75 -22.30 8.34
N PHE D 303 -34.70 -21.62 7.18
CA PHE D 303 -33.81 -20.47 7.00
C PHE D 303 -34.19 -19.33 7.92
N LEU D 304 -35.51 -19.01 8.00
CA LEU D 304 -36.05 -17.97 8.85
C LEU D 304 -35.84 -18.30 10.32
N LEU D 305 -36.13 -19.56 10.74
CA LEU D 305 -35.96 -20.01 12.13
C LEU D 305 -34.51 -19.96 12.58
N ALA D 306 -33.58 -20.49 11.74
CA ALA D 306 -32.13 -20.50 12.02
C ALA D 306 -31.59 -19.07 12.19
N ASN D 307 -32.12 -18.11 11.42
CA ASN D 307 -31.73 -16.71 11.52
C ASN D 307 -32.24 -16.06 12.80
N ILE D 308 -33.45 -16.43 13.25
CA ILE D 308 -34.03 -15.94 14.50
C ILE D 308 -33.17 -16.45 15.67
N ILE D 309 -32.80 -17.75 15.64
CA ILE D 309 -31.93 -18.37 16.66
C ILE D 309 -30.58 -17.65 16.72
N LEU D 310 -29.94 -17.40 15.55
CA LEU D 310 -28.65 -16.71 15.45
C LEU D 310 -28.69 -15.29 16.01
N ALA D 311 -29.69 -14.49 15.58
CA ALA D 311 -29.90 -13.11 16.03
C ALA D 311 -30.12 -13.08 17.54
N PHE D 312 -30.84 -14.09 18.07
CA PHE D 312 -31.08 -14.21 19.50
C PHE D 312 -29.77 -14.47 20.25
N LEU D 313 -28.96 -15.45 19.79
CA LEU D 313 -27.68 -15.80 20.40
C LEU D 313 -26.66 -14.68 20.38
N PHE D 314 -26.67 -13.83 19.32
CA PHE D 314 -25.72 -12.74 19.17
C PHE D 314 -26.18 -11.38 19.72
N PHE D 315 -27.51 -11.13 19.80
CA PHE D 315 -28.03 -9.83 20.24
C PHE D 315 -28.96 -9.87 21.46
N VAL E 5 10.58 36.46 21.46
CA VAL E 5 9.76 37.54 20.88
C VAL E 5 8.27 37.36 21.23
N SER E 6 7.65 38.45 21.67
CA SER E 6 6.23 38.53 22.06
C SER E 6 5.41 39.13 20.89
N PRO E 7 4.05 39.06 20.88
CA PRO E 7 3.29 39.63 19.75
C PRO E 7 3.32 41.17 19.69
N PRO E 8 2.97 41.83 18.56
CA PRO E 8 2.99 43.30 18.53
C PRO E 8 2.01 43.90 19.53
N PRO E 9 2.40 44.97 20.27
CA PRO E 9 1.46 45.54 21.24
C PRO E 9 0.38 46.39 20.55
N PRO E 10 -0.87 46.41 21.08
CA PRO E 10 -1.91 47.21 20.41
C PRO E 10 -1.81 48.71 20.70
N ILE E 11 -2.22 49.55 19.72
CA ILE E 11 -2.22 51.02 19.85
C ILE E 11 -3.31 51.42 20.86
N ALA E 12 -4.45 50.73 20.78
CA ALA E 12 -5.64 50.76 21.62
C ALA E 12 -5.86 49.30 21.79
N ASP E 13 -7.02 48.89 22.27
CA ASP E 13 -7.41 47.50 22.55
C ASP E 13 -7.92 46.62 21.33
N GLU E 14 -7.60 47.05 20.09
CA GLU E 14 -8.01 46.36 18.85
C GLU E 14 -7.34 44.97 18.68
N PRO E 15 -7.99 43.99 18.01
CA PRO E 15 -7.31 42.70 17.80
C PRO E 15 -6.25 42.81 16.68
N LEU E 16 -5.30 41.87 16.66
CA LEU E 16 -4.28 41.87 15.60
C LEU E 16 -4.82 41.12 14.38
N THR E 17 -4.88 41.82 13.24
CA THR E 17 -5.37 41.25 11.98
C THR E 17 -4.23 40.64 11.18
N VAL E 18 -4.37 39.35 10.88
CA VAL E 18 -3.41 38.63 10.07
C VAL E 18 -4.12 38.38 8.74
N ASN E 19 -3.67 39.08 7.69
CA ASN E 19 -4.21 38.93 6.34
C ASN E 19 -3.60 37.69 5.75
N THR E 20 -4.43 36.83 5.13
CA THR E 20 -4.01 35.54 4.59
C THR E 20 -4.35 35.38 3.11
N GLY E 21 -3.69 34.42 2.48
CA GLY E 21 -3.85 34.06 1.09
C GLY E 21 -3.28 32.69 0.81
N ILE E 22 -3.97 31.90 -0.04
CA ILE E 22 -3.50 30.58 -0.45
C ILE E 22 -3.50 30.59 -1.96
N TYR E 23 -2.36 30.26 -2.58
CA TYR E 23 -2.22 30.18 -4.03
C TYR E 23 -1.85 28.74 -4.34
N LEU E 24 -2.80 27.97 -4.91
CA LEU E 24 -2.59 26.57 -5.23
C LEU E 24 -1.63 26.38 -6.38
N ILE E 25 -0.56 25.62 -6.14
CA ILE E 25 0.43 25.26 -7.15
C ILE E 25 0.07 23.87 -7.72
N GLU E 26 -0.28 22.91 -6.82
CA GLU E 26 -0.67 21.55 -7.22
CA GLU E 26 -0.67 21.54 -7.19
C GLU E 26 -1.84 21.04 -6.36
N CYS E 27 -2.67 20.17 -6.95
CA CYS E 27 -3.82 19.47 -6.38
C CYS E 27 -3.74 18.10 -6.94
N TYR E 28 -3.55 17.11 -6.08
CA TYR E 28 -3.40 15.74 -6.53
C TYR E 28 -3.97 14.79 -5.50
N SER E 29 -4.02 13.50 -5.86
CA SER E 29 -4.46 12.38 -5.05
C SER E 29 -5.80 12.60 -4.32
N LEU E 30 -6.89 12.88 -5.07
CA LEU E 30 -8.18 12.95 -4.44
C LEU E 30 -8.66 11.50 -4.27
N ASP E 31 -8.54 10.99 -3.04
CA ASP E 31 -8.94 9.65 -2.61
C ASP E 31 -10.40 9.72 -2.14
N ASP E 32 -11.32 9.12 -2.90
CA ASP E 32 -12.76 9.11 -2.57
C ASP E 32 -13.06 8.29 -1.32
N LYS E 33 -12.47 7.08 -1.24
CA LYS E 33 -12.65 6.16 -0.14
C LYS E 33 -12.15 6.77 1.18
N ALA E 34 -10.97 7.43 1.14
CA ALA E 34 -10.35 8.09 2.29
C ALA E 34 -10.88 9.50 2.55
N GLU E 35 -11.59 10.11 1.56
CA GLU E 35 -12.13 11.47 1.62
C GLU E 35 -11.01 12.52 1.90
N THR E 36 -9.83 12.30 1.26
CA THR E 36 -8.66 13.16 1.39
C THR E 36 -8.14 13.58 0.01
N PHE E 37 -7.35 14.67 -0.01
CA PHE E 37 -6.66 15.21 -1.17
C PHE E 37 -5.34 15.85 -0.74
N LYS E 38 -4.36 15.88 -1.64
CA LYS E 38 -3.07 16.46 -1.34
C LYS E 38 -2.95 17.81 -2.06
N VAL E 39 -2.39 18.76 -1.38
CA VAL E 39 -2.23 20.13 -1.89
C VAL E 39 -0.79 20.62 -1.71
N ASN E 40 -0.30 21.34 -2.69
CA ASN E 40 1.01 22.00 -2.67
C ASN E 40 0.70 23.45 -3.03
N ALA E 41 0.93 24.37 -2.10
CA ALA E 41 0.52 25.77 -2.28
C ALA E 41 1.42 26.77 -1.62
N PHE E 42 1.18 28.06 -1.92
CA PHE E 42 1.83 29.19 -1.25
C PHE E 42 0.87 29.65 -0.17
N LEU E 43 1.39 29.97 1.02
CA LEU E 43 0.61 30.55 2.10
C LEU E 43 1.26 31.89 2.35
N SER E 44 0.49 32.96 2.14
CA SER E 44 0.96 34.29 2.36
C SER E 44 0.27 34.83 3.61
N LEU E 45 1.04 35.52 4.48
CA LEU E 45 0.57 36.14 5.71
C LEU E 45 1.08 37.56 5.76
N SER E 46 0.27 38.49 6.28
CA SER E 46 0.62 39.90 6.41
C SER E 46 -0.04 40.51 7.64
N TRP E 47 0.76 41.22 8.45
CA TRP E 47 0.33 41.87 9.69
C TRP E 47 1.28 43.03 9.97
N LYS E 48 0.84 43.99 10.81
CA LYS E 48 1.65 45.15 11.21
C LYS E 48 2.35 44.92 12.55
N ASP E 49 3.66 45.16 12.59
CA ASP E 49 4.47 45.12 13.80
C ASP E 49 5.22 46.46 13.88
N ARG E 50 4.65 47.44 14.63
CA ARG E 50 5.19 48.79 14.81
C ARG E 50 6.63 48.83 15.35
N ARG E 51 7.04 47.79 16.11
CA ARG E 51 8.39 47.65 16.65
C ARG E 51 9.42 47.52 15.51
N LEU E 52 8.99 47.06 14.31
CA LEU E 52 9.82 46.84 13.13
C LEU E 52 9.83 48.03 12.14
N ALA E 53 9.12 49.13 12.49
CA ALA E 53 9.07 50.37 11.68
C ALA E 53 10.45 51.03 11.58
N PHE E 54 10.69 51.72 10.46
CA PHE E 54 11.96 52.41 10.19
C PHE E 54 11.77 53.60 9.26
N ASP E 55 12.77 54.49 9.18
CA ASP E 55 12.74 55.65 8.28
C ASP E 55 13.40 55.24 6.96
N PRO E 56 12.67 55.27 5.80
CA PRO E 56 13.31 54.86 4.53
C PRO E 56 14.37 55.84 4.00
N VAL E 57 14.33 57.10 4.47
CA VAL E 57 15.29 58.16 4.08
C VAL E 57 16.62 57.91 4.82
N ARG E 58 16.57 57.71 6.15
CA ARG E 58 17.72 57.45 7.00
C ARG E 58 18.34 56.07 6.73
N SER E 59 17.51 55.00 6.72
CA SER E 59 17.96 53.62 6.48
C SER E 59 18.43 53.38 5.04
N GLY E 60 18.05 54.27 4.12
CA GLY E 60 18.41 54.20 2.70
C GLY E 60 17.75 53.05 1.95
N VAL E 61 17.09 52.14 2.71
CA VAL E 61 16.36 50.95 2.25
C VAL E 61 14.85 51.17 2.29
N ARG E 62 14.16 50.66 1.27
CA ARG E 62 12.72 50.73 1.13
C ARG E 62 12.06 49.53 1.85
N VAL E 63 12.79 48.40 1.95
CA VAL E 63 12.32 47.14 2.54
C VAL E 63 13.47 46.46 3.33
N LYS E 64 13.12 45.72 4.40
CA LYS E 64 14.05 44.94 5.22
C LYS E 64 13.63 43.46 5.19
N THR E 65 14.60 42.57 4.95
CA THR E 65 14.39 41.12 4.92
C THR E 65 14.81 40.55 6.28
N TYR E 66 14.03 39.62 6.82
CA TYR E 66 14.30 38.99 8.11
C TYR E 66 14.24 37.47 8.04
N GLU E 67 14.87 36.81 9.03
CA GLU E 67 14.84 35.36 9.19
C GLU E 67 13.70 35.06 10.17
N PRO E 68 12.96 33.93 10.01
CA PRO E 68 11.80 33.69 10.91
C PRO E 68 12.08 33.82 12.41
N GLU E 69 13.27 33.36 12.84
CA GLU E 69 13.74 33.39 14.22
C GLU E 69 13.99 34.79 14.74
N ALA E 70 14.31 35.75 13.86
CA ALA E 70 14.59 37.14 14.23
C ALA E 70 13.37 37.95 14.66
N ILE E 71 12.17 37.61 14.16
CA ILE E 71 10.95 38.37 14.47
C ILE E 71 9.77 37.49 14.95
N TRP E 72 8.72 38.15 15.47
CA TRP E 72 7.49 37.47 15.89
C TRP E 72 6.70 37.09 14.66
N ILE E 73 6.23 35.84 14.59
CA ILE E 73 5.42 35.30 13.50
C ILE E 73 4.20 34.58 14.09
N PRO E 74 2.95 34.87 13.61
CA PRO E 74 1.79 34.18 14.18
C PRO E 74 1.78 32.68 13.89
N GLU E 75 1.35 31.88 14.87
CA GLU E 75 1.25 30.42 14.71
C GLU E 75 -0.06 30.15 14.01
N ILE E 76 0.02 29.94 12.70
CA ILE E 76 -1.13 29.63 11.85
C ILE E 76 -1.10 28.14 11.57
N ARG E 77 -2.22 27.46 11.81
CA ARG E 77 -2.36 26.03 11.54
C ARG E 77 -3.56 25.75 10.64
N PHE E 78 -3.61 24.56 10.07
CA PHE E 78 -4.75 24.10 9.28
C PHE E 78 -5.57 23.18 10.18
N VAL E 79 -6.89 23.34 10.18
CA VAL E 79 -7.78 22.51 11.00
C VAL E 79 -7.87 21.08 10.46
N ASN E 80 -8.29 20.94 9.20
CA ASN E 80 -8.58 19.67 8.57
C ASN E 80 -7.39 18.99 7.85
N VAL E 81 -6.25 18.86 8.54
CA VAL E 81 -5.07 18.17 7.99
C VAL E 81 -4.82 16.87 8.76
N GLU E 82 -4.22 15.87 8.07
CA GLU E 82 -3.85 14.59 8.65
C GLU E 82 -2.73 14.88 9.68
N ASN E 83 -1.63 15.44 9.19
CA ASN E 83 -0.48 15.82 9.98
C ASN E 83 -0.20 17.30 9.70
N ALA E 84 0.58 17.95 10.55
CA ALA E 84 0.96 19.36 10.35
C ALA E 84 1.61 19.50 8.97
N ARG E 85 1.34 20.63 8.29
CA ARG E 85 1.90 20.91 6.96
C ARG E 85 3.44 20.92 6.95
N ASP E 86 4.02 20.57 5.80
CA ASP E 86 5.44 20.56 5.55
C ASP E 86 5.67 21.91 4.88
N ALA E 87 6.26 22.86 5.59
CA ALA E 87 6.46 24.21 5.06
C ALA E 87 7.92 24.66 4.95
N ASP E 88 8.19 25.51 3.95
CA ASP E 88 9.48 26.16 3.68
C ASP E 88 9.23 27.64 3.49
N VAL E 89 9.85 28.48 4.35
CA VAL E 89 9.69 29.93 4.26
C VAL E 89 10.42 30.41 3.01
N VAL E 90 9.69 31.10 2.14
CA VAL E 90 10.23 31.65 0.89
C VAL E 90 10.78 33.06 1.15
N ASP E 91 10.00 33.95 1.81
CA ASP E 91 10.39 35.32 2.07
C ASP E 91 9.65 35.94 3.24
N ILE E 92 10.33 36.86 3.94
CA ILE E 92 9.82 37.71 5.03
C ILE E 92 10.34 39.12 4.71
N SER E 93 9.43 40.08 4.49
CA SER E 93 9.76 41.45 4.15
C SER E 93 9.00 42.45 5.01
N VAL E 94 9.72 43.46 5.52
CA VAL E 94 9.14 44.50 6.37
C VAL E 94 9.23 45.85 5.64
N SER E 95 8.11 46.58 5.60
CA SER E 95 8.05 47.90 4.96
C SER E 95 8.27 48.99 6.06
N PRO E 96 8.63 50.26 5.70
CA PRO E 96 8.91 51.29 6.72
C PRO E 96 7.87 51.45 7.85
N ASP E 97 6.56 51.30 7.56
CA ASP E 97 5.52 51.40 8.58
C ASP E 97 5.47 50.19 9.54
N GLY E 98 6.23 49.14 9.21
CA GLY E 98 6.32 47.92 9.99
C GLY E 98 5.42 46.80 9.50
N THR E 99 4.85 46.94 8.29
CA THR E 99 3.98 45.90 7.70
C THR E 99 4.84 44.73 7.24
N VAL E 100 4.61 43.57 7.85
CA VAL E 100 5.33 42.33 7.58
C VAL E 100 4.60 41.57 6.48
N GLN E 101 5.37 41.05 5.52
CA GLN E 101 4.88 40.23 4.41
C GLN E 101 5.65 38.92 4.42
N TYR E 102 4.97 37.88 4.87
CA TYR E 102 5.48 36.53 5.00
C TYR E 102 4.95 35.66 3.86
N LEU E 103 5.82 34.77 3.34
CA LEU E 103 5.44 33.82 2.30
C LEU E 103 6.16 32.51 2.50
N GLU E 104 5.39 31.42 2.47
CA GLU E 104 5.90 30.07 2.59
C GLU E 104 5.27 29.21 1.54
N ARG E 105 5.96 28.11 1.20
CA ARG E 105 5.40 27.12 0.30
C ARG E 105 5.22 25.86 1.14
N PHE E 106 4.02 25.29 1.12
CA PHE E 106 3.73 24.11 1.91
C PHE E 106 3.09 22.99 1.10
N SER E 107 3.14 21.77 1.64
CA SER E 107 2.43 20.59 1.13
C SER E 107 1.69 20.01 2.35
N ALA E 108 0.45 19.54 2.14
CA ALA E 108 -0.40 18.96 3.20
C ALA E 108 -1.43 17.99 2.64
N ARG E 109 -1.82 16.97 3.44
CA ARG E 109 -2.89 16.03 3.12
C ARG E 109 -4.11 16.50 3.89
N VAL E 110 -5.12 16.95 3.14
CA VAL E 110 -6.35 17.56 3.65
C VAL E 110 -7.50 16.56 3.72
N LEU E 111 -8.19 16.53 4.87
CA LEU E 111 -9.38 15.72 5.17
C LEU E 111 -10.58 16.57 4.84
N SER E 112 -11.34 16.20 3.81
CA SER E 112 -12.55 16.96 3.46
C SER E 112 -13.66 15.98 3.07
N PRO E 113 -14.80 15.98 3.80
CA PRO E 113 -15.89 15.03 3.47
C PRO E 113 -16.55 15.24 2.11
N LEU E 114 -16.97 14.13 1.48
CA LEU E 114 -17.57 14.15 0.16
C LEU E 114 -18.98 13.62 0.19
N ASP E 115 -19.87 14.20 -0.65
CA ASP E 115 -21.26 13.78 -0.79
C ASP E 115 -21.41 12.89 -2.03
N PHE E 116 -21.55 11.57 -1.82
CA PHE E 116 -21.60 10.59 -2.92
C PHE E 116 -23.02 10.31 -3.45
N ARG E 117 -24.04 11.03 -2.95
CA ARG E 117 -25.45 10.88 -3.35
C ARG E 117 -25.66 10.85 -4.87
N ARG E 118 -25.00 11.77 -5.61
CA ARG E 118 -25.16 11.86 -7.08
C ARG E 118 -24.03 11.17 -7.88
N TYR E 119 -23.15 10.40 -7.23
CA TYR E 119 -22.03 9.68 -7.86
C TYR E 119 -22.49 8.78 -9.03
N PRO E 120 -21.79 8.76 -10.19
CA PRO E 120 -20.55 9.48 -10.56
C PRO E 120 -20.77 10.85 -11.25
N PHE E 121 -21.97 11.43 -11.13
CA PHE E 121 -22.34 12.74 -11.71
C PHE E 121 -22.38 13.81 -10.59
N ASP E 122 -21.46 13.68 -9.62
CA ASP E 122 -21.38 14.53 -8.44
C ASP E 122 -20.35 15.65 -8.56
N SER E 123 -20.59 16.69 -7.77
CA SER E 123 -19.73 17.85 -7.62
C SER E 123 -19.43 17.99 -6.14
N GLN E 124 -18.27 18.54 -5.80
CA GLN E 124 -17.88 18.69 -4.42
C GLN E 124 -17.33 20.07 -4.15
N THR E 125 -17.40 20.48 -2.87
CA THR E 125 -16.78 21.70 -2.37
C THR E 125 -15.78 21.19 -1.34
N LEU E 126 -14.51 21.16 -1.73
CA LEU E 126 -13.41 20.77 -0.84
C LEU E 126 -13.05 21.98 0.02
N HIS E 127 -12.78 21.76 1.33
CA HIS E 127 -12.45 22.84 2.24
C HIS E 127 -11.03 22.77 2.75
N ILE E 128 -10.43 23.94 2.97
CA ILE E 128 -9.11 24.12 3.58
C ILE E 128 -9.36 25.16 4.67
N TYR E 129 -9.37 24.74 5.94
CA TYR E 129 -9.63 25.65 7.06
C TYR E 129 -8.38 26.14 7.74
N LEU E 130 -8.16 27.47 7.68
CA LEU E 130 -7.03 28.18 8.27
C LEU E 130 -7.44 28.66 9.64
N ILE E 131 -6.58 28.48 10.66
CA ILE E 131 -6.91 28.88 12.03
C ILE E 131 -5.73 29.51 12.77
N VAL E 132 -6.05 30.44 13.68
CA VAL E 132 -5.11 31.11 14.58
C VAL E 132 -5.67 31.12 16.01
N ARG E 133 -4.84 30.74 16.99
CA ARG E 133 -5.25 30.78 18.39
C ARG E 133 -4.65 32.03 19.03
N SER E 134 -5.51 32.83 19.68
CA SER E 134 -5.16 34.07 20.36
C SER E 134 -4.21 33.82 21.53
N VAL E 135 -3.40 34.83 21.86
CA VAL E 135 -2.46 34.74 22.97
C VAL E 135 -3.00 35.51 24.18
N ASP E 136 -2.41 35.30 25.37
CA ASP E 136 -2.90 35.99 26.58
C ASP E 136 -2.75 37.50 26.48
N THR E 137 -1.66 37.95 25.84
CA THR E 137 -1.35 39.36 25.62
C THR E 137 -2.36 40.01 24.67
N ARG E 138 -2.70 39.37 23.50
CA ARG E 138 -3.74 39.94 22.63
C ARG E 138 -4.45 38.94 21.72
N ASN E 139 -5.64 39.36 21.24
CA ASN E 139 -6.50 38.58 20.36
C ASN E 139 -6.05 38.70 18.91
N ILE E 140 -5.83 37.54 18.27
CA ILE E 140 -5.43 37.47 16.86
C ILE E 140 -6.63 37.04 16.03
N VAL E 141 -6.90 37.79 14.96
CA VAL E 141 -8.03 37.60 14.06
C VAL E 141 -7.54 37.45 12.59
N LEU E 142 -8.13 36.51 11.83
CA LEU E 142 -7.75 36.28 10.44
C LEU E 142 -8.59 37.08 9.45
N ALA E 143 -8.00 37.39 8.29
CA ALA E 143 -8.65 38.10 7.18
C ALA E 143 -8.15 37.52 5.85
N VAL E 144 -8.89 37.75 4.76
CA VAL E 144 -8.54 37.28 3.42
C VAL E 144 -8.09 38.45 2.54
N ASP E 145 -6.86 38.37 1.98
CA ASP E 145 -6.33 39.32 1.01
C ASP E 145 -6.64 38.64 -0.32
N LEU E 146 -7.73 39.06 -0.99
CA LEU E 146 -8.22 38.45 -2.23
C LEU E 146 -7.22 38.52 -3.39
N GLU E 147 -6.33 39.49 -3.37
CA GLU E 147 -5.27 39.69 -4.37
C GLU E 147 -4.19 38.57 -4.23
N LYS E 148 -4.21 37.85 -3.11
CA LYS E 148 -3.25 36.79 -2.82
C LYS E 148 -3.90 35.39 -2.72
N VAL E 149 -5.12 35.25 -3.26
CA VAL E 149 -5.88 34.01 -3.35
C VAL E 149 -5.99 33.63 -4.84
N GLY E 150 -5.68 32.39 -5.15
CA GLY E 150 -5.71 31.92 -6.53
C GLY E 150 -5.18 30.51 -6.72
N LYS E 151 -5.01 30.12 -8.00
CA LYS E 151 -4.51 28.80 -8.40
CA LYS E 151 -4.51 28.81 -8.41
C LYS E 151 -3.75 28.86 -9.73
N ASN E 152 -2.74 28.00 -9.88
CA ASN E 152 -1.92 27.84 -11.08
C ASN E 152 -2.84 27.33 -12.22
N ASP E 153 -2.62 27.80 -13.46
CA ASP E 153 -3.41 27.43 -14.65
C ASP E 153 -3.32 25.93 -14.95
N ASP E 154 -2.12 25.34 -14.71
CA ASP E 154 -1.78 23.94 -14.89
C ASP E 154 -2.39 22.99 -13.83
N VAL E 155 -2.90 23.51 -12.68
CA VAL E 155 -3.53 22.72 -11.61
C VAL E 155 -4.56 21.75 -12.22
N PHE E 156 -4.20 20.46 -12.19
CA PHE E 156 -5.00 19.36 -12.70
C PHE E 156 -5.22 18.33 -11.58
N LEU E 157 -6.48 18.01 -11.32
CA LEU E 157 -6.86 17.00 -10.35
C LEU E 157 -7.47 15.91 -11.22
N THR E 158 -6.70 14.82 -11.43
CA THR E 158 -7.05 13.66 -12.26
C THR E 158 -8.47 13.18 -11.96
N GLY E 159 -9.31 13.16 -13.00
CA GLY E 159 -10.70 12.74 -12.95
C GLY E 159 -11.68 13.80 -12.46
N TRP E 160 -11.20 15.03 -12.32
CA TRP E 160 -12.01 16.15 -11.83
C TRP E 160 -11.75 17.41 -12.64
N ASP E 161 -12.76 18.28 -12.69
CA ASP E 161 -12.70 19.60 -13.30
C ASP E 161 -12.69 20.59 -12.14
N ILE E 162 -11.72 21.52 -12.12
CA ILE E 162 -11.64 22.52 -11.05
C ILE E 162 -12.44 23.76 -11.49
N GLU E 163 -13.56 24.03 -10.81
CA GLU E 163 -14.44 25.16 -11.11
C GLU E 163 -13.93 26.48 -10.56
N SER E 164 -13.65 26.55 -9.24
CA SER E 164 -13.19 27.77 -8.56
C SER E 164 -12.50 27.49 -7.24
N PHE E 165 -11.64 28.43 -6.84
CA PHE E 165 -10.94 28.42 -5.56
C PHE E 165 -11.13 29.79 -4.97
N THR E 166 -12.05 29.89 -4.02
CA THR E 166 -12.39 31.15 -3.34
C THR E 166 -12.29 30.97 -1.83
N ALA E 167 -12.37 32.08 -1.08
CA ALA E 167 -12.34 32.09 0.36
C ALA E 167 -13.56 32.84 0.89
N VAL E 168 -14.18 32.32 1.97
CA VAL E 168 -15.27 32.97 2.67
C VAL E 168 -14.52 34.02 3.52
N VAL E 169 -14.61 35.31 3.11
CA VAL E 169 -13.89 36.46 3.67
C VAL E 169 -14.15 36.72 5.17
N LYS E 170 -15.35 36.37 5.68
CA LYS E 170 -15.70 36.57 7.09
C LYS E 170 -15.21 35.37 7.89
N PRO E 171 -14.26 35.60 8.83
CA PRO E 171 -13.77 34.48 9.65
C PRO E 171 -14.77 34.06 10.71
N ALA E 172 -14.72 32.78 11.09
CA ALA E 172 -15.53 32.23 12.15
C ALA E 172 -14.72 32.44 13.44
N ASN E 173 -15.14 33.40 14.27
CA ASN E 173 -14.46 33.71 15.54
C ASN E 173 -15.25 33.03 16.65
N PHE E 174 -14.56 32.19 17.44
CA PHE E 174 -15.18 31.40 18.50
C PHE E 174 -14.21 31.08 19.62
N ALA E 175 -14.74 30.79 20.81
CA ALA E 175 -13.94 30.43 21.97
C ALA E 175 -13.70 28.93 21.97
N LEU E 176 -12.43 28.55 22.15
CA LEU E 176 -12.02 27.16 22.26
C LEU E 176 -10.99 27.06 23.37
N GLU E 177 -11.32 26.30 24.43
CA GLU E 177 -10.48 26.09 25.62
C GLU E 177 -10.04 27.40 26.27
N ASP E 178 -11.02 28.27 26.54
CA ASP E 178 -10.90 29.58 27.20
C ASP E 178 -10.03 30.61 26.44
N ARG E 179 -9.89 30.47 25.11
CA ARG E 179 -9.16 31.41 24.24
C ARG E 179 -9.87 31.55 22.90
N LEU E 180 -9.80 32.76 22.30
CA LEU E 180 -10.38 33.02 20.99
C LEU E 180 -9.59 32.26 19.91
N GLU E 181 -10.32 31.82 18.89
CA GLU E 181 -9.85 31.10 17.73
C GLU E 181 -10.50 31.80 16.53
N SER E 182 -9.72 32.09 15.47
CA SER E 182 -10.23 32.74 14.25
C SER E 182 -10.00 31.81 13.05
N LYS E 183 -11.08 31.20 12.52
CA LYS E 183 -11.06 30.23 11.43
C LYS E 183 -11.51 30.81 10.10
N LEU E 184 -10.80 30.50 8.98
CA LEU E 184 -11.14 30.92 7.61
C LEU E 184 -11.41 29.71 6.76
N ASP E 185 -12.43 29.80 5.91
CA ASP E 185 -12.83 28.72 5.02
C ASP E 185 -12.43 28.99 3.57
N TYR E 186 -11.46 28.21 3.05
CA TYR E 186 -11.02 28.27 1.67
C TYR E 186 -11.71 27.13 0.95
N GLN E 187 -12.53 27.45 -0.06
CA GLN E 187 -13.34 26.47 -0.78
C GLN E 187 -12.90 26.22 -2.22
N LEU E 188 -12.59 24.96 -2.52
CA LEU E 188 -12.20 24.51 -3.85
C LEU E 188 -13.38 23.72 -4.45
N ARG E 189 -14.11 24.36 -5.38
CA ARG E 189 -15.26 23.74 -6.03
C ARG E 189 -14.80 22.93 -7.23
N ILE E 190 -15.12 21.63 -7.19
CA ILE E 190 -14.74 20.67 -8.24
C ILE E 190 -15.96 19.86 -8.72
N SER E 191 -15.90 19.34 -9.95
CA SER E 191 -16.94 18.48 -10.49
C SER E 191 -16.28 17.29 -11.18
N ARG E 192 -16.84 16.11 -10.95
CA ARG E 192 -16.33 14.85 -11.47
C ARG E 192 -16.49 14.71 -12.99
N GLN E 193 -15.42 14.25 -13.66
CA GLN E 193 -15.41 13.96 -15.09
C GLN E 193 -16.04 12.56 -15.21
N TYR E 194 -17.37 12.54 -15.43
CA TYR E 194 -18.17 11.31 -15.52
C TYR E 194 -18.01 10.53 -16.81
N PHE E 195 -17.40 11.13 -17.88
CA PHE E 195 -17.19 10.52 -19.21
C PHE E 195 -16.95 9.03 -19.17
N SER E 196 -15.78 8.61 -18.63
CA SER E 196 -15.28 7.23 -18.54
C SER E 196 -16.28 6.21 -18.00
N TYR E 197 -17.13 6.61 -17.03
CA TYR E 197 -18.15 5.74 -16.43
C TYR E 197 -19.15 5.20 -17.45
N ILE E 198 -19.45 5.96 -18.50
CA ILE E 198 -20.39 5.57 -19.55
C ILE E 198 -19.82 4.36 -20.37
N PRO E 199 -18.67 4.44 -21.08
CA PRO E 199 -18.21 3.26 -21.81
C PRO E 199 -17.64 2.12 -20.97
N ASN E 200 -17.13 2.41 -19.76
CA ASN E 200 -16.48 1.42 -18.90
C ASN E 200 -17.38 0.67 -17.94
N ILE E 201 -18.46 1.33 -17.44
CA ILE E 201 -19.35 0.73 -16.43
C ILE E 201 -20.80 0.68 -16.87
N ILE E 202 -21.41 1.85 -17.23
CA ILE E 202 -22.83 1.95 -17.60
C ILE E 202 -23.18 1.08 -18.80
N LEU E 203 -22.54 1.31 -19.96
CA LEU E 203 -22.85 0.54 -21.18
C LEU E 203 -22.55 -0.96 -21.01
N PRO E 204 -21.40 -1.42 -20.43
CA PRO E 204 -21.23 -2.87 -20.20
C PRO E 204 -22.35 -3.51 -19.37
N MET E 205 -22.82 -2.84 -18.30
CA MET E 205 -23.92 -3.32 -17.46
C MET E 205 -25.21 -3.51 -18.27
N LEU E 206 -25.51 -2.57 -19.19
CA LEU E 206 -26.68 -2.62 -20.07
C LEU E 206 -26.58 -3.75 -21.07
N PHE E 207 -25.39 -3.94 -21.69
CA PHE E 207 -25.15 -5.01 -22.66
C PHE E 207 -25.41 -6.39 -22.06
N ILE E 208 -24.87 -6.66 -20.85
CA ILE E 208 -25.07 -7.96 -20.21
C ILE E 208 -26.53 -8.12 -19.75
N LEU E 209 -27.23 -7.01 -19.40
CA LEU E 209 -28.64 -7.02 -19.02
C LEU E 209 -29.50 -7.40 -20.24
N PHE E 210 -29.19 -6.82 -21.41
CA PHE E 210 -29.88 -7.09 -22.66
C PHE E 210 -29.66 -8.54 -23.11
N ILE E 211 -28.46 -9.10 -22.85
CA ILE E 211 -28.12 -10.50 -23.13
C ILE E 211 -29.01 -11.41 -22.27
N SER E 212 -29.23 -11.04 -20.98
CA SER E 212 -30.10 -11.81 -20.07
C SER E 212 -31.55 -11.83 -20.57
N TRP E 213 -31.98 -10.74 -21.28
CA TRP E 213 -33.32 -10.55 -21.83
C TRP E 213 -33.59 -11.37 -23.10
N THR E 214 -32.55 -12.01 -23.69
CA THR E 214 -32.72 -12.88 -24.86
C THR E 214 -33.44 -14.18 -24.43
N ALA E 215 -33.49 -14.45 -23.10
CA ALA E 215 -34.16 -15.59 -22.48
C ALA E 215 -35.69 -15.49 -22.72
N PHE E 216 -36.18 -14.28 -23.08
CA PHE E 216 -37.60 -14.04 -23.38
C PHE E 216 -37.97 -14.48 -24.79
N TRP E 217 -36.96 -14.88 -25.60
CA TRP E 217 -37.13 -15.38 -26.97
C TRP E 217 -36.72 -16.85 -27.06
N SER E 218 -36.56 -17.50 -25.90
CA SER E 218 -36.16 -18.91 -25.79
C SER E 218 -37.11 -19.67 -24.87
N THR E 219 -37.37 -20.94 -25.24
CA THR E 219 -38.23 -21.86 -24.48
C THR E 219 -37.35 -22.90 -23.76
N SER E 220 -36.03 -22.91 -24.07
CA SER E 220 -35.04 -23.81 -23.51
C SER E 220 -34.62 -23.35 -22.12
N TYR E 221 -35.21 -23.97 -21.06
CA TYR E 221 -34.95 -23.67 -19.65
C TYR E 221 -33.47 -23.73 -19.27
N GLU E 222 -32.79 -24.80 -19.69
CA GLU E 222 -31.37 -25.06 -19.44
C GLU E 222 -30.50 -23.89 -19.98
N ALA E 223 -30.82 -23.42 -21.21
CA ALA E 223 -30.14 -22.29 -21.85
C ALA E 223 -30.50 -20.98 -21.13
N ASN E 224 -31.78 -20.80 -20.77
CA ASN E 224 -32.30 -19.63 -20.05
C ASN E 224 -31.63 -19.45 -18.71
N VAL E 225 -31.48 -20.55 -17.94
CA VAL E 225 -30.83 -20.60 -16.64
C VAL E 225 -29.36 -20.15 -16.82
N THR E 226 -28.65 -20.70 -17.84
CA THR E 226 -27.28 -20.33 -18.17
C THR E 226 -27.17 -18.84 -18.48
N LEU E 227 -28.07 -18.30 -19.35
CA LEU E 227 -28.10 -16.88 -19.73
C LEU E 227 -28.26 -15.94 -18.54
N VAL E 228 -29.31 -16.14 -17.72
CA VAL E 228 -29.62 -15.26 -16.59
C VAL E 228 -28.59 -15.35 -15.44
N VAL E 229 -28.15 -16.56 -15.11
CA VAL E 229 -27.22 -16.81 -14.01
C VAL E 229 -25.79 -16.39 -14.38
N SER E 230 -25.37 -16.61 -15.64
CA SER E 230 -24.02 -16.20 -16.07
C SER E 230 -23.89 -14.69 -16.17
N THR E 231 -24.92 -14.01 -16.72
CA THR E 231 -24.94 -12.56 -16.81
C THR E 231 -25.03 -11.93 -15.42
N LEU E 232 -25.69 -12.62 -14.45
CA LEU E 232 -25.76 -12.14 -13.07
C LEU E 232 -24.36 -12.12 -12.46
N ILE E 233 -23.55 -13.18 -12.70
CA ILE E 233 -22.18 -13.27 -12.21
C ILE E 233 -21.33 -12.11 -12.78
N ALA E 234 -21.47 -11.81 -14.10
CA ALA E 234 -20.79 -10.69 -14.76
C ALA E 234 -21.21 -9.37 -14.13
N GLN E 235 -22.50 -9.21 -13.77
CA GLN E 235 -23.02 -8.01 -13.12
C GLN E 235 -22.41 -7.85 -11.74
N ILE E 236 -22.32 -8.96 -10.96
CA ILE E 236 -21.70 -8.97 -9.63
C ILE E 236 -20.25 -8.46 -9.70
N ALA E 237 -19.48 -8.85 -10.76
CA ALA E 237 -18.10 -8.39 -10.97
C ALA E 237 -18.05 -6.86 -11.13
N PHE E 238 -18.98 -6.29 -11.94
CA PHE E 238 -19.10 -4.85 -12.15
C PHE E 238 -19.49 -4.13 -10.87
N ASN E 239 -20.44 -4.68 -10.09
CA ASN E 239 -20.89 -4.12 -8.81
C ASN E 239 -19.74 -4.02 -7.83
N ILE E 240 -18.94 -5.11 -7.69
CA ILE E 240 -17.77 -5.17 -6.81
C ILE E 240 -16.76 -4.11 -7.27
N LEU E 241 -16.45 -4.07 -8.58
CA LEU E 241 -15.54 -3.10 -9.20
C LEU E 241 -15.93 -1.66 -8.87
N VAL E 242 -17.20 -1.34 -9.02
CA VAL E 242 -17.79 -0.02 -8.73
C VAL E 242 -17.67 0.33 -7.24
N GLU E 243 -18.24 -0.50 -6.35
CA GLU E 243 -18.29 -0.22 -4.92
C GLU E 243 -16.93 -0.20 -4.22
N THR E 244 -15.89 -0.81 -4.80
CA THR E 244 -14.54 -0.79 -4.20
C THR E 244 -13.91 0.60 -4.21
N ASN E 245 -14.34 1.47 -5.13
CA ASN E 245 -13.80 2.82 -5.24
C ASN E 245 -14.65 3.86 -4.49
N LEU E 246 -15.64 3.38 -3.73
CA LEU E 246 -16.53 4.22 -2.94
C LEU E 246 -16.47 3.84 -1.47
N PRO E 247 -16.58 4.80 -0.52
CA PRO E 247 -16.68 4.41 0.89
C PRO E 247 -18.12 3.96 1.23
N LYS E 248 -18.30 3.29 2.36
CA LYS E 248 -19.60 2.84 2.86
C LYS E 248 -20.31 4.08 3.43
N THR E 249 -21.41 4.48 2.78
CA THR E 249 -22.19 5.68 3.12
C THR E 249 -23.45 5.38 3.97
N PRO E 250 -23.84 6.27 4.92
CA PRO E 250 -25.08 6.01 5.68
C PRO E 250 -26.36 6.43 4.91
N TYR E 251 -26.23 6.63 3.60
CA TYR E 251 -27.29 7.02 2.68
C TYR E 251 -27.17 6.26 1.38
N MET E 252 -28.23 6.29 0.55
CA MET E 252 -28.20 5.63 -0.76
C MET E 252 -27.54 6.59 -1.77
N THR E 253 -26.66 6.04 -2.60
CA THR E 253 -26.01 6.78 -3.68
C THR E 253 -26.76 6.45 -4.98
N TYR E 254 -26.60 7.28 -6.01
CA TYR E 254 -27.25 7.06 -7.29
C TYR E 254 -26.87 5.71 -7.92
N THR E 255 -25.57 5.40 -7.93
CA THR E 255 -24.99 4.15 -8.44
C THR E 255 -25.49 2.95 -7.63
N GLY E 256 -25.58 3.12 -6.30
CA GLY E 256 -26.05 2.11 -5.37
C GLY E 256 -27.48 1.69 -5.64
N ALA E 257 -28.34 2.69 -5.92
CA ALA E 257 -29.76 2.54 -6.25
C ALA E 257 -29.92 1.78 -7.57
N ILE E 258 -29.10 2.11 -8.58
CA ILE E 258 -29.08 1.46 -9.90
C ILE E 258 -28.71 -0.01 -9.73
N ILE E 259 -27.59 -0.27 -9.02
CA ILE E 259 -27.08 -1.61 -8.73
C ILE E 259 -28.17 -2.47 -8.04
N PHE E 260 -28.87 -1.88 -7.04
CA PHE E 260 -29.95 -2.55 -6.31
C PHE E 260 -31.11 -2.91 -7.22
N MET E 261 -31.52 -1.95 -8.07
CA MET E 261 -32.59 -2.10 -9.05
C MET E 261 -32.27 -3.24 -10.03
N ILE E 262 -31.02 -3.30 -10.53
CA ILE E 262 -30.57 -4.35 -11.45
C ILE E 262 -30.70 -5.73 -10.79
N TYR E 263 -30.36 -5.86 -9.48
CA TYR E 263 -30.53 -7.13 -8.74
C TYR E 263 -31.98 -7.60 -8.78
N LEU E 264 -32.96 -6.67 -8.57
CA LEU E 264 -34.40 -6.95 -8.62
C LEU E 264 -34.79 -7.49 -10.00
N PHE E 265 -34.36 -6.78 -11.06
CA PHE E 265 -34.61 -7.15 -12.45
C PHE E 265 -34.08 -8.56 -12.77
N TYR E 266 -32.90 -8.93 -12.24
CA TYR E 266 -32.33 -10.27 -12.45
C TYR E 266 -33.15 -11.30 -11.70
N PHE E 267 -33.58 -10.97 -10.48
CA PHE E 267 -34.39 -11.85 -9.64
C PHE E 267 -35.76 -12.12 -10.28
N VAL E 268 -36.41 -11.07 -10.81
CA VAL E 268 -37.70 -11.15 -11.50
C VAL E 268 -37.57 -11.96 -12.82
N ALA E 269 -36.46 -11.80 -13.57
CA ALA E 269 -36.20 -12.57 -14.79
C ALA E 269 -36.03 -14.06 -14.48
N VAL E 270 -35.49 -14.41 -13.29
CA VAL E 270 -35.36 -15.80 -12.85
C VAL E 270 -36.78 -16.33 -12.59
N ILE E 271 -37.63 -15.54 -11.87
CA ILE E 271 -39.03 -15.90 -11.61
C ILE E 271 -39.74 -16.21 -12.94
N GLU E 272 -39.63 -15.31 -13.95
CA GLU E 272 -40.22 -15.50 -15.28
C GLU E 272 -39.74 -16.83 -15.89
N VAL E 273 -38.43 -17.02 -16.00
CA VAL E 273 -37.80 -18.24 -16.55
C VAL E 273 -38.34 -19.51 -15.85
N THR E 274 -38.44 -19.48 -14.50
CA THR E 274 -38.96 -20.55 -13.64
C THR E 274 -40.45 -20.83 -13.93
N VAL E 275 -41.30 -19.76 -13.97
CA VAL E 275 -42.74 -19.82 -14.20
C VAL E 275 -43.02 -20.41 -15.59
N GLN E 276 -42.35 -19.88 -16.64
CA GLN E 276 -42.47 -20.34 -18.02
C GLN E 276 -42.20 -21.85 -18.10
N HIS E 277 -41.11 -22.32 -17.48
CA HIS E 277 -40.73 -23.74 -17.47
C HIS E 277 -41.77 -24.62 -16.74
N TYR E 278 -42.22 -24.18 -15.54
CA TYR E 278 -43.22 -24.90 -14.74
C TYR E 278 -44.50 -25.16 -15.56
N LEU E 279 -44.97 -24.13 -16.33
CA LEU E 279 -46.14 -24.21 -17.18
C LEU E 279 -45.95 -25.18 -18.35
N LYS E 280 -44.79 -25.13 -19.03
CA LYS E 280 -44.45 -26.02 -20.15
CA LYS E 280 -44.41 -26.02 -20.15
C LYS E 280 -44.47 -27.49 -19.68
N VAL E 281 -43.92 -27.77 -18.49
CA VAL E 281 -43.88 -29.11 -17.87
C VAL E 281 -45.31 -29.58 -17.48
N GLU E 282 -46.16 -28.63 -17.03
CA GLU E 282 -47.56 -28.84 -16.64
C GLU E 282 -48.48 -28.93 -17.87
N SER E 283 -47.89 -28.98 -19.08
CA SER E 283 -48.59 -29.05 -20.38
C SER E 283 -49.50 -27.85 -20.61
N GLN E 284 -48.98 -26.65 -20.28
CA GLN E 284 -49.66 -25.36 -20.47
C GLN E 284 -48.77 -24.36 -21.23
N PRO E 285 -48.19 -24.71 -22.43
CA PRO E 285 -47.31 -23.76 -23.12
C PRO E 285 -47.99 -22.49 -23.65
N ALA E 286 -49.31 -22.53 -23.83
CA ALA E 286 -50.08 -21.38 -24.28
C ALA E 286 -50.04 -20.24 -23.24
N ARG E 287 -50.14 -20.58 -21.95
CA ARG E 287 -50.12 -19.64 -20.83
C ARG E 287 -48.73 -19.05 -20.64
N ALA E 288 -47.69 -19.91 -20.76
CA ALA E 288 -46.29 -19.53 -20.68
C ALA E 288 -45.94 -18.56 -21.80
N ALA E 289 -46.38 -18.85 -23.04
CA ALA E 289 -46.17 -18.02 -24.23
C ALA E 289 -46.71 -16.59 -24.06
N SER E 290 -47.84 -16.44 -23.34
CA SER E 290 -48.49 -15.17 -23.05
C SER E 290 -47.61 -14.33 -22.11
N ILE E 291 -47.02 -14.98 -21.08
CA ILE E 291 -46.16 -14.36 -20.08
C ILE E 291 -44.83 -13.92 -20.72
N THR E 292 -44.18 -14.83 -21.49
CA THR E 292 -42.92 -14.56 -22.18
C THR E 292 -43.06 -13.42 -23.21
N ARG E 293 -44.18 -13.36 -23.94
CA ARG E 293 -44.45 -12.30 -24.92
C ARG E 293 -44.63 -10.95 -24.22
N ALA E 294 -45.29 -10.95 -23.05
CA ALA E 294 -45.53 -9.76 -22.23
C ALA E 294 -44.19 -9.24 -21.66
N SER E 295 -43.33 -10.18 -21.16
CA SER E 295 -42.02 -9.91 -20.61
C SER E 295 -41.09 -9.17 -21.58
N ARG E 296 -41.17 -9.51 -22.89
CA ARG E 296 -40.39 -8.88 -23.97
C ARG E 296 -40.59 -7.37 -24.02
N ILE E 297 -41.79 -6.88 -23.66
CA ILE E 297 -42.13 -5.45 -23.63
C ILE E 297 -42.03 -4.90 -22.20
N ALA E 298 -42.63 -5.61 -21.22
CA ALA E 298 -42.67 -5.21 -19.81
C ALA E 298 -41.29 -4.92 -19.21
N PHE E 299 -40.32 -5.84 -19.36
CA PHE E 299 -38.96 -5.66 -18.83
C PHE E 299 -38.26 -4.39 -19.36
N PRO E 300 -38.09 -4.15 -20.70
CA PRO E 300 -37.45 -2.89 -21.13
C PRO E 300 -38.22 -1.61 -20.73
N VAL E 301 -39.58 -1.65 -20.76
CA VAL E 301 -40.44 -0.52 -20.41
C VAL E 301 -40.29 -0.16 -18.91
N VAL E 302 -40.44 -1.17 -18.01
CA VAL E 302 -40.30 -0.99 -16.56
C VAL E 302 -38.87 -0.56 -16.21
N PHE E 303 -37.86 -1.08 -16.95
CA PHE E 303 -36.47 -0.70 -16.74
C PHE E 303 -36.24 0.77 -17.05
N LEU E 304 -36.78 1.25 -18.18
CA LEU E 304 -36.68 2.63 -18.61
C LEU E 304 -37.42 3.56 -17.65
N LEU E 305 -38.65 3.20 -17.24
CA LEU E 305 -39.45 3.99 -16.30
C LEU E 305 -38.82 4.11 -14.94
N ALA E 306 -38.33 2.98 -14.37
CA ALA E 306 -37.65 2.93 -13.07
C ALA E 306 -36.39 3.82 -13.06
N ASN E 307 -35.67 3.87 -14.19
CA ASN E 307 -34.49 4.71 -14.35
C ASN E 307 -34.84 6.19 -14.39
N ILE E 308 -35.97 6.54 -15.05
CA ILE E 308 -36.46 7.92 -15.13
C ILE E 308 -36.84 8.38 -13.70
N ILE E 309 -37.56 7.53 -12.94
CA ILE E 309 -37.94 7.79 -11.55
C ILE E 309 -36.70 8.02 -10.67
N LEU E 310 -35.67 7.12 -10.78
CA LEU E 310 -34.41 7.24 -10.03
C LEU E 310 -33.66 8.53 -10.33
N ALA E 311 -33.46 8.85 -11.63
CA ALA E 311 -32.76 10.06 -12.07
C ALA E 311 -33.51 11.29 -11.58
N PHE E 312 -34.85 11.24 -11.53
CA PHE E 312 -35.68 12.33 -11.03
C PHE E 312 -35.45 12.53 -9.53
N LEU E 313 -35.50 11.43 -8.74
CA LEU E 313 -35.29 11.47 -7.29
C LEU E 313 -33.90 11.94 -6.90
N PHE E 314 -32.86 11.61 -7.68
CA PHE E 314 -31.48 11.99 -7.38
C PHE E 314 -31.02 13.32 -7.99
N PHE E 315 -31.63 13.79 -9.11
CA PHE E 315 -31.20 15.02 -9.79
C PHE E 315 -32.33 16.00 -10.08
C ACT F . 7.41 28.50 -6.52
O ACT F . 8.15 29.54 -6.46
OXT ACT F . 7.66 27.42 -5.95
CH3 ACT F . 6.11 28.57 -7.36
C1 PLC G . 2.92 2.32 -33.96
C2 PLC G . 1.83 1.36 -33.43
C3 PLC G . 0.53 1.22 -34.25
C4 PLC G . 3.25 7.43 -34.90
C5 PLC G . 2.90 7.52 -36.42
C6 PLC G . 2.88 8.74 -38.69
C7 PLC G . 1.74 9.78 -36.76
C8 PLC G . 4.24 9.70 -36.87
C' PLC G . 2.92 -0.90 -34.03
C1' PLC G . 2.03 -2.12 -34.22
C2' PLC G . 2.64 -3.36 -33.54
C3' PLC G . 1.55 -4.20 -32.86
C4' PLC G . 1.10 -5.40 -33.71
C5' PLC G . -0.15 -6.05 -33.09
C6' PLC G . -0.11 -7.57 -33.27
C7' PLC G . -1.37 -8.26 -32.72
CB PLC G . -1.20 -0.49 -34.13
C1B PLC G . -2.16 -1.13 -33.17
C2B PLC G . -1.87 -2.64 -32.98
C3B PLC G . -3.05 -3.51 -33.38
C4B PLC G . -3.98 -3.84 -32.20
C5B PLC G . -5.08 -4.82 -32.66
C6B PLC G . -6.12 -5.01 -31.55
C7B PLC G . -7.16 -6.09 -31.89
O' PLC G . 4.02 -0.70 -34.55
OB PLC G . -1.08 -0.78 -35.30
O2 PLC G . 2.39 0.04 -33.11
O3 PLC G . -0.45 0.51 -33.51
O1P PLC G . 4.44 4.99 -32.88
O2P PLC G . 4.46 4.63 -35.34
O3P PLC G . 2.49 3.68 -33.97
O4P PLC G . 2.69 6.27 -34.35
N PLC G . 2.95 8.90 -37.17
P PLC G . 3.57 4.89 -34.07
C' PLC H . -11.86 -17.17 -36.77
C1' PLC H . -11.89 -18.48 -36.01
C2' PLC H . -13.29 -19.12 -36.15
C3' PLC H . -13.32 -20.57 -35.63
C4' PLC H . -13.09 -21.62 -36.76
C5' PLC H . -14.19 -22.71 -36.80
C6' PLC H . -13.75 -23.97 -37.56
C7' PLC H . -14.96 -24.74 -38.09
C8' PLC H . -14.56 -26.07 -38.76
C9' PLC H . -15.68 -26.65 -39.63
CA' PLC H . -15.30 -28.05 -40.18
CB' PLC H . -15.62 -28.18 -41.67
CB PLC H . -5.58 -17.51 -35.80
C1B PLC H . -6.08 -18.09 -37.10
C2B PLC H . -7.16 -19.15 -36.82
C3B PLC H . -7.35 -20.09 -38.02
C4B PLC H . -8.39 -21.18 -37.71
C5B PLC H . -8.14 -22.43 -38.57
C6B PLC H . -9.24 -23.48 -38.39
C7B PLC H . -8.87 -24.76 -39.15
C8B PLC H . -10.10 -25.63 -39.36
C9B PLC H . -9.81 -26.79 -40.33
CAA PLC H . -11.14 -27.44 -40.77
CBA PLC H . -10.88 -28.65 -41.66
C' PLC I . -4.35 -9.21 -36.42
C1' PLC I . -4.15 -7.72 -36.53
C2' PLC I . -2.68 -7.44 -36.93
C3' PLC I . -2.49 -5.98 -37.38
C4' PLC I . -1.01 -5.60 -37.51
C5' PLC I . -0.87 -4.08 -37.70
C6' PLC I . 0.59 -3.63 -37.65
C7' PLC I . 0.70 -2.12 -37.95
C8' PLC I . 2.18 -1.67 -37.96
C9' PLC I . 2.33 -0.18 -38.33
CA' PLC I . 3.81 0.19 -38.40
CB' PLC I . 3.98 1.69 -38.65
CL CL J . 11.85 21.45 -4.47
CL CL K . 9.83 41.55 -9.32
CL CL L . 3.36 38.74 -16.39
NA NA M . 22.79 30.82 1.91
NA NA N . -23.45 -25.35 -18.89
C ACT O . 18.81 25.73 -3.01
O ACT O . 19.72 26.28 -3.61
OXT ACT O . 17.81 25.32 -3.55
CH3 ACT O . 18.93 25.58 -1.50
C1 LMT P . -7.58 -9.03 -6.25
C2 LMT P . -8.95 -9.13 -6.97
C3 LMT P . -9.23 -10.59 -7.33
C4 LMT P . -10.56 -10.74 -8.09
C5 LMT P . -10.70 -12.16 -8.65
C6 LMT P . -12.09 -12.34 -9.24
C7 LMT P . -12.25 -13.72 -9.93
C8 LMT P . -13.66 -13.90 -10.50
C9 LMT P . -13.80 -15.26 -11.23
C10 LMT P . -15.29 -15.60 -11.56
C11 LMT P . -15.33 -16.94 -12.32
C12 LMT P . -16.75 -17.45 -12.54
C1 LMT Q . -3.46 -7.86 -8.98
C2 LMT Q . -4.48 -7.52 -10.10
C3 LMT Q . -5.58 -8.61 -10.23
C4 LMT Q . -6.69 -8.16 -11.23
C5 LMT Q . -7.73 -9.27 -11.42
C6 LMT Q . -9.02 -8.73 -12.05
C7 LMT Q . -9.97 -9.92 -12.32
C8 LMT Q . -11.44 -9.52 -12.54
C9 LMT Q . -12.22 -10.78 -12.99
C10 LMT Q . -13.71 -10.55 -13.37
C11 LMT Q . -14.28 -11.86 -13.96
C12 LMT Q . -15.79 -11.84 -14.23
C1 MBR R . -4.77 -3.77 -26.09
BR2 MBR R . -4.65 -2.45 -27.49
BR1 MBR R . -3.85 -3.20 -24.49
BR3 MBR R . -6.60 -4.24 -25.73
C1 MBR S . -2.10 -3.93 -19.15
BR2 MBR S . -2.30 -5.53 -18.10
BR1 MBR S . -3.14 -4.01 -20.77
BR3 MBR S . -2.55 -2.35 -18.14
C1 MBR T . -13.61 2.28 -11.92
BR2 MBR T . -12.69 0.66 -11.41
BR1 MBR T . -13.48 2.59 -13.82
BR3 MBR T . -15.44 2.27 -11.33
C ACT U . 27.19 10.63 -7.35
O ACT U . 28.38 11.05 -7.15
OXT ACT U . 26.31 10.57 -6.46
CH3 ACT U . 26.81 10.12 -8.76
C1 PLC V . 17.87 -25.58 -14.12
C2 PLC V . 16.33 -25.56 -14.32
C3 PLC V . 15.78 -26.08 -15.68
C4 PLC V . 21.93 -23.25 -16.43
C5 PLC V . 22.15 -24.08 -17.74
C6 PLC V . 23.88 -24.95 -19.46
C7 PLC V . 22.76 -22.81 -19.85
C8 PLC V . 24.51 -23.00 -18.10
C' PLC V . 15.37 -27.57 -13.03
C1' PLC V . 13.85 -27.80 -13.15
C2' PLC V . 13.34 -29.04 -12.40
C3' PLC V . 11.84 -28.88 -12.15
C4' PLC V . 10.98 -29.66 -13.16
C5' PLC V . 9.49 -29.39 -12.91
C6' PLC V . 8.63 -30.54 -13.48
C7' PLC V . 7.12 -30.31 -13.29
CB PLC V . 13.54 -26.69 -16.41
C1B PLC V . 12.15 -26.18 -16.60
C2B PLC V . 11.12 -27.08 -15.88
C3B PLC V . 10.00 -27.56 -16.83
C4B PLC V . 8.74 -26.70 -16.71
C5B PLC V . 7.60 -27.26 -17.58
C6B PLC V . 6.34 -26.36 -17.44
C7B PLC V . 5.12 -26.96 -18.15
O' PLC V . 16.26 -28.38 -12.81
OB PLC V . 13.92 -27.83 -16.63
O2 PLC V . 15.69 -26.19 -13.16
O3 PLC V . 14.40 -25.73 -15.92
O1P PLC V . 20.23 -23.48 -13.41
O2P PLC V . 20.97 -25.54 -14.60
O3P PLC V . 18.55 -24.67 -14.97
O4P PLC V . 20.57 -23.35 -16.01
N PLC V . 23.31 -23.72 -18.74
P PLC V . 20.09 -24.23 -14.68
C' PLC W . -3.51 -36.87 -20.37
C1' PLC W . -4.78 -37.06 -19.58
C2' PLC W . -5.98 -37.30 -20.52
C3' PLC W . -7.25 -37.75 -19.78
C4' PLC W . -7.41 -39.31 -19.75
C5' PLC W . -8.79 -39.77 -20.27
C6' PLC W . -9.11 -41.21 -19.81
C7' PLC W . -10.12 -41.89 -20.77
C8' PLC W . -10.56 -43.28 -20.27
C9' PLC W . -11.29 -44.07 -21.35
CA' PLC W . -11.88 -45.38 -20.79
CB' PLC W . -11.63 -46.58 -21.72
CB PLC W . -0.74 -37.44 -14.64
C1B PLC W . -0.87 -38.72 -15.43
C2B PLC W . -2.33 -38.94 -15.85
C3B PLC W . -2.54 -40.40 -16.25
C4B PLC W . -4.01 -40.67 -16.60
C5B PLC W . -4.33 -42.17 -16.52
C6B PLC W . -5.79 -42.47 -16.86
C7B PLC W . -6.13 -43.92 -16.53
C8B PLC W . -7.39 -44.37 -17.28
C9B PLC W . -7.67 -45.86 -17.07
CAA PLC W . -8.73 -46.34 -18.07
CBA PLC W . -9.15 -47.76 -17.78
C' PLC X . 6.16 -34.09 -16.90
C1' PLC X . 7.29 -33.16 -17.32
C2' PLC X . 8.57 -33.50 -16.53
C3' PLC X . 9.75 -32.62 -16.96
C4' PLC X . 10.94 -32.77 -16.00
C5' PLC X . 12.08 -31.83 -16.40
C6' PLC X . 13.29 -31.99 -15.47
C7' PLC X . 14.45 -31.08 -15.92
C8' PLC X . 15.69 -31.28 -15.04
C9' PLC X . 16.88 -30.47 -15.56
CA' PLC X . 18.13 -30.70 -14.69
CB' PLC X . 19.19 -29.65 -14.95
CL CL Y . 23.73 7.16 -0.23
NA NA Z . 33.33 16.15 8.30
C ACT AA . 29.88 9.77 4.51
O ACT AA . 31.03 9.44 4.80
OXT ACT AA . 29.34 9.40 3.49
CH3 ACT AA . 29.08 10.67 5.46
C1 LMT BA . -3.32 -11.44 -4.78
C2 LMT BA . -4.50 -11.23 -5.77
C3 LMT BA . -4.61 -12.43 -6.73
C4 LMT BA . -5.41 -12.05 -7.99
C5 LMT BA . -5.89 -13.28 -8.76
C6 LMT BA . -6.86 -12.82 -9.89
C7 LMT BA . -7.31 -13.98 -10.77
C8 LMT BA . -8.24 -13.47 -11.88
C9 LMT BA . -9.29 -14.53 -12.26
C10 LMT BA . -9.86 -14.34 -13.66
C11 LMT BA . -11.10 -15.24 -13.83
C12 LMT BA . -11.41 -15.53 -15.31
C1 MBR CA . 5.59 -21.80 -14.56
BR2 MBR CA . 7.17 -22.03 -15.63
BR1 MBR CA . 5.81 -20.40 -13.25
BR3 MBR CA . 4.04 -21.48 -15.66
C1 MBR DA . 3.32 -16.44 -9.58
BR2 MBR DA . 4.61 -15.00 -9.50
BR1 MBR DA . 4.03 -17.95 -10.54
BR3 MBR DA . 2.73 -16.94 -7.83
C ACT EA . 25.83 -4.45 14.78
O ACT EA . 26.75 -4.14 15.61
OXT ACT EA . 24.79 -3.77 14.58
CH3 ACT EA . 25.98 -5.76 13.98
C1 PLC FA . -2.65 -29.69 16.85
C2 PLC FA . -3.35 -29.67 15.47
C3 PLC FA . -3.43 -30.98 14.64
C4 PLC FA . 2.31 -30.18 18.39
C5 PLC FA . 2.55 -31.71 18.49
C6 PLC FA . 3.72 -33.49 19.97
C7 PLC FA . 4.72 -32.80 17.82
C8 PLC FA . 4.79 -31.27 19.77
C' PLC FA . -5.78 -29.51 16.32
C1' PLC FA . -6.91 -30.10 15.46
C2' PLC FA . -8.06 -29.07 15.37
C3' PLC FA . -8.51 -28.85 13.93
C4' PLC FA . -9.65 -29.78 13.54
C5' PLC FA . -10.13 -29.47 12.10
C6' PLC FA . -11.44 -30.17 11.78
C7' PLC FA . -11.81 -30.05 10.29
CB PLC FA . -4.80 -31.49 12.70
C1B PLC FA . -5.14 -31.04 11.31
C2B PLC FA . -6.60 -30.56 11.23
C3B PLC FA . -7.41 -31.25 10.13
C4B PLC FA . -7.37 -30.50 8.79
C5B PLC FA . -8.33 -31.16 7.79
C6B PLC FA . -8.12 -30.59 6.38
C7B PLC FA . -9.05 -31.25 5.35
O' PLC FA . -5.78 -29.38 17.53
OB PLC FA . -5.26 -32.47 13.27
O2 PLC FA . -4.70 -29.07 15.55
O3 PLC FA . -3.85 -30.68 13.30
O1P PLC FA . -0.36 -28.21 18.62
O2P PLC FA . -0.69 -30.64 19.09
O3P PLC FA . -1.23 -29.74 16.72
O4P PLC FA . 1.26 -29.91 17.48
N PLC FA . 3.92 -32.29 19.02
P PLC FA . -0.27 -29.55 18.02
C' PLC GA . -19.87 -37.30 0.99
C1' PLC GA . -21.04 -36.54 0.40
C2' PLC GA . -21.47 -37.23 -0.92
C3' PLC GA . -22.82 -36.70 -1.44
C4' PLC GA . -24.04 -37.56 -0.98
C5' PLC GA . -24.93 -38.00 -2.17
C6' PLC GA . -26.33 -38.43 -1.69
C7' PLC GA . -26.98 -39.41 -2.70
C8' PLC GA . -28.44 -39.71 -2.36
C9' PLC GA . -28.96 -40.93 -3.15
CA' PLC GA . -30.47 -41.14 -2.92
CB' PLC GA . -30.82 -42.60 -2.65
CB PLC GA . -21.10 -33.66 6.07
C1B PLC GA . -21.76 -35.03 6.10
C2B PLC GA . -22.56 -35.25 4.81
C3B PLC GA . -23.61 -36.36 4.98
C4B PLC GA . -24.44 -36.52 3.70
C5B PLC GA . -25.79 -37.19 4.03
C6B PLC GA . -26.65 -37.40 2.77
C7B PLC GA . -28.06 -37.86 3.18
C8B PLC GA . -28.80 -38.43 1.97
C9B PLC GA . -30.12 -39.11 2.36
CAA PLC GA . -30.66 -39.94 1.19
CBA PLC GA . -32.04 -40.50 1.47
C' PLC HA . -13.07 -34.15 8.40
C1' PLC HA . -11.71 -34.30 9.05
C2' PLC HA . -11.81 -33.96 10.56
C3' PLC HA . -10.55 -34.41 11.29
C4' PLC HA . -10.56 -33.99 12.78
C5' PLC HA . -9.16 -34.23 13.39
C6' PLC HA . -9.05 -33.74 14.83
C7' PLC HA . -7.60 -33.97 15.33
C8' PLC HA . -7.46 -33.63 16.83
C9' PLC HA . -6.02 -33.80 17.33
CA' PLC HA . -5.89 -33.24 18.76
CB' PLC HA . -4.43 -33.15 19.19
CL CL IA . 18.50 -0.27 16.44
NA NA JA . 26.68 10.08 25.40
C ACT KA . 21.85 3.97 23.01
O ACT KA . 21.77 3.54 24.17
OXT ACT KA . 22.12 3.29 22.03
CH3 ACT KA . 21.56 5.45 22.79
C1 LMT LA . -7.67 -9.65 -0.59
C2 LMT LA . -8.62 -10.16 -1.74
C3 LMT LA . -8.24 -11.58 -2.20
C4 LMT LA . -9.18 -12.11 -3.32
C5 LMT LA . -8.64 -13.40 -3.97
C6 LMT LA . -9.62 -13.86 -5.07
C7 LMT LA . -9.08 -14.98 -5.96
C8 LMT LA . -10.24 -15.64 -6.76
C9 LMT LA . -9.73 -16.33 -8.04
C10 LMT LA . -10.78 -17.30 -8.59
C11 LMT LA . -10.24 -18.10 -9.78
C12 LMT LA . -11.32 -18.97 -10.49
C1 MBR MA . -6.40 -25.31 5.50
BR2 MBR MA . -5.78 -23.51 5.77
BR1 MBR MA . -6.43 -25.77 3.63
BR3 MBR MA . -5.38 -26.59 6.51
C1 MBR NA . -6.00 -17.89 4.20
BR2 MBR NA . -4.27 -17.20 4.68
BR1 MBR NA . -6.24 -19.67 4.89
BR3 MBR NA . -7.42 -16.72 4.78
C ACT OA . 5.35 4.44 29.23
O ACT OA . 5.94 5.17 30.09
OXT ACT OA . 5.13 4.78 28.05
CH3 ACT OA . 4.83 3.05 29.63
C1 PLC PA . -29.55 -3.86 16.81
C2 PLC PA . -29.35 -4.59 15.47
C3 PLC PA . -30.03 -5.97 15.30
C4 PLC PA . -28.54 -4.85 21.88
C5 PLC PA . -29.79 -5.62 22.40
C6 PLC PA . -31.35 -6.39 24.29
C7 PLC PA . -28.99 -7.15 24.29
C8 PLC PA . -29.57 -4.79 24.86
C' PLC PA . -30.93 -3.38 13.79
C1' PLC PA . -30.91 -3.27 12.27
C2' PLC PA . -31.86 -4.28 11.59
C3' PLC PA . -31.43 -4.56 10.15
C4' PLC PA . -32.40 -5.49 9.45
C5' PLC PA . -31.80 -6.14 8.18
C6' PLC PA . -32.92 -6.50 7.17
C7' PLC PA . -32.42 -7.35 5.98
CB PLC PA . -30.28 -7.62 13.55
C1B PLC PA . -29.56 -8.40 12.47
C2B PLC PA . -30.16 -8.09 11.08
C3B PLC PA . -30.72 -9.34 10.38
C4B PLC PA . -29.73 -9.90 9.33
C5B PLC PA . -30.40 -10.95 8.41
C6B PLC PA . -29.34 -11.79 7.67
C7B PLC PA . -29.96 -12.78 6.68
O' PLC PA . -31.90 -3.18 14.52
OB PLC PA . -31.47 -7.71 13.81
O2 PLC PA . -29.66 -3.68 14.34
O3 PLC PA . -29.45 -6.76 14.27
O1P PLC PA . -28.04 -2.63 19.53
O2P PLC PA . -30.40 -3.47 19.79
O3P PLC PA . -28.90 -4.50 17.92
O4P PLC PA . -28.42 -5.02 20.47
N PLC PA . -29.92 -5.97 23.93
P PLC PA . -28.90 -3.84 19.42
C' PLC QA . -38.22 -17.83 -2.04
C1' PLC QA . -38.10 -17.63 -3.54
C2' PLC QA . -38.28 -19.00 -4.26
C3' PLC QA . -38.43 -18.85 -5.78
C4' PLC QA . -39.94 -18.79 -6.23
C5' PLC QA . -40.25 -19.82 -7.34
C6' PLC QA . -41.55 -19.46 -8.10
C7' PLC QA . -42.19 -20.71 -8.74
C8' PLC QA . -43.38 -20.36 -9.63
C9' PLC QA . -44.22 -21.60 -9.99
CA' PLC QA . -45.23 -21.27 -11.10
CB' PLC QA . -46.59 -21.89 -10.84
CB PLC QA . -38.84 -11.31 -1.69
C1B PLC QA . -39.92 -12.37 -1.77
C2B PLC QA . -39.88 -13.11 -3.12
C3B PLC QA . -41.30 -13.53 -3.54
C4B PLC QA . -41.31 -14.37 -4.82
C5B PLC QA . -42.73 -14.40 -5.40
C6B PLC QA . -42.82 -15.26 -6.66
C7B PLC QA . -44.18 -15.03 -7.36
C8B PLC QA . -44.52 -16.23 -8.26
C9B PLC QA . -45.91 -16.07 -8.90
CAA PLC QA . -46.31 -17.38 -9.59
CBA PLC QA . -47.64 -17.25 -10.32
C' PLC RA . -36.32 -11.17 5.76
C1' PLC RA . -35.59 -10.95 7.06
C2' PLC RA . -36.02 -9.61 7.69
C3' PLC RA . -35.49 -9.49 9.12
C4' PLC RA . -35.70 -8.07 9.69
C5' PLC RA . -34.97 -7.93 11.03
C6' PLC RA . -35.26 -6.60 11.74
C7' PLC RA . -34.62 -6.64 13.14
C8' PLC RA . -34.92 -5.38 13.96
C9' PLC RA . -34.26 -5.47 15.36
CA' PLC RA . -34.77 -4.33 16.26
CB' PLC RA . -33.90 -4.21 17.52
CL CL SA . 3.38 9.59 22.69
NA NA TA . 11.65 20.97 29.69
C ACT UA . 5.68 16.22 26.74
O ACT UA . 5.21 17.13 27.44
OXT ACT UA . 5.24 15.08 26.67
CH3 ACT UA . 6.94 16.52 25.93
C1 LMT VA . -11.06 -5.15 -2.97
C2 LMT VA . -11.84 -6.05 -3.98
C3 LMT VA . -11.83 -7.52 -3.55
C4 LMT VA . -12.37 -8.43 -4.67
C5 LMT VA . -12.85 -9.78 -4.10
C6 LMT VA . -13.25 -10.70 -5.23
C7 LMT VA . -13.72 -12.09 -4.79
C8 LMT VA . -14.00 -12.97 -6.03
C9 LMT VA . -13.89 -14.47 -5.74
C10 LMT VA . -14.85 -15.33 -6.59
C11 LMT VA . -14.63 -16.80 -6.27
C12 LMT VA . -15.48 -17.74 -7.12
C1 MBR WA . -24.19 -9.52 6.62
BR2 MBR WA . -24.89 -9.77 8.40
BR1 MBR WA . -22.73 -8.27 6.61
BR3 MBR WA . -23.70 -11.20 5.81
C1 MBR XA . -18.14 -4.98 1.90
BR2 MBR XA . -16.60 -4.60 0.79
BR1 MBR XA . -17.65 -5.97 3.48
BR3 MBR XA . -19.07 -3.36 2.36
C ACT YA . -6.16 24.66 16.04
O ACT YA . -5.88 25.79 16.55
OXT ACT YA . -5.31 23.96 15.43
CH3 ACT YA . -7.61 24.10 16.13
C1 PLC ZA . -26.47 15.71 -14.98
C2 PLC ZA . -26.39 14.16 -15.03
C3 PLC ZA . -27.72 13.35 -15.09
C4 PLC ZA . -27.54 19.37 -11.48
C5 PLC ZA . -28.97 19.69 -12.04
C6 PLC ZA . -31.26 20.88 -11.94
C7 PLC ZA . -30.61 19.38 -10.10
C8 PLC ZA . -29.49 21.62 -10.39
C' PLC ZA . -25.69 13.69 -17.48
C1' PLC ZA . -25.88 12.27 -18.00
C2' PLC ZA . -25.29 12.04 -19.39
C3' PLC ZA . -24.91 10.57 -19.58
C4' PLC ZA . -26.07 9.66 -20.01
C5' PLC ZA . -25.60 8.20 -19.99
C6' PLC ZA . -26.58 7.29 -20.75
C7' PLC ZA . -26.04 5.86 -20.89
CB PLC ZA . -28.13 11.01 -15.66
C1B PLC ZA . -27.70 9.61 -15.33
C2B PLC ZA . -27.21 8.82 -16.56
C3B PLC ZA . -28.07 7.58 -16.86
C4B PLC ZA . -27.53 6.32 -16.17
C5B PLC ZA . -28.30 5.07 -16.65
C6B PLC ZA . -27.80 3.81 -15.91
C7B PLC ZA . -28.42 2.53 -16.48
O' PLC ZA . -25.70 14.73 -18.13
OB PLC ZA . -28.99 11.33 -16.48
O2 PLC ZA . -25.45 13.73 -16.08
O3 PLC ZA . -27.45 11.95 -14.91
O1P PLC ZA . -24.83 17.60 -12.85
O2P PLC ZA . -26.53 18.77 -14.26
O3P PLC ZA . -26.88 16.23 -13.73
O4P PLC ZA . -27.20 18.03 -11.82
N PLC ZA . -30.05 20.39 -11.13
P PLC ZA . -26.29 17.66 -13.16
C' PLC AB . -33.31 -5.43 -25.44
C1' PLC AB . -32.47 -6.50 -26.09
C2' PLC AB . -33.25 -7.84 -26.06
C3' PLC AB . -32.59 -8.92 -26.93
C4' PLC AB . -33.18 -8.96 -28.39
C5' PLC AB . -33.63 -10.38 -28.79
C6' PLC AB . -33.79 -10.50 -30.32
C7' PLC AB . -34.77 -11.64 -30.68
C8' PLC AB . -34.83 -11.89 -32.20
C9' PLC AB . -36.03 -12.79 -32.57
CA' PLC AB . -36.02 -13.14 -34.07
CB' PLC AB . -37.39 -13.00 -34.71
CB PLC AB . -28.87 -1.55 -27.87
C1B PLC AB . -30.07 -1.77 -28.75
C2B PLC AB . -30.28 -3.29 -28.98
C3B PLC AB . -31.16 -3.53 -30.20
C4B PLC AB . -31.35 -5.03 -30.46
C5B PLC AB . -31.85 -5.23 -31.90
C6B PLC AB . -32.03 -6.72 -32.23
C7B PLC AB . -32.27 -6.91 -33.74
C8B PLC AB . -32.99 -8.23 -34.01
C9B PLC AB . -33.43 -8.37 -35.47
CAA PLC AB . -34.48 -9.47 -35.61
CBA PLC AB . -34.89 -9.68 -37.06
C' PLC BB . -30.00 4.71 -23.48
C1' PLC BB . -30.47 5.61 -22.36
C2' PLC BB . -29.94 7.04 -22.60
C3' PLC BB . -30.30 7.98 -21.45
C4' PLC BB . -29.73 9.39 -21.70
C5' PLC BB . -30.03 10.32 -20.50
C6' PLC BB . -29.41 11.71 -20.72
C7' PLC BB . -29.87 12.70 -19.64
C8' PLC BB . -29.09 14.03 -19.75
C9' PLC BB . -29.63 15.08 -18.77
CA' PLC BB . -28.90 16.42 -19.00
CB' PLC BB . -29.54 17.54 -18.19
CL CL CB . -0.71 22.88 9.57
NA NA DB . 9.56 33.84 15.21
C ACT EB . 3.61 29.79 10.93
O ACT EB . 3.89 30.64 10.07
OXT ACT EB . 2.48 29.33 11.13
CH3 ACT EB . 4.77 29.33 11.81
C1 LMT FB . -8.51 -3.67 -8.79
C2 LMT FB . -9.26 -4.90 -8.24
C3 LMT FB . -10.49 -5.22 -9.08
C4 LMT FB . -11.33 -6.31 -8.38
C5 LMT FB . -12.46 -6.86 -9.25
C6 LMT FB . -13.14 -8.01 -8.49
C7 LMT FB . -14.35 -8.58 -9.21
C8 LMT FB . -14.97 -9.75 -8.41
C9 LMT FB . -15.60 -10.80 -9.34
C10 LMT FB . -16.71 -11.62 -8.68
C11 LMT FB . -17.06 -12.82 -9.57
C12 LMT FB . -18.44 -13.39 -9.25
C1 MBR GB . -22.88 3.66 -12.94
BR2 MBR GB . -21.23 4.09 -12.03
BR1 MBR GB . -23.56 1.94 -12.41
BR3 MBR GB . -24.20 5.04 -12.70
#